data_8FYI
#
_entry.id   8FYI
#
_cell.length_a   1.00
_cell.length_b   1.00
_cell.length_c   1.00
_cell.angle_alpha   90.00
_cell.angle_beta   90.00
_cell.angle_gamma   90.00
#
_symmetry.space_group_name_H-M   'P 1'
#
loop_
_entity.id
_entity.type
_entity.pdbx_description
1 polymer 'Envelope glycoprotein gp160'
2 polymer 'Envelope glycoprotein gp160'
3 polymer 'Envelope glycoprotein gp41'
4 polymer 'T-cell surface glycoprotein CD4'
5 branched 2-acetamido-2-deoxy-beta-D-glucopyranose-(1-4)-2-acetamido-2-deoxy-beta-D-glucopyranose
6 branched beta-D-mannopyranose-(1-4)-2-acetamido-2-deoxy-beta-D-glucopyranose
7 branched 2-acetamido-2-deoxy-beta-D-glucopyranose-(1-4)-2-acetamido-2-deoxy-beta-D-glucopyranose-(6-8)-2-acetamido-2-deoxy-beta-D-glucopyranose-(1-4)-2-acetamido-2-deoxy-beta-D-glucopyranose
8 branched beta-D-mannopyranose-(1-4)-2-acetamido-2-deoxy-beta-D-glucopyranose-(1-4)-2-acetamido-2-deoxy-beta-D-glucopyranose
9 non-polymer 2-acetamido-2-deoxy-beta-D-glucopyranose
#
loop_
_entity_poly.entity_id
_entity_poly.type
_entity_poly.pdbx_seq_one_letter_code
_entity_poly.pdbx_strand_id
1 'polypeptide(L)'
;NLWVTVYYGVPVWKDAETTLFCASDAKAYETEKHNVWATHACVPTDPNPQEIHLENVTEEFNMWKNNMVEQMHTDIISLW
DQSLKPCVKLTPLCVTLQCTNVTNNITDDMRGELKNCSFNMTTELRDKKQKVYSLFYRLDVVQINENQGNRSNNSNKEYR
LINCNTSAITQACPKVSFEPIPIHYCAPAGFAILKCKDKKFNGTGPCPSVSTVQCTHGIKPVVSTQLLLNGSLAEEEVMI
RSENITNNAKNILVQFNTPVQINCTRPNNNTRKSIRIGPGQWFYATGDIIGDIRQAHCNVSKATWNETLGKVVKQLRKHF
GNNTIIRFANSSGGDLEVTTHSFNCGGEFFYCNTSGLFNSTWISNTSVQGSNSTGSNDSITLPCRIKQIINMWQRIGQAM
YAPPIQGVIRCVSNITGLILTRDGGSTNSTTETFRPGGGDMRDNWRSELYKYKVVKIEPLGVAPTRCKRRVVGR
;
A
2 'polypeptide(L)'
;NLWVTVYYGVPVWKDAETTLFCASDAKAYETEKHNVWATHACVPTDPNPQEIHLENVTEEFNMWKNNMVEQMHTDIISLW
DQSLKPCVKLTPLCVTLQCTNVTNNITDDMRGELKNCSFNMTTELRDKKQKVYSLFYRLDVVQINENQGNRSNNSNKEYR
LINCNTSAITQACPKVSFEPIPIHYCAPAGFAILKCKDKKFNGTGPCPSVSTVQCTHGIKPVVSTQLLLNGSLAEEEVMI
RSENITNNAKNILVQFNTPVQINCTRPNNNTRKSIRIGPGQWFYATGDIIGDIRQAHCNVSKATWNETLGKVVKQLRKHF
GNNTIIRFANSSGGRLEVTTHSFNCGGEFFYCNTSGLFNSTWISNTSVQGSNSTGSNDSITLPCRIKQIINMWQRIGQAM
YAPPIQGVIRCVSNITGLILTRDGGSTNSTTETFRPGGGDMRDNWRSELYKYKVVKIEPLGVAPTRCKRRVVGR
;
B,C
3 'polypeptide(L)'
;FLGFLGAAGSTMGAASMTLTVQARNLLSLLKLTVWGIKQLQARVLAVERYLRDQQLLGIWGCSGKLICCTNVPWNSSWSN
RNLSEIWDNMTWLQWDKEISNYTQIIYGLLEESQNQQEKNEQDLLALD
;
D,E,F
4 'polypeptide(L)'
;KKVVLGKKGDTVELTCTASQKKSIQFHWKNSNQIKILGNQGSFLTKGPSKLNDRADSRRSLWDQGNFPLIIKNLKIEDSD
TYICEVEDQKEEVQLLVFGLTANSDTHLLQGQSLTLTLESPPGSSPSVQCRSPRGKNIQGGKTLSVSQLELQDSGTWTCT
VLQNQKKVEFKIDIVVLAFQKASSIVYKKEGEQVEFSFPLAFTVEKLTGSGELWWQAERASSSKSWITFDLKNKEVSVKR
VTQDPKLQMGKKLPLHLTLPQALPQYAGSGNLTLALEAKTGKLHQEVNLVVMRATQLQKNLTCEVWGPTSPKLMLSLKLE
NKEAKVSKREKAVWVLNPEAGMWQCLLSDSGQVLLESNIKVLPTWSTPVQPGSHHHHHH
;
Z
#
loop_
_chem_comp.id
_chem_comp.type
_chem_comp.name
_chem_comp.formula
BMA D-saccharide, beta linking beta-D-mannopyranose 'C6 H12 O6'
NAG D-saccharide, beta linking 2-acetamido-2-deoxy-beta-D-glucopyranose 'C8 H15 N O6'
#
# COMPACT_ATOMS: atom_id res chain seq x y z
N LEU A 2 -45.85 -22.08 14.90
CA LEU A 2 -44.95 -21.38 14.00
C LEU A 2 -43.50 -21.63 14.38
N TRP A 3 -42.71 -22.07 13.42
CA TRP A 3 -41.30 -22.37 13.63
C TRP A 3 -40.44 -21.41 12.82
N VAL A 4 -39.20 -21.24 13.28
CA VAL A 4 -38.27 -20.31 12.63
C VAL A 4 -37.74 -20.96 11.36
N THR A 5 -37.80 -20.23 10.25
CA THR A 5 -37.35 -20.70 8.96
C THR A 5 -36.25 -19.80 8.44
N VAL A 6 -35.19 -20.40 7.91
CA VAL A 6 -34.01 -19.67 7.46
C VAL A 6 -34.09 -19.49 5.95
N TYR A 7 -34.01 -18.24 5.51
CA TYR A 7 -33.98 -17.91 4.09
C TYR A 7 -32.64 -17.27 3.76
N TYR A 8 -31.93 -17.82 2.78
CA TYR A 8 -30.63 -17.30 2.37
C TYR A 8 -30.74 -16.84 0.93
N GLY A 9 -30.50 -15.55 0.70
CA GLY A 9 -30.60 -15.00 -0.64
C GLY A 9 -31.84 -14.15 -0.82
N VAL A 10 -32.18 -13.38 0.21
CA VAL A 10 -33.38 -12.55 0.17
C VAL A 10 -33.00 -11.12 -0.19
N PRO A 11 -33.86 -10.36 -0.86
CA PRO A 11 -33.51 -8.98 -1.23
C PRO A 11 -33.55 -8.04 -0.04
N VAL A 12 -32.49 -8.04 0.76
CA VAL A 12 -32.38 -7.18 1.93
C VAL A 12 -31.00 -6.52 1.91
N TRP A 13 -30.96 -5.21 2.08
CA TRP A 13 -29.72 -4.46 2.07
C TRP A 13 -29.67 -3.47 3.22
N LYS A 14 -28.45 -3.10 3.59
CA LYS A 14 -28.20 -2.07 4.59
C LYS A 14 -27.14 -1.12 4.06
N ASP A 15 -27.26 0.15 4.43
CA ASP A 15 -26.29 1.15 4.02
C ASP A 15 -24.91 0.78 4.56
N ALA A 16 -23.90 0.89 3.70
CA ALA A 16 -22.55 0.52 4.10
C ALA A 16 -21.54 1.27 3.24
N GLU A 17 -20.31 1.33 3.73
CA GLU A 17 -19.20 1.96 3.04
C GLU A 17 -18.13 0.91 2.77
N THR A 18 -17.67 0.83 1.53
CA THR A 18 -16.67 -0.15 1.14
C THR A 18 -15.76 0.44 0.07
N THR A 19 -14.86 -0.38 -0.44
CA THR A 19 -13.88 0.04 -1.43
C THR A 19 -14.41 -0.31 -2.82
N LEU A 20 -14.79 0.71 -3.58
CA LEU A 20 -15.26 0.50 -4.94
C LEU A 20 -14.11 0.69 -5.92
N PHE A 21 -13.95 -0.25 -6.85
CA PHE A 21 -12.86 -0.19 -7.81
C PHE A 21 -13.33 0.40 -9.13
N CYS A 22 -12.38 0.91 -9.89
CA CYS A 22 -12.62 1.56 -11.17
C CYS A 22 -12.80 0.53 -12.28
N ALA A 23 -13.63 0.89 -13.27
CA ALA A 23 -13.78 0.13 -14.50
C ALA A 23 -13.88 1.09 -15.68
N SER A 24 -12.73 1.47 -16.23
CA SER A 24 -12.72 2.41 -17.34
C SER A 24 -13.16 1.73 -18.62
N ASP A 25 -13.58 2.54 -19.59
CA ASP A 25 -14.03 2.04 -20.88
C ASP A 25 -12.89 1.43 -21.66
N LYS A 33 0.13 4.81 -24.33
CA LYS A 33 -1.06 5.51 -23.86
C LYS A 33 -1.15 5.47 -22.34
N HIS A 34 -0.86 6.60 -21.69
CA HIS A 34 -0.92 6.72 -20.25
C HIS A 34 -1.77 7.91 -19.85
N ASN A 35 -2.60 7.72 -18.83
CA ASN A 35 -3.42 8.79 -18.26
C ASN A 35 -3.12 8.91 -16.78
N VAL A 36 -3.25 10.13 -16.25
CA VAL A 36 -3.06 10.33 -14.82
C VAL A 36 -4.12 9.55 -14.04
N TRP A 37 -5.26 9.29 -14.67
CA TRP A 37 -6.25 8.35 -14.16
C TRP A 37 -6.02 7.02 -14.87
N ALA A 38 -5.52 6.04 -14.12
CA ALA A 38 -4.99 4.81 -14.71
C ALA A 38 -6.03 4.13 -15.59
N THR A 39 -5.60 3.74 -16.79
CA THR A 39 -6.38 2.91 -17.68
C THR A 39 -5.86 1.50 -17.80
N HIS A 40 -4.62 1.24 -17.38
CA HIS A 40 -4.04 -0.09 -17.36
C HIS A 40 -4.29 -0.84 -16.06
N ALA A 41 -5.07 -0.24 -15.16
CA ALA A 41 -5.43 -0.89 -13.90
C ALA A 41 -6.93 -1.10 -13.75
N CYS A 42 -7.75 -0.21 -14.31
CA CYS A 42 -9.19 -0.38 -14.24
C CYS A 42 -9.62 -1.60 -15.04
N VAL A 43 -10.46 -2.43 -14.43
CA VAL A 43 -10.94 -3.64 -15.09
C VAL A 43 -11.84 -3.22 -16.26
N PRO A 44 -11.82 -3.94 -17.38
CA PRO A 44 -12.71 -3.58 -18.49
C PRO A 44 -14.17 -3.62 -18.07
N THR A 45 -14.94 -2.68 -18.58
CA THR A 45 -16.36 -2.59 -18.28
C THR A 45 -17.12 -3.67 -19.06
N ASP A 46 -18.29 -4.02 -18.53
CA ASP A 46 -19.13 -5.05 -19.15
C ASP A 46 -20.20 -4.42 -20.02
N GLN A 50 -28.03 -4.52 -17.86
CA GLN A 50 -27.09 -4.19 -16.79
C GLN A 50 -27.79 -3.45 -15.67
N GLU A 51 -28.82 -2.67 -16.03
CA GLU A 51 -29.60 -1.91 -15.07
C GLU A 51 -30.92 -2.63 -14.82
N ILE A 52 -31.27 -2.82 -13.55
CA ILE A 52 -32.47 -3.55 -13.16
C ILE A 52 -33.35 -2.63 -12.34
N HIS A 53 -34.57 -2.37 -12.82
CA HIS A 53 -35.49 -1.54 -12.09
C HIS A 53 -36.03 -2.28 -10.87
N LEU A 54 -36.25 -1.53 -9.79
CA LEU A 54 -36.74 -2.07 -8.53
C LEU A 54 -38.10 -1.41 -8.26
N GLU A 55 -39.17 -2.10 -8.61
CA GLU A 55 -40.50 -1.55 -8.39
C GLU A 55 -40.90 -1.66 -6.93
N ASN A 56 -41.78 -0.75 -6.51
CA ASN A 56 -42.36 -0.75 -5.16
C ASN A 56 -41.29 -0.61 -4.08
N VAL A 57 -40.24 0.18 -4.32
CA VAL A 57 -39.20 0.41 -3.32
C VAL A 57 -38.97 1.92 -3.22
N THR A 58 -38.72 2.40 -2.00
CA THR A 58 -38.38 3.79 -1.73
C THR A 58 -37.16 3.80 -0.83
N GLU A 59 -36.03 4.26 -1.36
CA GLU A 59 -34.78 4.29 -0.61
C GLU A 59 -34.42 5.73 -0.28
N GLU A 60 -33.97 5.96 0.95
CA GLU A 60 -33.63 7.29 1.43
C GLU A 60 -32.20 7.63 1.00
N PHE A 61 -32.07 8.58 0.08
CA PHE A 61 -30.78 9.00 -0.44
C PHE A 61 -30.27 10.22 0.33
N ASN A 62 -28.98 10.51 0.13
CA ASN A 62 -28.37 11.68 0.74
C ASN A 62 -27.08 12.00 -0.03
N MET A 63 -27.09 13.10 -0.78
CA MET A 63 -25.88 13.56 -1.43
C MET A 63 -24.78 13.96 -0.45
N TRP A 64 -25.12 14.79 0.54
CA TRP A 64 -24.13 15.54 1.28
C TRP A 64 -23.44 14.72 2.36
N LYS A 65 -23.90 13.50 2.59
CA LYS A 65 -23.26 12.57 3.52
C LYS A 65 -22.90 11.27 2.83
N ASN A 66 -22.85 11.29 1.49
CA ASN A 66 -22.50 10.11 0.71
C ASN A 66 -21.00 9.87 0.81
N ASN A 67 -20.62 8.62 1.09
CA ASN A 67 -19.22 8.26 1.19
C ASN A 67 -18.54 8.16 -0.17
N MET A 68 -19.33 7.99 -1.23
CA MET A 68 -18.75 7.79 -2.56
C MET A 68 -17.96 9.01 -3.02
N VAL A 69 -18.45 10.22 -2.72
CA VAL A 69 -17.73 11.41 -3.12
C VAL A 69 -16.38 11.50 -2.41
N GLU A 70 -16.35 11.18 -1.12
CA GLU A 70 -15.09 11.20 -0.38
C GLU A 70 -14.13 10.15 -0.91
N GLN A 71 -14.64 8.96 -1.21
CA GLN A 71 -13.79 7.90 -1.73
C GLN A 71 -13.24 8.27 -3.10
N MET A 72 -14.07 8.86 -3.96
CA MET A 72 -13.58 9.29 -5.27
C MET A 72 -12.56 10.42 -5.13
N HIS A 73 -12.76 11.33 -4.17
CA HIS A 73 -11.79 12.38 -3.94
C HIS A 73 -10.45 11.79 -3.53
N THR A 74 -10.47 10.84 -2.60
CA THR A 74 -9.23 10.18 -2.19
C THR A 74 -8.58 9.44 -3.36
N ASP A 75 -9.39 8.78 -4.18
CA ASP A 75 -8.85 8.05 -5.33
C ASP A 75 -8.20 8.98 -6.33
N ILE A 76 -8.84 10.11 -6.63
CA ILE A 76 -8.26 11.04 -7.59
C ILE A 76 -6.99 11.67 -7.03
N ILE A 77 -6.99 12.00 -5.75
CA ILE A 77 -5.78 12.54 -5.13
C ILE A 77 -4.64 11.53 -5.20
N SER A 78 -4.93 10.27 -4.88
CA SER A 78 -3.89 9.24 -4.92
C SER A 78 -3.40 9.01 -6.35
N LEU A 79 -4.30 9.02 -7.32
CA LEU A 79 -3.88 8.86 -8.71
C LEU A 79 -3.00 10.02 -9.16
N TRP A 80 -3.34 11.25 -8.78
CA TRP A 80 -2.53 12.38 -9.20
C TRP A 80 -1.19 12.39 -8.50
N ASP A 81 -1.15 12.02 -7.21
CA ASP A 81 0.11 11.98 -6.47
C ASP A 81 0.94 10.75 -6.79
N GLN A 82 0.37 9.76 -7.48
CA GLN A 82 1.12 8.58 -7.90
C GLN A 82 1.68 8.70 -9.30
N SER A 83 0.94 9.36 -10.21
CA SER A 83 1.41 9.60 -11.56
C SER A 83 2.44 10.72 -11.63
N LEU A 84 2.72 11.36 -10.51
CA LEU A 84 3.69 12.44 -10.45
C LEU A 84 5.02 12.02 -9.83
N LYS A 85 5.05 10.88 -9.13
CA LYS A 85 6.30 10.44 -8.51
C LYS A 85 7.39 10.13 -9.53
N PRO A 86 7.14 9.36 -10.61
CA PRO A 86 8.25 9.04 -11.53
C PRO A 86 8.57 10.15 -12.50
N CYS A 87 8.06 11.35 -12.25
CA CYS A 87 8.28 12.49 -13.12
C CYS A 87 9.51 13.28 -12.68
N VAL A 88 9.93 14.21 -13.53
CA VAL A 88 11.11 15.01 -13.25
C VAL A 88 10.87 15.88 -12.03
N LYS A 89 11.95 16.14 -11.29
CA LYS A 89 11.92 17.05 -10.15
C LYS A 89 12.62 18.34 -10.54
N LEU A 90 11.98 19.47 -10.24
CA LEU A 90 12.44 20.78 -10.70
C LEU A 90 13.07 21.62 -9.59
N THR A 91 13.66 20.98 -8.59
CA THR A 91 14.39 21.74 -7.57
C THR A 91 15.53 22.57 -8.14
N PRO A 92 16.31 22.12 -9.13
CA PRO A 92 17.37 23.00 -9.67
C PRO A 92 16.85 24.28 -10.31
N LEU A 93 15.57 24.36 -10.66
CA LEU A 93 15.04 25.60 -11.21
C LEU A 93 15.03 26.74 -10.21
N CYS A 94 15.15 26.45 -8.91
CA CYS A 94 15.22 27.49 -7.89
C CYS A 94 16.58 28.17 -7.96
N VAL A 95 16.70 29.09 -8.92
CA VAL A 95 17.86 29.95 -9.06
C VAL A 95 17.35 31.38 -9.20
N THR A 96 18.28 32.32 -9.37
CA THR A 96 17.93 33.72 -9.58
C THR A 96 17.78 33.97 -11.07
N LEU A 97 16.59 34.42 -11.48
CA LEU A 97 16.23 34.54 -12.89
C LEU A 97 16.32 36.00 -13.29
N GLN A 98 17.31 36.34 -14.11
CA GLN A 98 17.35 37.69 -14.68
C GLN A 98 16.33 37.80 -15.80
N CYS A 99 15.34 38.64 -15.62
CA CYS A 99 14.13 38.57 -16.41
C CYS A 99 13.78 39.94 -16.98
N THR A 100 13.25 39.95 -18.20
CA THR A 100 12.82 41.17 -18.87
C THR A 100 11.45 40.94 -19.49
N ASN A 101 10.73 42.04 -19.73
CA ASN A 101 9.43 41.97 -20.36
C ASN A 101 9.56 41.58 -21.83
N VAL A 102 8.57 40.85 -22.34
CA VAL A 102 8.49 40.61 -23.78
C VAL A 102 7.74 41.76 -24.43
N THR A 103 8.16 42.13 -25.65
CA THR A 103 7.54 43.24 -26.35
C THR A 103 7.35 42.96 -27.84
N ASN A 104 7.18 41.70 -28.23
CA ASN A 104 6.96 41.37 -29.64
C ASN A 104 5.59 41.87 -30.11
N ASP A 108 -1.51 43.61 -26.78
CA ASP A 108 -1.62 44.79 -25.92
C ASP A 108 -2.19 44.41 -24.55
N ASP A 109 -3.19 43.52 -24.55
CA ASP A 109 -3.75 43.05 -23.29
C ASP A 109 -2.72 42.28 -22.48
N MET A 110 -1.93 41.44 -23.16
CA MET A 110 -0.88 40.66 -22.50
C MET A 110 0.37 41.51 -22.30
N ARG A 111 0.19 42.64 -21.61
CA ARG A 111 1.28 43.57 -21.37
C ARG A 111 1.92 43.26 -20.02
N GLY A 112 3.21 42.90 -20.06
CA GLY A 112 3.91 42.58 -18.83
C GLY A 112 3.42 41.32 -18.16
N GLU A 113 2.71 40.47 -18.88
CA GLU A 113 2.22 39.22 -18.34
C GLU A 113 3.10 38.02 -18.70
N LEU A 114 3.88 38.13 -19.77
CA LEU A 114 4.81 37.09 -20.18
C LEU A 114 6.23 37.60 -19.96
N LYS A 115 6.97 36.94 -19.08
CA LYS A 115 8.30 37.39 -18.68
C LYS A 115 9.37 36.55 -19.35
N ASN A 116 10.40 37.22 -19.87
CA ASN A 116 11.48 36.55 -20.60
C ASN A 116 12.67 36.36 -19.66
N CYS A 117 12.57 35.32 -18.83
CA CYS A 117 13.62 35.04 -17.85
C CYS A 117 14.77 34.29 -18.50
N SER A 118 15.92 34.31 -17.82
CA SER A 118 17.11 33.58 -18.26
C SER A 118 17.96 33.29 -17.03
N PHE A 119 18.37 32.03 -16.87
CA PHE A 119 19.04 31.60 -15.66
C PHE A 119 20.25 30.74 -15.99
N ASN A 120 21.02 30.41 -14.95
CA ASN A 120 22.13 29.48 -15.04
C ASN A 120 21.61 28.12 -14.65
N MET A 121 21.78 27.12 -15.52
CA MET A 121 21.31 25.78 -15.21
C MET A 121 22.37 24.74 -15.52
N THR A 122 22.40 23.70 -14.69
CA THR A 122 23.39 22.64 -14.81
C THR A 122 23.10 21.77 -16.02
N THR A 123 24.13 21.53 -16.82
CA THR A 123 24.00 20.68 -18.00
C THR A 123 24.13 19.23 -17.56
N GLU A 124 24.25 18.31 -18.52
CA GLU A 124 24.39 16.90 -18.19
C GLU A 124 25.65 16.62 -17.39
N LEU A 125 26.66 17.46 -17.51
CA LEU A 125 27.88 17.32 -16.72
C LEU A 125 27.73 18.08 -15.40
N ARG A 126 28.24 17.48 -14.33
CA ARG A 126 28.05 18.06 -13.01
C ARG A 126 28.86 19.36 -12.84
N ASP A 127 30.00 19.48 -13.52
CA ASP A 127 30.90 20.60 -13.32
C ASP A 127 30.89 21.58 -14.49
N LYS A 128 29.78 21.70 -15.19
CA LYS A 128 29.63 22.68 -16.26
C LYS A 128 28.25 23.34 -16.14
N LYS A 129 28.19 24.61 -16.53
CA LYS A 129 26.98 25.39 -16.43
C LYS A 129 26.51 25.81 -17.83
N GLN A 130 25.23 26.15 -17.92
CA GLN A 130 24.60 26.46 -19.19
C GLN A 130 23.66 27.64 -18.98
N LYS A 131 23.74 28.63 -19.88
CA LYS A 131 22.91 29.83 -19.80
C LYS A 131 21.75 29.68 -20.77
N VAL A 132 20.56 29.42 -20.24
CA VAL A 132 19.37 29.23 -21.05
C VAL A 132 18.31 30.23 -20.60
N TYR A 133 17.32 30.44 -21.47
CA TYR A 133 16.25 31.37 -21.21
C TYR A 133 14.91 30.70 -21.48
N SER A 134 13.88 31.16 -20.77
CA SER A 134 12.55 30.58 -20.90
C SER A 134 11.51 31.65 -20.55
N LEU A 135 10.38 31.60 -21.24
CA LEU A 135 9.29 32.55 -21.00
C LEU A 135 8.46 32.05 -19.84
N PHE A 136 8.44 32.80 -18.75
CA PHE A 136 7.63 32.48 -17.58
C PHE A 136 6.51 33.48 -17.46
N TYR A 137 5.32 32.99 -17.12
CA TYR A 137 4.17 33.86 -16.96
C TYR A 137 4.31 34.72 -15.70
N ARG A 138 3.63 35.87 -15.70
CA ARG A 138 3.78 36.80 -14.60
C ARG A 138 3.33 36.20 -13.27
N LEU A 139 2.28 35.39 -13.30
CA LEU A 139 1.79 34.72 -12.10
C LEU A 139 2.70 33.61 -11.61
N ASP A 140 3.88 33.47 -12.20
CA ASP A 140 4.76 32.35 -11.88
C ASP A 140 6.13 32.79 -11.39
N VAL A 141 6.42 34.08 -11.36
CA VAL A 141 7.69 34.60 -10.87
C VAL A 141 7.41 35.78 -9.95
N VAL A 142 8.06 35.78 -8.79
CA VAL A 142 7.98 36.89 -7.84
C VAL A 142 9.37 37.49 -7.72
N GLN A 143 9.46 38.81 -7.83
CA GLN A 143 10.76 39.45 -7.91
C GLN A 143 11.36 39.65 -6.52
N ILE A 144 12.69 39.73 -6.49
CA ILE A 144 13.44 39.91 -5.26
C ILE A 144 14.03 41.31 -5.30
N ASN A 145 13.61 42.17 -4.38
CA ASN A 145 14.07 43.55 -4.33
C ASN A 145 15.46 43.64 -3.71
N ASN A 156 17.48 44.76 -15.89
CA ASN A 156 16.66 43.58 -15.62
C ASN A 156 16.67 43.22 -14.15
N LYS A 157 15.49 43.14 -13.55
CA LYS A 157 15.36 42.80 -12.15
C LYS A 157 15.49 41.29 -11.96
N GLU A 158 15.86 40.90 -10.74
CA GLU A 158 16.05 39.50 -10.40
C GLU A 158 14.74 38.91 -9.90
N TYR A 159 14.42 37.72 -10.40
CA TYR A 159 13.18 37.03 -10.06
C TYR A 159 13.51 35.65 -9.48
N ARG A 160 12.46 34.90 -9.20
CA ARG A 160 12.59 33.50 -8.79
C ARG A 160 11.24 32.83 -8.99
N LEU A 161 11.25 31.50 -8.95
CA LEU A 161 10.01 30.75 -9.09
C LEU A 161 9.07 31.07 -7.94
N ILE A 162 7.77 31.11 -8.23
CA ILE A 162 6.81 31.53 -7.20
C ILE A 162 6.76 30.54 -6.05
N ASN A 163 6.70 29.25 -6.37
CA ASN A 163 6.63 28.20 -5.36
C ASN A 163 8.03 27.61 -5.15
N CYS A 164 8.91 28.46 -4.66
CA CYS A 164 10.31 28.10 -4.43
C CYS A 164 10.73 28.13 -2.98
N ASN A 165 10.04 28.88 -2.11
CA ASN A 165 10.43 28.96 -0.70
C ASN A 165 9.52 28.15 0.21
N THR A 166 8.53 27.45 -0.34
CA THR A 166 7.60 26.68 0.47
C THR A 166 7.28 25.29 -0.07
N SER A 167 7.61 24.98 -1.32
CA SER A 167 7.31 23.67 -1.87
C SER A 167 8.28 23.35 -2.99
N ALA A 168 8.43 22.06 -3.27
CA ALA A 168 9.29 21.58 -4.33
C ALA A 168 8.44 21.25 -5.56
N ILE A 169 8.79 21.84 -6.69
CA ILE A 169 8.02 21.67 -7.91
C ILE A 169 8.54 20.45 -8.66
N THR A 170 7.62 19.57 -9.05
CA THR A 170 7.96 18.42 -9.89
C THR A 170 7.20 18.57 -11.21
N GLN A 171 7.94 18.65 -12.31
CA GLN A 171 7.32 18.82 -13.61
C GLN A 171 6.43 17.63 -13.94
N ALA A 172 5.28 17.90 -14.56
CA ALA A 172 4.41 16.84 -15.03
C ALA A 172 5.01 16.24 -16.29
N CYS A 173 5.08 14.91 -16.34
CA CYS A 173 5.64 14.24 -17.50
C CYS A 173 4.81 14.56 -18.73
N PRO A 174 5.42 15.03 -19.82
CA PRO A 174 4.63 15.37 -21.01
C PRO A 174 3.96 14.18 -21.66
N LYS A 175 4.43 12.96 -21.39
CA LYS A 175 3.87 11.77 -22.01
C LYS A 175 2.60 11.27 -21.34
N VAL A 176 2.26 11.80 -20.16
CA VAL A 176 1.00 11.49 -19.51
C VAL A 176 0.04 12.65 -19.78
N SER A 177 -1.26 12.34 -19.84
CA SER A 177 -2.26 13.30 -20.23
C SER A 177 -3.26 13.51 -19.10
N PHE A 178 -3.66 14.77 -18.90
CA PHE A 178 -4.70 15.12 -17.94
C PHE A 178 -6.09 15.01 -18.54
N GLU A 179 -6.24 14.24 -19.62
CA GLU A 179 -7.52 14.10 -20.29
C GLU A 179 -8.51 13.42 -19.36
N PRO A 180 -9.66 14.04 -19.07
CA PRO A 180 -10.67 13.37 -18.24
C PRO A 180 -11.32 12.22 -19.02
N ILE A 181 -10.95 11.00 -18.68
CA ILE A 181 -11.48 9.80 -19.30
C ILE A 181 -12.53 9.22 -18.37
N PRO A 182 -13.72 8.89 -18.86
CA PRO A 182 -14.79 8.40 -17.97
C PRO A 182 -14.35 7.14 -17.24
N ILE A 183 -14.69 7.08 -15.95
CA ILE A 183 -14.42 5.92 -15.11
C ILE A 183 -15.73 5.47 -14.48
N HIS A 184 -15.95 4.16 -14.47
CA HIS A 184 -17.14 3.57 -13.87
C HIS A 184 -16.76 2.98 -12.52
N TYR A 185 -17.45 3.44 -11.47
CA TYR A 185 -17.18 2.99 -10.11
C TYR A 185 -18.08 1.80 -9.81
N CYS A 186 -17.51 0.60 -9.94
CA CYS A 186 -18.25 -0.63 -9.67
C CYS A 186 -18.11 -1.02 -8.20
N ALA A 187 -19.19 -1.52 -7.64
CA ALA A 187 -19.17 -2.04 -6.28
C ALA A 187 -18.64 -3.47 -6.27
N PRO A 188 -17.97 -3.87 -5.19
CA PRO A 188 -17.44 -5.24 -5.14
C PRO A 188 -18.53 -6.28 -5.04
N ALA A 189 -18.16 -7.56 -5.07
CA ALA A 189 -19.15 -8.61 -4.96
C ALA A 189 -19.81 -8.58 -3.59
N GLY A 190 -21.14 -8.74 -3.58
CA GLY A 190 -21.91 -8.66 -2.37
C GLY A 190 -22.47 -7.29 -2.06
N PHE A 191 -22.03 -6.27 -2.78
CA PHE A 191 -22.54 -4.91 -2.64
C PHE A 191 -23.26 -4.51 -3.92
N ALA A 192 -24.20 -3.57 -3.78
CA ALA A 192 -24.95 -3.07 -4.91
C ALA A 192 -24.97 -1.55 -4.86
N ILE A 193 -25.11 -0.94 -6.03
CA ILE A 193 -25.16 0.51 -6.16
C ILE A 193 -26.56 0.89 -6.61
N LEU A 194 -27.28 1.59 -5.74
CA LEU A 194 -28.63 2.01 -6.06
C LEU A 194 -28.61 3.37 -6.76
N LYS A 195 -29.32 3.46 -7.88
CA LYS A 195 -29.32 4.65 -8.72
C LYS A 195 -30.73 5.23 -8.73
N CYS A 196 -30.89 6.42 -8.14
CA CYS A 196 -32.20 7.05 -8.03
C CYS A 196 -32.55 7.72 -9.36
N LYS A 197 -33.59 7.23 -10.02
CA LYS A 197 -34.00 7.73 -11.32
C LYS A 197 -35.10 8.78 -11.22
N ASP A 198 -35.44 9.23 -10.01
CA ASP A 198 -36.44 10.28 -9.86
C ASP A 198 -35.94 11.55 -10.52
N LYS A 199 -36.63 11.99 -11.57
CA LYS A 199 -36.17 13.13 -12.36
C LYS A 199 -36.34 14.46 -11.65
N LYS A 200 -37.02 14.50 -10.51
CA LYS A 200 -37.12 15.70 -9.68
C LYS A 200 -36.46 15.46 -8.33
N PHE A 201 -35.30 14.81 -8.34
CA PHE A 201 -34.57 14.47 -7.13
C PHE A 201 -33.67 15.64 -6.74
N ASN A 202 -33.90 16.19 -5.56
CA ASN A 202 -33.16 17.37 -5.10
C ASN A 202 -31.96 17.01 -4.25
N GLY A 203 -31.69 15.71 -4.05
CA GLY A 203 -30.49 15.26 -3.38
C GLY A 203 -30.70 14.70 -2.00
N THR A 204 -31.83 14.98 -1.36
CA THR A 204 -32.08 14.48 -0.01
C THR A 204 -33.55 14.09 0.11
N GLY A 205 -33.78 12.96 0.76
CA GLY A 205 -35.13 12.49 0.98
C GLY A 205 -35.40 11.18 0.27
N PRO A 206 -36.64 10.68 0.38
CA PRO A 206 -36.97 9.39 -0.23
C PRO A 206 -37.05 9.51 -1.76
N CYS A 207 -36.48 8.52 -2.44
CA CYS A 207 -36.56 8.45 -3.89
C CYS A 207 -37.55 7.37 -4.27
N PRO A 208 -38.66 7.69 -4.93
CA PRO A 208 -39.70 6.69 -5.23
C PRO A 208 -39.42 5.81 -6.43
N SER A 209 -38.27 5.95 -7.09
CA SER A 209 -37.91 5.12 -8.24
C SER A 209 -36.41 4.83 -8.15
N VAL A 210 -36.07 3.69 -7.54
CA VAL A 210 -34.68 3.31 -7.30
C VAL A 210 -34.36 2.13 -8.21
N SER A 211 -33.19 2.19 -8.85
CA SER A 211 -32.73 1.13 -9.73
C SER A 211 -31.34 0.69 -9.30
N THR A 212 -31.02 -0.56 -9.59
CA THR A 212 -29.74 -1.16 -9.22
C THR A 212 -28.86 -1.26 -10.46
N VAL A 213 -27.62 -0.80 -10.34
CA VAL A 213 -26.66 -0.86 -11.43
C VAL A 213 -25.38 -1.52 -10.95
N GLN A 214 -24.77 -2.31 -11.82
CA GLN A 214 -23.50 -2.95 -11.48
C GLN A 214 -22.41 -1.91 -11.28
N CYS A 215 -22.37 -0.90 -12.15
CA CYS A 215 -21.38 0.17 -12.07
C CYS A 215 -22.05 1.50 -12.38
N THR A 216 -21.44 2.58 -11.87
CA THR A 216 -21.92 3.91 -12.17
C THR A 216 -21.66 4.25 -13.63
N HIS A 217 -22.33 5.29 -14.11
CA HIS A 217 -22.14 5.73 -15.48
C HIS A 217 -20.74 6.31 -15.67
N GLY A 218 -20.45 6.73 -16.89
CA GLY A 218 -19.19 7.38 -17.16
C GLY A 218 -19.04 8.69 -16.43
N ILE A 219 -18.12 8.75 -15.48
CA ILE A 219 -17.92 9.95 -14.67
C ILE A 219 -16.61 10.62 -15.07
N LYS A 220 -16.71 11.63 -15.93
CA LYS A 220 -15.53 12.37 -16.35
C LYS A 220 -14.99 13.18 -15.18
N PRO A 221 -13.84 12.81 -14.63
CA PRO A 221 -13.32 13.51 -13.44
C PRO A 221 -12.69 14.85 -13.78
N VAL A 222 -13.52 15.77 -14.23
CA VAL A 222 -13.07 17.11 -14.60
C VAL A 222 -12.76 17.90 -13.35
N VAL A 223 -11.73 18.73 -13.41
CA VAL A 223 -11.35 19.60 -12.31
C VAL A 223 -11.68 21.02 -12.74
N SER A 224 -12.61 21.65 -12.03
CA SER A 224 -13.05 22.99 -12.38
C SER A 224 -13.67 23.65 -11.16
N THR A 225 -13.72 24.99 -11.20
CA THR A 225 -14.33 25.78 -10.15
C THR A 225 -15.23 26.83 -10.79
N GLN A 226 -16.30 27.19 -10.07
CA GLN A 226 -17.24 28.23 -10.45
C GLN A 226 -18.14 27.82 -11.61
N LEU A 227 -17.82 26.71 -12.26
CA LEU A 227 -18.55 26.29 -13.45
C LEU A 227 -18.32 24.79 -13.62
N LEU A 228 -19.33 23.98 -13.33
CA LEU A 228 -19.21 22.55 -13.57
C LEU A 228 -19.18 22.31 -15.06
N LEU A 229 -18.16 21.59 -15.52
CA LEU A 229 -17.98 21.30 -16.93
C LEU A 229 -18.19 19.81 -17.18
N ASN A 230 -18.76 19.50 -18.35
CA ASN A 230 -18.68 18.16 -18.92
C ASN A 230 -19.49 17.15 -18.11
N GLY A 231 -20.31 17.65 -17.20
CA GLY A 231 -21.14 16.82 -16.36
C GLY A 231 -22.34 16.25 -17.10
N SER A 232 -23.16 15.52 -16.36
CA SER A 232 -24.37 14.92 -16.90
C SER A 232 -25.52 15.90 -16.73
N LEU A 233 -26.15 16.28 -17.83
CA LEU A 233 -27.28 17.20 -17.78
C LEU A 233 -28.46 16.56 -17.07
N ALA A 234 -29.19 17.38 -16.31
CA ALA A 234 -30.41 16.92 -15.68
C ALA A 234 -31.59 17.08 -16.63
N GLU A 235 -32.55 16.18 -16.49
CA GLU A 235 -33.77 16.26 -17.29
C GLU A 235 -34.74 17.22 -16.60
N GLU A 236 -35.95 17.33 -17.14
CA GLU A 236 -36.99 18.23 -16.62
C GLU A 236 -36.44 19.65 -16.66
N GLU A 237 -36.20 20.32 -15.53
CA GLU A 237 -35.70 21.68 -15.51
C GLU A 237 -34.34 21.72 -14.83
N VAL A 238 -33.83 22.93 -14.64
CA VAL A 238 -32.52 23.14 -14.02
C VAL A 238 -32.66 22.86 -12.53
N MET A 239 -32.12 21.73 -12.09
CA MET A 239 -32.25 21.33 -10.69
C MET A 239 -31.24 22.04 -9.82
N ILE A 240 -31.69 22.55 -8.68
CA ILE A 240 -30.85 23.23 -7.72
C ILE A 240 -30.83 22.40 -6.44
N ARG A 241 -29.63 22.00 -6.01
CA ARG A 241 -29.46 21.13 -4.86
C ARG A 241 -28.48 21.78 -3.89
N SER A 242 -28.88 21.89 -2.62
CA SER A 242 -28.03 22.45 -1.59
C SER A 242 -28.13 21.61 -0.32
N GLU A 243 -27.07 21.62 0.47
CA GLU A 243 -27.09 20.90 1.75
C GLU A 243 -28.10 21.52 2.71
N ASN A 244 -28.15 22.85 2.74
CA ASN A 244 -29.11 23.58 3.57
C ASN A 244 -29.34 24.92 2.87
N ILE A 245 -30.45 25.01 2.13
CA ILE A 245 -30.65 26.15 1.24
C ILE A 245 -30.78 27.44 2.04
N THR A 246 -31.29 27.37 3.26
CA THR A 246 -31.43 28.58 4.08
C THR A 246 -30.08 29.06 4.58
N ASN A 247 -29.14 28.14 4.81
CA ASN A 247 -27.81 28.52 5.26
C ASN A 247 -27.06 29.25 4.15
N ASN A 248 -26.34 30.31 4.54
CA ASN A 248 -25.56 31.09 3.58
C ASN A 248 -24.10 30.64 3.53
N ALA A 249 -23.82 29.40 3.96
CA ALA A 249 -22.45 28.90 3.89
C ALA A 249 -22.37 27.54 3.18
N LYS A 250 -23.40 27.15 2.44
CA LYS A 250 -23.43 25.88 1.73
C LYS A 250 -23.44 26.12 0.24
N ASN A 251 -22.58 25.42 -0.49
CA ASN A 251 -22.52 25.57 -1.93
C ASN A 251 -23.84 25.14 -2.56
N ILE A 252 -24.44 26.03 -3.35
CA ILE A 252 -25.72 25.77 -3.97
C ILE A 252 -25.49 25.17 -5.35
N LEU A 253 -25.24 23.86 -5.41
CA LEU A 253 -24.93 23.20 -6.67
C LEU A 253 -26.10 23.30 -7.64
N VAL A 254 -25.85 23.92 -8.78
CA VAL A 254 -26.85 24.07 -9.83
C VAL A 254 -26.45 23.16 -10.98
N GLN A 255 -27.45 22.49 -11.57
CA GLN A 255 -27.22 21.59 -12.70
C GLN A 255 -28.15 21.97 -13.83
N PHE A 256 -27.59 22.24 -15.00
CA PHE A 256 -28.36 22.70 -16.15
C PHE A 256 -29.06 21.53 -16.83
N ASN A 257 -29.96 21.87 -17.75
CA ASN A 257 -30.56 20.90 -18.66
C ASN A 257 -30.15 21.13 -20.10
N THR A 258 -30.04 22.38 -20.53
CA THR A 258 -29.52 22.72 -21.85
C THR A 258 -28.11 23.25 -21.68
N PRO A 259 -27.08 22.52 -22.13
CA PRO A 259 -25.71 22.98 -21.87
C PRO A 259 -25.40 24.24 -22.67
N VAL A 260 -24.68 25.16 -22.03
CA VAL A 260 -24.18 26.36 -22.70
C VAL A 260 -22.73 26.11 -23.08
N GLN A 261 -22.45 26.13 -24.38
CA GLN A 261 -21.11 25.82 -24.85
C GLN A 261 -20.15 26.94 -24.51
N ILE A 262 -18.92 26.57 -24.15
CA ILE A 262 -17.85 27.51 -23.86
C ILE A 262 -16.69 27.19 -24.77
N ASN A 263 -16.10 28.22 -25.37
CA ASN A 263 -15.00 28.05 -26.31
C ASN A 263 -13.77 28.76 -25.76
N CYS A 264 -12.82 27.98 -25.27
CA CYS A 264 -11.63 28.50 -24.62
C CYS A 264 -10.41 28.15 -25.45
N THR A 265 -9.54 29.14 -25.66
CA THR A 265 -8.38 28.93 -26.52
C THR A 265 -7.26 29.87 -26.09
N ARG A 266 -6.04 29.51 -26.50
CA ARG A 266 -4.86 30.34 -26.26
C ARG A 266 -4.26 30.73 -27.61
N PRO A 267 -4.42 31.97 -28.05
CA PRO A 267 -4.00 32.34 -29.41
C PRO A 267 -2.50 32.23 -29.65
N ASN A 268 -1.68 32.24 -28.61
CA ASN A 268 -0.24 32.21 -28.79
C ASN A 268 0.18 30.91 -29.48
N ASN A 269 1.05 31.04 -30.49
CA ASN A 269 1.64 29.86 -31.12
C ASN A 269 2.91 29.51 -30.33
N ASN A 270 2.70 28.89 -29.18
CA ASN A 270 3.79 28.52 -28.31
C ASN A 270 4.62 27.40 -28.94
N THR A 271 5.89 27.34 -28.58
CA THR A 271 6.75 26.22 -28.95
C THR A 271 7.52 25.77 -27.71
N ARG A 272 7.74 24.48 -27.59
CA ARG A 272 8.40 23.90 -26.43
C ARG A 272 9.88 23.71 -26.70
N LYS A 273 10.70 24.20 -25.77
CA LYS A 273 12.15 24.05 -25.85
C LYS A 273 12.61 23.20 -24.70
N SER A 274 13.45 22.20 -24.98
CA SER A 274 13.89 21.24 -23.98
C SER A 274 15.23 21.65 -23.41
N ILE A 275 15.32 21.66 -22.09
CA ILE A 275 16.55 21.97 -21.38
C ILE A 275 16.97 20.75 -20.57
N ARG A 276 18.25 20.42 -20.64
CA ARG A 276 18.81 19.30 -19.90
C ARG A 276 19.31 19.79 -18.54
N ILE A 277 18.52 19.50 -17.51
CA ILE A 277 18.82 19.95 -16.16
C ILE A 277 19.54 18.85 -15.39
N GLY A 278 19.78 17.72 -16.05
CA GLY A 278 20.48 16.62 -15.43
C GLY A 278 20.62 15.44 -16.37
N PRO A 279 21.39 14.43 -15.98
CA PRO A 279 21.55 13.26 -16.83
C PRO A 279 20.24 12.49 -17.00
N GLY A 280 19.69 12.52 -18.21
CA GLY A 280 18.43 11.87 -18.48
C GLY A 280 17.22 12.59 -17.94
N GLN A 281 17.39 13.79 -17.38
CA GLN A 281 16.30 14.59 -16.83
C GLN A 281 16.15 15.84 -17.68
N TRP A 282 15.04 15.94 -18.39
CA TRP A 282 14.76 17.10 -19.23
C TRP A 282 13.85 18.07 -18.49
N PHE A 283 13.74 19.27 -19.05
CA PHE A 283 12.89 20.33 -18.50
C PHE A 283 12.37 21.13 -19.67
N TYR A 284 11.12 20.89 -20.04
CA TYR A 284 10.53 21.53 -21.20
C TYR A 284 10.07 22.93 -20.83
N ALA A 285 10.65 23.94 -21.46
CA ALA A 285 10.42 25.33 -21.09
C ALA A 285 9.96 26.12 -22.30
N THR A 286 9.10 27.11 -22.05
CA THR A 286 8.58 27.96 -23.11
C THR A 286 9.72 28.63 -23.85
N GLY A 287 9.68 28.59 -25.18
CA GLY A 287 10.73 29.14 -26.00
C GLY A 287 10.40 30.51 -26.53
N ASP A 288 10.05 30.58 -27.81
CA ASP A 288 9.67 31.82 -28.46
C ASP A 288 8.23 31.72 -28.92
N ILE A 289 7.46 32.80 -28.73
CA ILE A 289 6.08 32.84 -29.16
C ILE A 289 6.08 33.27 -30.63
N ILE A 290 5.83 32.32 -31.53
CA ILE A 290 5.76 32.64 -32.95
C ILE A 290 4.48 33.43 -33.22
N GLY A 291 4.64 34.56 -33.90
CA GLY A 291 3.50 35.40 -34.20
C GLY A 291 3.19 36.37 -33.07
N ASP A 292 1.97 36.91 -33.14
CA ASP A 292 1.55 37.92 -32.18
C ASP A 292 1.31 37.33 -30.80
N ILE A 293 1.39 38.18 -29.78
CA ILE A 293 1.05 37.82 -28.42
C ILE A 293 -0.37 38.27 -28.16
N ARG A 294 -1.24 37.34 -27.78
CA ARG A 294 -2.64 37.65 -27.52
C ARG A 294 -3.11 36.92 -26.27
N GLN A 295 -4.15 37.47 -25.65
CA GLN A 295 -4.66 36.97 -24.38
C GLN A 295 -5.50 35.72 -24.60
N ALA A 296 -5.43 34.81 -23.63
CA ALA A 296 -6.29 33.63 -23.64
C ALA A 296 -7.69 34.02 -23.17
N HIS A 297 -8.70 33.61 -23.92
CA HIS A 297 -10.07 34.03 -23.64
C HIS A 297 -11.02 32.85 -23.80
N CYS A 298 -12.26 33.06 -23.36
CA CYS A 298 -13.34 32.09 -23.51
C CYS A 298 -14.58 32.79 -24.02
N ASN A 299 -15.31 32.13 -24.90
CA ASN A 299 -16.50 32.69 -25.52
C ASN A 299 -17.72 31.88 -25.10
N VAL A 300 -18.77 32.58 -24.66
CA VAL A 300 -20.04 31.98 -24.29
C VAL A 300 -21.15 32.74 -24.99
N SER A 301 -22.10 32.02 -25.59
CA SER A 301 -23.20 32.66 -26.28
C SER A 301 -23.99 33.54 -25.32
N LYS A 302 -24.07 34.83 -25.62
CA LYS A 302 -24.72 35.76 -24.71
C LYS A 302 -26.21 35.46 -24.59
N ALA A 303 -26.88 35.19 -25.71
CA ALA A 303 -28.31 34.88 -25.66
C ALA A 303 -28.58 33.57 -24.94
N THR A 304 -27.80 32.53 -25.25
CA THR A 304 -27.99 31.24 -24.61
C THR A 304 -27.68 31.33 -23.11
N TRP A 305 -26.62 32.05 -22.74
CA TRP A 305 -26.33 32.21 -21.32
C TRP A 305 -27.40 33.01 -20.61
N ASN A 306 -27.94 34.04 -21.26
CA ASN A 306 -29.03 34.81 -20.64
C ASN A 306 -30.25 33.94 -20.42
N GLU A 307 -30.60 33.10 -21.40
CA GLU A 307 -31.71 32.19 -21.23
C GLU A 307 -31.47 31.19 -20.10
N THR A 308 -30.25 30.65 -20.03
CA THR A 308 -29.95 29.69 -18.97
C THR A 308 -30.00 30.33 -17.60
N LEU A 309 -29.47 31.55 -17.47
CA LEU A 309 -29.56 32.26 -16.20
C LEU A 309 -31.01 32.58 -15.85
N GLY A 310 -31.84 32.89 -16.85
CA GLY A 310 -33.25 33.08 -16.58
C GLY A 310 -33.92 31.83 -16.06
N LYS A 311 -33.58 30.68 -16.64
CA LYS A 311 -34.13 29.42 -16.14
C LYS A 311 -33.66 29.14 -14.71
N VAL A 312 -32.38 29.42 -14.42
CA VAL A 312 -31.86 29.22 -13.08
C VAL A 312 -32.58 30.14 -12.10
N VAL A 313 -32.84 31.39 -12.50
CA VAL A 313 -33.57 32.31 -11.64
C VAL A 313 -34.99 31.83 -11.40
N LYS A 314 -35.65 31.34 -12.45
CA LYS A 314 -37.02 30.85 -12.29
C LYS A 314 -37.08 29.68 -11.33
N GLN A 315 -36.14 28.74 -11.44
CA GLN A 315 -36.14 27.59 -10.56
C GLN A 315 -35.61 27.93 -9.17
N LEU A 316 -34.85 29.02 -9.02
CA LEU A 316 -34.31 29.43 -7.74
C LEU A 316 -35.27 30.27 -6.93
N ARG A 317 -36.22 30.93 -7.60
CA ARG A 317 -37.21 31.72 -6.88
C ARG A 317 -38.12 30.86 -6.02
N LYS A 318 -38.19 29.55 -6.28
CA LYS A 318 -39.04 28.67 -5.51
C LYS A 318 -38.58 28.53 -4.07
N HIS A 319 -37.28 28.66 -3.80
CA HIS A 319 -36.75 28.48 -2.46
C HIS A 319 -36.62 29.79 -1.68
N PHE A 320 -36.74 30.94 -2.35
CA PHE A 320 -36.58 32.22 -1.68
C PHE A 320 -37.74 33.17 -1.87
N GLY A 321 -38.81 32.75 -2.54
CA GLY A 321 -39.94 33.61 -2.79
C GLY A 321 -39.96 34.14 -4.21
N ASN A 322 -41.16 34.51 -4.66
CA ASN A 322 -41.34 34.98 -6.03
C ASN A 322 -41.02 36.45 -6.20
N ASN A 323 -41.17 37.25 -5.15
CA ASN A 323 -40.94 38.69 -5.23
C ASN A 323 -39.51 39.10 -4.87
N THR A 324 -38.69 38.17 -4.40
CA THR A 324 -37.33 38.49 -4.01
C THR A 324 -36.46 38.72 -5.24
N ILE A 325 -35.67 39.78 -5.21
CA ILE A 325 -34.79 40.10 -6.32
C ILE A 325 -33.60 39.15 -6.32
N ILE A 326 -33.46 38.35 -7.37
CA ILE A 326 -32.34 37.45 -7.52
C ILE A 326 -31.25 38.19 -8.29
N ARG A 327 -30.09 38.35 -7.65
CA ARG A 327 -28.99 39.10 -8.23
C ARG A 327 -27.75 38.22 -8.31
N PHE A 328 -27.00 38.35 -9.40
CA PHE A 328 -25.75 37.63 -9.58
C PHE A 328 -24.59 38.61 -9.58
N ALA A 329 -23.60 38.36 -8.73
CA ALA A 329 -22.39 39.15 -8.67
C ALA A 329 -21.18 38.25 -8.79
N ASN A 330 -20.07 38.83 -9.23
CA ASN A 330 -18.86 38.06 -9.47
C ASN A 330 -18.27 37.58 -8.13
N SER A 331 -17.23 36.77 -8.22
CA SER A 331 -16.64 36.17 -7.02
C SER A 331 -16.12 37.26 -6.09
N SER A 332 -16.29 37.04 -4.79
CA SER A 332 -15.94 38.04 -3.81
C SER A 332 -14.43 38.21 -3.64
N GLY A 333 -13.67 37.12 -3.74
CA GLY A 333 -12.23 37.22 -3.62
C GLY A 333 -11.59 36.02 -2.96
N GLY A 334 -10.26 36.00 -2.92
CA GLY A 334 -9.55 34.89 -2.31
C GLY A 334 -8.45 34.35 -3.19
N ASP A 335 -8.16 33.05 -3.08
CA ASP A 335 -7.16 32.44 -3.93
C ASP A 335 -7.63 32.41 -5.38
N LEU A 336 -6.66 32.39 -6.29
CA LEU A 336 -6.95 32.53 -7.71
C LEU A 336 -7.82 31.38 -8.24
N GLU A 337 -7.74 30.22 -7.59
CA GLU A 337 -8.51 29.06 -8.05
C GLU A 337 -9.98 29.13 -7.66
N VAL A 338 -10.33 30.00 -6.71
CA VAL A 338 -11.72 30.17 -6.30
C VAL A 338 -12.31 31.40 -6.97
N THR A 339 -11.54 32.48 -7.02
CA THR A 339 -12.02 33.74 -7.56
C THR A 339 -12.08 33.75 -9.08
N THR A 340 -11.55 32.74 -9.74
CA THR A 340 -11.60 32.66 -11.19
C THR A 340 -11.91 31.23 -11.61
N HIS A 341 -12.61 31.11 -12.73
CA HIS A 341 -13.00 29.80 -13.27
C HIS A 341 -11.76 29.11 -13.80
N SER A 342 -11.21 28.17 -13.02
CA SER A 342 -10.00 27.48 -13.38
C SER A 342 -10.32 26.10 -13.93
N PHE A 343 -9.58 25.69 -14.96
CA PHE A 343 -9.80 24.37 -15.56
C PHE A 343 -8.58 23.98 -16.36
N ASN A 344 -8.59 22.73 -16.81
CA ASN A 344 -7.53 22.15 -17.64
C ASN A 344 -8.07 21.97 -19.05
N CYS A 345 -7.51 22.71 -20.00
CA CYS A 345 -7.95 22.65 -21.39
C CYS A 345 -6.78 22.11 -22.21
N GLY A 346 -6.70 20.80 -22.33
CA GLY A 346 -5.70 20.17 -23.17
C GLY A 346 -4.29 20.17 -22.61
N GLY A 347 -4.11 20.58 -21.35
CA GLY A 347 -2.80 20.60 -20.71
C GLY A 347 -2.46 21.90 -20.02
N GLU A 348 -2.89 23.03 -20.60
CA GLU A 348 -2.63 24.33 -20.00
C GLU A 348 -3.75 24.68 -19.04
N PHE A 349 -3.36 25.19 -17.86
CA PHE A 349 -4.31 25.46 -16.79
C PHE A 349 -4.77 26.92 -16.89
N PHE A 350 -6.00 27.12 -17.35
CA PHE A 350 -6.56 28.45 -17.47
C PHE A 350 -7.03 28.97 -16.12
N TYR A 351 -7.20 30.28 -16.04
CA TYR A 351 -7.82 30.93 -14.87
C TYR A 351 -8.65 32.09 -15.42
N CYS A 352 -9.91 31.82 -15.69
CA CYS A 352 -10.77 32.76 -16.41
C CYS A 352 -11.56 33.63 -15.44
N ASN A 353 -11.48 34.93 -15.64
CA ASN A 353 -12.15 35.93 -14.81
C ASN A 353 -13.60 36.02 -15.29
N THR A 354 -14.50 35.36 -14.56
CA THR A 354 -15.89 35.25 -14.96
C THR A 354 -16.75 36.42 -14.50
N SER A 355 -16.13 37.57 -14.24
CA SER A 355 -16.90 38.73 -13.79
C SER A 355 -17.92 39.18 -14.82
N GLY A 356 -17.68 38.91 -16.11
CA GLY A 356 -18.63 39.28 -17.14
C GLY A 356 -19.80 38.34 -17.28
N LEU A 357 -19.74 37.18 -16.64
CA LEU A 357 -20.82 36.20 -16.72
C LEU A 357 -21.85 36.41 -15.63
N PHE A 358 -21.42 36.38 -14.37
CA PHE A 358 -22.30 36.58 -13.22
C PHE A 358 -22.37 38.07 -12.89
N ASN A 359 -23.09 38.80 -13.74
CA ASN A 359 -23.27 40.24 -13.52
C ASN A 359 -24.64 40.61 -14.10
N SER A 360 -25.65 40.58 -13.23
CA SER A 360 -27.02 40.83 -13.66
C SER A 360 -27.86 41.13 -12.43
N THR A 361 -29.14 41.42 -12.68
CA THR A 361 -30.12 41.65 -11.62
C THR A 361 -31.48 41.29 -12.17
N TRP A 362 -32.11 40.28 -11.60
CA TRP A 362 -33.40 39.76 -12.08
C TRP A 362 -34.48 40.16 -11.09
N ILE A 363 -35.48 40.87 -11.57
CA ILE A 363 -36.62 41.27 -10.76
C ILE A 363 -37.87 40.59 -11.29
N SER A 364 -38.89 40.53 -10.44
CA SER A 364 -40.14 39.87 -10.80
C SER A 364 -40.84 40.59 -11.95
N ASN A 377 -26.17 35.90 -30.98
CA ASN A 377 -25.09 36.14 -31.91
C ASN A 377 -23.86 36.69 -31.20
N ASP A 378 -24.07 37.73 -30.38
CA ASP A 378 -22.98 38.31 -29.61
C ASP A 378 -22.45 37.31 -28.60
N SER A 379 -21.15 37.39 -28.34
CA SER A 379 -20.47 36.45 -27.44
C SER A 379 -19.81 37.21 -26.31
N ILE A 380 -19.90 36.66 -25.11
CA ILE A 380 -19.21 37.19 -23.94
C ILE A 380 -17.79 36.64 -23.93
N THR A 381 -16.81 37.53 -23.86
CA THR A 381 -15.41 37.14 -23.84
C THR A 381 -14.85 37.29 -22.44
N LEU A 382 -14.21 36.24 -21.94
CA LEU A 382 -13.66 36.21 -20.59
C LEU A 382 -12.15 36.29 -20.65
N PRO A 383 -11.52 37.32 -20.13
CA PRO A 383 -10.05 37.37 -20.17
C PRO A 383 -9.43 36.39 -19.19
N CYS A 384 -8.89 35.30 -19.70
CA CYS A 384 -8.28 34.26 -18.87
C CYS A 384 -6.79 34.51 -18.70
N ARG A 385 -6.22 33.88 -17.68
CA ARG A 385 -4.78 33.93 -17.43
C ARG A 385 -4.28 32.51 -17.27
N ILE A 386 -3.07 32.26 -17.76
CA ILE A 386 -2.50 30.92 -17.79
C ILE A 386 -1.34 30.85 -16.80
N LYS A 387 -1.35 29.83 -15.96
CA LYS A 387 -0.28 29.58 -15.01
C LYS A 387 0.40 28.26 -15.33
N GLN A 388 1.72 28.22 -15.12
CA GLN A 388 2.47 26.99 -15.33
C GLN A 388 2.79 26.29 -14.01
N ILE A 389 3.39 27.01 -13.07
CA ILE A 389 3.67 26.46 -11.74
C ILE A 389 2.39 26.67 -10.92
N ILE A 390 1.46 25.75 -11.05
CA ILE A 390 0.21 25.83 -10.30
C ILE A 390 0.35 25.10 -8.99
N ASN A 391 -0.48 25.48 -8.03
CA ASN A 391 -0.53 24.82 -6.73
C ASN A 391 -1.63 23.76 -6.77
N MET A 392 -1.24 22.51 -6.52
CA MET A 392 -2.19 21.41 -6.58
C MET A 392 -3.27 21.57 -5.52
N TRP A 393 -4.47 21.07 -5.82
CA TRP A 393 -5.60 21.17 -4.90
C TRP A 393 -5.51 20.01 -3.90
N GLN A 394 -4.33 19.85 -3.31
CA GLN A 394 -4.13 18.85 -2.26
C GLN A 394 -3.55 19.50 -1.02
N GLN A 398 2.76 21.26 -1.92
CA GLN A 398 3.36 20.66 -3.10
C GLN A 398 2.76 21.25 -4.37
N ALA A 399 3.60 21.54 -5.35
CA ALA A 399 3.17 22.14 -6.61
C ALA A 399 3.71 21.33 -7.77
N MET A 400 3.01 21.37 -8.90
CA MET A 400 3.40 20.65 -10.10
C MET A 400 3.46 21.62 -11.27
N TYR A 401 4.50 21.50 -12.08
CA TYR A 401 4.74 22.40 -13.21
C TYR A 401 4.23 21.77 -14.49
N ALA A 402 3.21 22.38 -15.09
CA ALA A 402 2.67 21.88 -16.34
C ALA A 402 3.56 22.34 -17.49
N PRO A 403 4.18 21.42 -18.24
CA PRO A 403 5.07 21.84 -19.31
C PRO A 403 4.28 22.52 -20.41
N PRO A 404 4.90 23.43 -21.15
CA PRO A 404 4.18 24.11 -22.23
C PRO A 404 3.72 23.13 -23.29
N ILE A 405 2.56 23.42 -23.86
CA ILE A 405 1.96 22.60 -24.91
C ILE A 405 2.33 23.18 -26.25
N GLN A 406 2.91 22.36 -27.12
CA GLN A 406 3.35 22.81 -28.43
C GLN A 406 2.13 23.19 -29.27
N GLY A 407 2.20 24.36 -29.91
CA GLY A 407 1.15 24.80 -30.79
C GLY A 407 0.11 25.64 -30.09
N VAL A 408 -1.05 25.75 -30.74
CA VAL A 408 -2.17 26.55 -30.26
C VAL A 408 -3.23 25.63 -29.69
N ILE A 409 -3.72 25.96 -28.50
CA ILE A 409 -4.70 25.15 -27.79
C ILE A 409 -6.09 25.73 -28.01
N ARG A 410 -7.04 24.87 -28.39
CA ARG A 410 -8.44 25.23 -28.49
C ARG A 410 -9.26 24.06 -27.99
N CYS A 411 -10.27 24.34 -27.15
CA CYS A 411 -11.14 23.29 -26.66
C CYS A 411 -12.54 23.85 -26.45
N VAL A 412 -13.55 23.03 -26.75
CA VAL A 412 -14.94 23.37 -26.57
C VAL A 412 -15.53 22.44 -25.53
N SER A 413 -16.22 22.99 -24.54
CA SER A 413 -16.74 22.21 -23.44
C SER A 413 -18.18 22.60 -23.16
N ASN A 414 -18.88 21.72 -22.45
CA ASN A 414 -20.24 21.95 -22.00
C ASN A 414 -20.22 22.49 -20.59
N ILE A 415 -20.89 23.62 -20.36
CA ILE A 415 -21.11 24.11 -19.01
C ILE A 415 -22.42 23.47 -18.53
N THR A 416 -22.30 22.40 -17.73
CA THR A 416 -23.46 21.65 -17.28
C THR A 416 -23.87 22.00 -15.86
N GLY A 417 -23.32 23.06 -15.29
CA GLY A 417 -23.72 23.46 -13.96
C GLY A 417 -22.83 24.50 -13.32
N LEU A 418 -23.35 25.17 -12.31
CA LEU A 418 -22.64 26.18 -11.56
C LEU A 418 -22.44 25.71 -10.12
N ILE A 419 -21.65 26.47 -9.38
CA ILE A 419 -21.52 26.31 -7.93
C ILE A 419 -21.67 27.69 -7.33
N LEU A 420 -22.89 28.05 -6.95
CA LEU A 420 -23.17 29.36 -6.38
C LEU A 420 -23.13 29.29 -4.85
N THR A 421 -22.66 30.37 -4.25
CA THR A 421 -22.71 30.53 -2.80
C THR A 421 -23.47 31.81 -2.49
N ARG A 422 -24.55 31.68 -1.73
CA ARG A 422 -25.40 32.82 -1.41
C ARG A 422 -24.69 33.76 -0.44
N ASP A 423 -25.04 35.03 -0.52
CA ASP A 423 -24.54 36.02 0.42
C ASP A 423 -25.55 36.21 1.54
N GLY A 424 -25.10 36.05 2.78
CA GLY A 424 -25.96 36.17 3.93
C GLY A 424 -26.68 37.50 4.01
N GLY A 425 -27.99 37.46 4.25
CA GLY A 425 -28.79 38.66 4.31
C GLY A 425 -28.92 39.19 5.72
N SER A 426 -29.47 40.40 5.81
CA SER A 426 -29.78 41.04 7.08
C SER A 426 -31.22 40.78 7.52
N THR A 427 -31.94 39.90 6.81
CA THR A 427 -33.31 39.48 7.06
C THR A 427 -34.32 40.59 6.78
N ASN A 428 -33.86 41.79 6.39
CA ASN A 428 -34.76 42.90 6.09
C ASN A 428 -34.68 43.35 4.65
N SER A 429 -33.90 42.70 3.81
CA SER A 429 -33.73 43.09 2.42
C SER A 429 -34.31 42.02 1.50
N THR A 430 -34.91 42.47 0.40
CA THR A 430 -35.57 41.59 -0.56
C THR A 430 -34.66 41.24 -1.74
N THR A 431 -33.36 41.17 -1.51
CA THR A 431 -32.41 40.80 -2.56
C THR A 431 -31.55 39.65 -2.08
N GLU A 432 -31.18 38.77 -3.01
CA GLU A 432 -30.37 37.59 -2.71
C GLU A 432 -29.26 37.50 -3.76
N THR A 433 -28.11 38.08 -3.45
CA THR A 433 -26.99 38.10 -4.38
C THR A 433 -26.26 36.76 -4.32
N PHE A 434 -26.15 36.10 -5.47
CA PHE A 434 -25.45 34.83 -5.59
C PHE A 434 -24.10 35.05 -6.25
N ARG A 435 -23.05 34.52 -5.64
CA ARG A 435 -21.71 34.63 -6.18
C ARG A 435 -21.15 33.25 -6.47
N PRO A 436 -20.42 33.07 -7.58
CA PRO A 436 -19.88 31.76 -7.90
C PRO A 436 -18.81 31.35 -6.89
N GLY A 437 -18.98 30.15 -6.33
CA GLY A 437 -18.04 29.63 -5.37
C GLY A 437 -17.20 28.52 -5.94
N GLY A 438 -17.12 27.40 -5.24
CA GLY A 438 -16.34 26.27 -5.68
C GLY A 438 -14.90 26.34 -5.22
N GLY A 439 -14.15 25.33 -5.60
CA GLY A 439 -12.78 25.19 -5.12
C GLY A 439 -12.63 23.90 -4.35
N ASP A 440 -13.65 23.57 -3.56
CA ASP A 440 -13.75 22.25 -2.94
C ASP A 440 -14.06 21.26 -4.05
N MET A 441 -13.06 20.49 -4.46
CA MET A 441 -13.23 19.62 -5.60
C MET A 441 -14.21 18.49 -5.35
N ARG A 442 -14.60 18.25 -4.09
CA ARG A 442 -15.65 17.26 -3.83
C ARG A 442 -16.98 17.69 -4.41
N ASP A 443 -17.24 18.99 -4.53
CA ASP A 443 -18.50 19.45 -5.07
C ASP A 443 -18.64 19.16 -6.56
N ASN A 444 -17.53 19.15 -7.31
CA ASN A 444 -17.61 18.80 -8.72
C ASN A 444 -18.04 17.37 -8.92
N TRP A 445 -17.55 16.45 -8.08
CA TRP A 445 -17.90 15.05 -8.16
C TRP A 445 -19.17 14.72 -7.38
N ARG A 446 -19.68 15.66 -6.58
CA ARG A 446 -20.96 15.46 -5.92
C ARG A 446 -22.12 15.80 -6.82
N SER A 447 -21.87 16.44 -7.96
CA SER A 447 -22.91 16.69 -8.95
C SER A 447 -23.08 15.52 -9.91
N GLU A 448 -22.21 14.51 -9.85
CA GLU A 448 -22.34 13.31 -10.65
C GLU A 448 -22.63 12.07 -9.82
N LEU A 449 -22.27 12.08 -8.53
CA LEU A 449 -22.55 10.98 -7.62
C LEU A 449 -23.76 11.27 -6.74
N TYR A 450 -24.72 12.05 -7.24
CA TYR A 450 -25.87 12.41 -6.44
C TYR A 450 -26.96 11.36 -6.50
N LYS A 451 -27.14 10.73 -7.66
CA LYS A 451 -28.19 9.72 -7.83
C LYS A 451 -27.77 8.34 -7.34
N TYR A 452 -26.51 8.14 -6.98
CA TYR A 452 -26.00 6.83 -6.63
C TYR A 452 -25.86 6.67 -5.13
N LYS A 453 -25.86 5.41 -4.69
CA LYS A 453 -25.76 5.07 -3.28
C LYS A 453 -25.32 3.62 -3.16
N VAL A 454 -24.37 3.37 -2.27
CA VAL A 454 -23.82 2.04 -2.08
C VAL A 454 -24.57 1.35 -0.94
N VAL A 455 -25.04 0.13 -1.20
CA VAL A 455 -25.70 -0.68 -0.19
C VAL A 455 -25.04 -2.04 -0.13
N LYS A 456 -25.10 -2.67 1.03
CA LYS A 456 -24.53 -3.99 1.26
C LYS A 456 -25.66 -5.01 1.37
N ILE A 457 -25.57 -6.07 0.58
CA ILE A 457 -26.62 -7.09 0.54
C ILE A 457 -26.47 -7.99 1.75
N GLU A 458 -27.54 -8.13 2.53
CA GLU A 458 -27.57 -9.03 3.67
C GLU A 458 -28.54 -10.17 3.38
N PRO A 459 -28.09 -11.22 2.70
CA PRO A 459 -29.02 -12.22 2.17
C PRO A 459 -29.59 -13.17 3.22
N LEU A 460 -29.08 -13.18 4.44
CA LEU A 460 -29.53 -14.11 5.47
C LEU A 460 -30.73 -13.50 6.18
N GLY A 461 -31.88 -14.17 6.08
CA GLY A 461 -33.08 -13.70 6.73
C GLY A 461 -33.79 -14.84 7.42
N VAL A 462 -34.62 -14.48 8.40
CA VAL A 462 -35.40 -15.43 9.18
C VAL A 462 -36.84 -14.94 9.25
N ALA A 463 -37.79 -15.86 9.11
CA ALA A 463 -39.20 -15.53 9.11
C ALA A 463 -39.98 -16.72 9.61
N PRO A 464 -41.17 -16.53 10.18
CA PRO A 464 -41.93 -17.65 10.72
C PRO A 464 -42.83 -18.31 9.67
N THR A 465 -42.75 -19.64 9.60
CA THR A 465 -43.66 -20.43 8.79
C THR A 465 -44.15 -21.61 9.60
N ARG A 466 -45.15 -22.29 9.06
CA ARG A 466 -45.72 -23.48 9.68
C ARG A 466 -44.87 -24.73 9.45
N CYS A 467 -43.82 -24.65 8.64
CA CYS A 467 -42.98 -25.80 8.38
C CYS A 467 -42.16 -26.16 9.62
N LYS A 468 -41.72 -27.42 9.66
CA LYS A 468 -40.92 -27.91 10.78
C LYS A 468 -40.02 -29.03 10.28
N ARG A 469 -38.75 -28.99 10.68
CA ARG A 469 -37.80 -30.02 10.28
C ARG A 469 -38.11 -31.34 10.97
N ARG A 470 -37.98 -32.42 10.21
CA ARG A 470 -38.27 -33.75 10.74
C ARG A 470 -37.12 -34.26 11.61
N LEU B 2 -34.18 -39.35 -20.11
CA LEU B 2 -32.86 -39.09 -19.54
C LEU B 2 -32.88 -37.83 -18.68
N TRP B 3 -32.03 -37.81 -17.65
CA TRP B 3 -31.94 -36.70 -16.72
C TRP B 3 -30.49 -36.28 -16.54
N VAL B 4 -30.26 -34.97 -16.55
CA VAL B 4 -28.91 -34.44 -16.42
C VAL B 4 -28.36 -34.77 -15.04
N THR B 5 -27.06 -35.02 -14.97
CA THR B 5 -26.37 -35.33 -13.72
C THR B 5 -25.12 -34.48 -13.63
N VAL B 6 -24.89 -33.90 -12.46
CA VAL B 6 -23.78 -32.98 -12.24
C VAL B 6 -22.62 -33.76 -11.65
N TYR B 7 -21.52 -33.84 -12.41
CA TYR B 7 -20.29 -34.47 -11.94
C TYR B 7 -19.29 -33.39 -11.57
N TYR B 8 -18.76 -33.46 -10.36
CA TYR B 8 -17.79 -32.49 -9.86
C TYR B 8 -16.41 -33.14 -9.83
N GLY B 9 -15.43 -32.48 -10.43
CA GLY B 9 -14.09 -32.99 -10.48
C GLY B 9 -13.73 -33.75 -11.74
N VAL B 10 -14.35 -33.43 -12.87
CA VAL B 10 -14.08 -34.13 -14.12
C VAL B 10 -12.74 -33.63 -14.68
N PRO B 11 -11.98 -34.47 -15.37
CA PRO B 11 -10.73 -34.00 -15.98
C PRO B 11 -10.99 -33.19 -17.24
N VAL B 12 -11.44 -31.96 -17.08
CA VAL B 12 -11.75 -31.07 -18.19
C VAL B 12 -11.04 -29.74 -17.95
N TRP B 13 -10.34 -29.24 -18.96
CA TRP B 13 -9.57 -28.01 -18.86
C TRP B 13 -9.83 -27.13 -20.07
N LYS B 14 -9.55 -25.84 -19.89
CA LYS B 14 -9.63 -24.86 -20.96
C LYS B 14 -8.40 -23.97 -20.93
N ASP B 15 -8.02 -23.47 -22.09
CA ASP B 15 -6.87 -22.59 -22.19
C ASP B 15 -7.12 -21.30 -21.41
N ALA B 16 -6.13 -20.86 -20.64
CA ALA B 16 -6.31 -19.67 -19.82
C ALA B 16 -4.94 -19.07 -19.51
N GLU B 17 -4.97 -17.84 -19.02
CA GLU B 17 -3.77 -17.10 -18.63
C GLU B 17 -3.89 -16.75 -17.17
N THR B 18 -2.92 -17.17 -16.36
CA THR B 18 -2.92 -16.90 -14.93
C THR B 18 -1.54 -16.42 -14.51
N THR B 19 -1.46 -15.90 -13.29
CA THR B 19 -0.22 -15.34 -12.76
C THR B 19 0.54 -16.45 -12.06
N LEU B 20 1.39 -17.15 -12.81
CA LEU B 20 2.22 -18.19 -12.24
C LEU B 20 3.25 -17.59 -11.30
N PHE B 21 3.51 -18.27 -10.19
CA PHE B 21 4.52 -17.83 -9.24
C PHE B 21 5.78 -18.67 -9.39
N CYS B 22 6.82 -18.25 -8.68
CA CYS B 22 8.13 -18.88 -8.77
C CYS B 22 8.36 -19.82 -7.59
N ALA B 23 9.25 -20.78 -7.79
CA ALA B 23 9.61 -21.74 -6.76
C ALA B 23 10.99 -22.29 -7.06
N SER B 24 11.90 -22.16 -6.09
CA SER B 24 13.26 -22.64 -6.24
C SER B 24 13.75 -23.25 -4.94
N ASP B 25 14.72 -24.15 -5.04
CA ASP B 25 15.28 -24.81 -3.88
C ASP B 25 16.05 -23.84 -3.00
N LYS B 33 24.81 -15.35 -1.06
CA LYS B 33 24.44 -13.94 -1.04
C LYS B 33 23.06 -13.74 -1.67
N HIS B 34 22.49 -12.56 -1.49
CA HIS B 34 21.21 -12.24 -2.09
C HIS B 34 21.35 -12.17 -3.61
N ASN B 35 20.34 -12.68 -4.32
CA ASN B 35 20.40 -12.80 -5.76
C ASN B 35 19.63 -11.67 -6.43
N VAL B 36 19.92 -11.45 -7.72
CA VAL B 36 19.26 -10.38 -8.46
C VAL B 36 17.85 -10.77 -8.86
N TRP B 37 17.57 -12.07 -8.94
CA TRP B 37 16.22 -12.55 -9.22
C TRP B 37 15.42 -12.82 -7.96
N ALA B 38 15.99 -12.57 -6.79
CA ALA B 38 15.31 -12.75 -5.50
C ALA B 38 14.71 -14.14 -5.38
N THR B 39 15.47 -15.14 -5.82
CA THR B 39 14.98 -16.51 -5.77
C THR B 39 14.78 -16.99 -4.33
N HIS B 40 15.35 -16.29 -3.35
CA HIS B 40 15.12 -16.65 -1.96
C HIS B 40 13.68 -16.39 -1.56
N ALA B 41 13.05 -15.39 -2.17
CA ALA B 41 11.66 -15.06 -1.84
C ALA B 41 10.68 -16.07 -2.44
N CYS B 42 11.14 -16.93 -3.35
CA CYS B 42 10.28 -17.96 -3.93
C CYS B 42 10.03 -19.07 -2.91
N VAL B 43 8.89 -19.72 -3.05
CA VAL B 43 8.50 -20.81 -2.15
C VAL B 43 9.36 -22.03 -2.47
N PRO B 44 9.85 -22.75 -1.46
CA PRO B 44 10.62 -23.97 -1.73
C PRO B 44 9.81 -24.95 -2.55
N THR B 45 10.49 -25.62 -3.48
CA THR B 45 9.85 -26.62 -4.33
C THR B 45 9.84 -27.96 -3.62
N ASP B 46 9.48 -29.02 -4.34
CA ASP B 46 9.42 -30.35 -3.76
C ASP B 46 10.53 -31.24 -4.32
N GLN B 50 6.64 -35.76 -9.34
CA GLN B 50 5.81 -34.58 -9.53
C GLN B 50 5.00 -34.68 -10.83
N GLU B 51 5.60 -35.30 -11.84
CA GLU B 51 5.00 -35.40 -13.16
C GLU B 51 4.05 -36.59 -13.22
N ILE B 52 2.88 -36.37 -13.83
CA ILE B 52 1.85 -37.38 -13.98
C ILE B 52 1.54 -37.53 -15.46
N HIS B 53 1.80 -38.72 -16.01
CA HIS B 53 1.57 -38.95 -17.42
C HIS B 53 0.09 -38.93 -17.75
N LEU B 54 -0.24 -38.30 -18.88
CA LEU B 54 -1.61 -38.23 -19.38
C LEU B 54 -1.68 -39.08 -20.64
N GLU B 55 -2.13 -40.33 -20.49
CA GLU B 55 -2.28 -41.21 -21.64
C GLU B 55 -3.43 -40.74 -22.51
N ASN B 56 -3.39 -41.15 -23.78
CA ASN B 56 -4.54 -41.15 -24.67
C ASN B 56 -4.96 -39.76 -25.11
N VAL B 57 -4.31 -38.71 -24.61
CA VAL B 57 -4.78 -37.34 -24.80
C VAL B 57 -3.97 -36.66 -25.89
N THR B 58 -4.61 -35.75 -26.62
CA THR B 58 -3.96 -34.94 -27.63
C THR B 58 -4.24 -33.47 -27.32
N GLU B 59 -3.18 -32.67 -27.21
CA GLU B 59 -3.30 -31.26 -26.86
C GLU B 59 -2.53 -30.41 -27.84
N GLU B 60 -3.10 -29.26 -28.19
CA GLU B 60 -2.49 -28.34 -29.15
C GLU B 60 -1.60 -27.36 -28.40
N PHE B 61 -0.32 -27.33 -28.76
CA PHE B 61 0.67 -26.46 -28.17
C PHE B 61 1.06 -25.37 -29.15
N ASN B 62 1.41 -24.20 -28.61
CA ASN B 62 1.88 -23.10 -29.45
C ASN B 62 2.79 -22.23 -28.60
N MET B 63 4.10 -22.34 -28.84
CA MET B 63 5.05 -21.58 -28.03
C MET B 63 5.11 -20.13 -28.46
N TRP B 64 4.74 -19.83 -29.70
CA TRP B 64 4.74 -18.45 -30.15
C TRP B 64 3.60 -17.65 -29.56
N LYS B 65 2.51 -18.30 -29.17
CA LYS B 65 1.38 -17.67 -28.51
C LYS B 65 1.31 -18.07 -27.04
N ASN B 66 2.45 -18.44 -26.48
CA ASN B 66 2.55 -18.86 -25.08
C ASN B 66 2.63 -17.61 -24.23
N ASN B 67 1.64 -17.40 -23.37
CA ASN B 67 1.65 -16.23 -22.50
C ASN B 67 2.74 -16.33 -21.45
N MET B 68 3.27 -17.53 -21.20
CA MET B 68 4.31 -17.69 -20.19
C MET B 68 5.59 -16.97 -20.58
N VAL B 69 5.91 -16.88 -21.88
CA VAL B 69 7.12 -16.19 -22.28
C VAL B 69 7.02 -14.70 -21.97
N GLU B 70 5.84 -14.12 -22.21
CA GLU B 70 5.63 -12.72 -21.88
C GLU B 70 5.61 -12.50 -20.38
N GLN B 71 4.98 -13.42 -19.64
CA GLN B 71 4.95 -13.29 -18.19
C GLN B 71 6.34 -13.37 -17.59
N MET B 72 7.17 -14.30 -18.08
CA MET B 72 8.54 -14.39 -17.60
C MET B 72 9.37 -13.19 -18.03
N HIS B 73 9.13 -12.64 -19.22
CA HIS B 73 9.83 -11.44 -19.63
C HIS B 73 9.53 -10.28 -18.70
N THR B 74 8.24 -10.08 -18.40
CA THR B 74 7.86 -9.02 -17.47
C THR B 74 8.42 -9.28 -16.07
N ASP B 75 8.39 -10.53 -15.63
CA ASP B 75 8.91 -10.86 -14.31
C ASP B 75 10.40 -10.62 -14.21
N ILE B 76 11.17 -11.00 -15.24
CA ILE B 76 12.61 -10.77 -15.23
C ILE B 76 12.92 -9.29 -15.25
N ILE B 77 12.19 -8.52 -16.08
CA ILE B 77 12.41 -7.08 -16.12
C ILE B 77 12.13 -6.46 -14.75
N SER B 78 11.02 -6.86 -14.12
CA SER B 78 10.66 -6.29 -12.83
C SER B 78 11.65 -6.69 -11.75
N LEU B 79 12.13 -7.94 -11.77
CA LEU B 79 13.12 -8.38 -10.81
C LEU B 79 14.44 -7.64 -10.99
N TRP B 80 14.85 -7.40 -12.24
CA TRP B 80 16.04 -6.61 -12.49
C TRP B 80 15.90 -5.20 -11.97
N ASP B 81 14.74 -4.58 -12.22
CA ASP B 81 14.53 -3.19 -11.82
C ASP B 81 14.32 -3.04 -10.32
N GLN B 82 13.84 -4.08 -9.64
CA GLN B 82 13.59 -4.00 -8.20
C GLN B 82 14.87 -4.08 -7.38
N SER B 83 15.85 -4.86 -7.83
CA SER B 83 17.10 -5.01 -7.09
C SER B 83 18.06 -3.85 -7.29
N LEU B 84 17.76 -2.94 -8.22
CA LEU B 84 18.59 -1.76 -8.44
C LEU B 84 18.10 -0.55 -7.66
N LYS B 85 16.94 -0.63 -7.03
CA LYS B 85 16.47 0.51 -6.21
C LYS B 85 17.39 0.79 -5.03
N PRO B 86 17.78 -0.18 -4.20
CA PRO B 86 18.62 0.13 -3.04
C PRO B 86 20.09 0.34 -3.34
N CYS B 87 20.48 0.45 -4.60
CA CYS B 87 21.88 0.57 -4.98
C CYS B 87 22.27 2.02 -5.19
N VAL B 88 23.58 2.24 -5.29
CA VAL B 88 24.12 3.59 -5.41
C VAL B 88 23.74 4.20 -6.75
N LYS B 89 23.38 5.48 -6.73
CA LYS B 89 23.07 6.22 -7.95
C LYS B 89 24.30 7.04 -8.31
N LEU B 90 24.89 6.74 -9.46
CA LEU B 90 26.15 7.38 -9.88
C LEU B 90 25.90 8.67 -10.64
N THR B 91 25.07 9.54 -10.08
CA THR B 91 24.87 10.87 -10.64
C THR B 91 26.15 11.71 -10.55
N PRO B 92 26.84 11.75 -9.40
CA PRO B 92 28.08 12.53 -9.33
C PRO B 92 29.20 11.99 -10.20
N LEU B 93 29.02 10.85 -10.87
CA LEU B 93 30.02 10.39 -11.83
C LEU B 93 30.01 11.20 -13.11
N CYS B 94 28.89 11.84 -13.46
CA CYS B 94 28.78 12.59 -14.70
C CYS B 94 29.56 13.90 -14.56
N VAL B 95 30.88 13.79 -14.70
CA VAL B 95 31.79 14.92 -14.68
C VAL B 95 32.66 14.83 -15.92
N THR B 96 33.48 15.85 -16.13
CA THR B 96 34.40 15.87 -17.26
C THR B 96 35.67 15.11 -16.90
N LEU B 97 35.97 14.07 -17.66
CA LEU B 97 37.09 13.18 -17.38
C LEU B 97 38.29 13.56 -18.25
N GLN B 98 39.46 13.62 -17.63
CA GLN B 98 40.72 13.83 -18.35
C GLN B 98 41.40 12.48 -18.49
N CYS B 99 41.14 11.79 -19.60
CA CYS B 99 41.58 10.43 -19.79
C CYS B 99 42.84 10.37 -20.64
N THR B 100 43.66 9.36 -20.39
CA THR B 100 44.84 9.08 -21.17
C THR B 100 44.91 7.59 -21.47
N ASN B 101 45.59 7.24 -22.56
CA ASN B 101 45.75 5.84 -22.91
C ASN B 101 46.55 5.10 -21.85
N VAL B 102 46.18 3.84 -21.61
CA VAL B 102 46.88 2.98 -20.68
C VAL B 102 47.92 2.20 -21.44
N THR B 103 49.09 2.01 -20.83
CA THR B 103 50.17 1.25 -21.45
C THR B 103 50.94 0.51 -20.35
N ASN B 104 50.90 -0.82 -20.40
CA ASN B 104 51.56 -1.65 -19.40
C ASN B 104 52.07 -2.94 -20.02
N ASP B 108 49.53 -5.14 -26.47
CA ASP B 108 49.14 -6.10 -27.49
C ASP B 108 48.22 -5.45 -28.52
N ASP B 109 46.99 -5.96 -28.60
CA ASP B 109 45.95 -5.39 -29.43
C ASP B 109 44.93 -4.63 -28.61
N MET B 110 45.01 -4.70 -27.29
CA MET B 110 44.11 -3.96 -26.40
C MET B 110 44.50 -2.49 -26.28
N ARG B 111 45.46 -2.02 -27.07
CA ARG B 111 45.79 -0.60 -27.06
C ARG B 111 44.62 0.21 -27.59
N GLY B 112 44.36 1.35 -26.95
CA GLY B 112 43.21 2.16 -27.30
C GLY B 112 41.89 1.52 -26.95
N GLU B 113 41.87 0.70 -25.91
CA GLU B 113 40.65 0.04 -25.44
C GLU B 113 40.31 0.38 -24.00
N LEU B 114 41.31 0.49 -23.13
CA LEU B 114 41.12 0.93 -21.76
C LEU B 114 41.63 2.36 -21.62
N LYS B 115 40.87 3.20 -20.93
CA LYS B 115 41.21 4.59 -20.74
C LYS B 115 41.50 4.85 -19.27
N ASN B 116 42.55 5.62 -19.01
CA ASN B 116 42.96 6.00 -17.66
C ASN B 116 42.39 7.40 -17.40
N CYS B 117 41.20 7.43 -16.80
CA CYS B 117 40.45 8.68 -16.63
C CYS B 117 40.62 9.21 -15.23
N SER B 118 41.06 10.46 -15.12
CA SER B 118 41.18 11.17 -13.85
C SER B 118 40.17 12.30 -13.81
N PHE B 119 39.36 12.35 -12.76
CA PHE B 119 38.26 13.30 -12.69
C PHE B 119 38.12 13.85 -11.28
N ASN B 120 37.39 14.95 -11.18
CA ASN B 120 37.09 15.60 -9.91
C ASN B 120 35.82 14.95 -9.35
N MET B 121 35.91 14.36 -8.18
CA MET B 121 34.76 13.74 -7.55
C MET B 121 34.55 14.28 -6.14
N THR B 122 33.27 14.44 -5.78
CA THR B 122 32.90 14.89 -4.45
C THR B 122 33.35 13.89 -3.39
N THR B 123 33.29 14.31 -2.13
CA THR B 123 33.75 13.50 -1.01
C THR B 123 32.60 13.35 -0.02
N GLU B 124 32.91 12.82 1.15
CA GLU B 124 31.92 12.73 2.23
C GLU B 124 31.43 14.13 2.60
N LEU B 125 32.33 15.10 2.62
CA LEU B 125 31.98 16.49 2.89
C LEU B 125 31.47 17.12 1.60
N ARG B 126 30.34 17.83 1.69
CA ARG B 126 29.71 18.38 0.50
C ARG B 126 30.60 19.41 -0.19
N ASP B 127 31.27 20.26 0.59
CA ASP B 127 32.04 21.36 0.03
C ASP B 127 33.49 20.97 -0.27
N LYS B 128 33.85 19.71 -0.12
CA LYS B 128 35.19 19.24 -0.43
C LYS B 128 35.17 18.39 -1.69
N LYS B 129 36.29 18.39 -2.40
CA LYS B 129 36.46 17.62 -3.63
C LYS B 129 37.52 16.56 -3.43
N GLN B 130 37.73 15.75 -4.47
CA GLN B 130 38.66 14.63 -4.39
C GLN B 130 39.06 14.25 -5.81
N LYS B 131 40.33 14.40 -6.14
CA LYS B 131 40.83 14.09 -7.48
C LYS B 131 41.19 12.61 -7.51
N VAL B 132 40.29 11.79 -8.04
CA VAL B 132 40.48 10.35 -8.12
C VAL B 132 40.70 9.97 -9.58
N TYR B 133 41.06 8.71 -9.79
CA TYR B 133 41.27 8.18 -11.13
C TYR B 133 40.66 6.80 -11.22
N SER B 134 40.32 6.40 -12.45
CA SER B 134 39.70 5.11 -12.69
C SER B 134 39.98 4.67 -14.11
N LEU B 135 39.83 3.37 -14.36
CA LEU B 135 40.02 2.79 -15.68
C LEU B 135 38.65 2.52 -16.28
N PHE B 136 38.33 3.22 -17.37
CA PHE B 136 37.09 3.01 -18.09
C PHE B 136 37.39 2.45 -19.48
N TYR B 137 36.59 1.49 -19.91
CA TYR B 137 36.78 0.90 -21.22
C TYR B 137 36.37 1.89 -22.31
N ARG B 138 36.91 1.68 -23.52
CA ARG B 138 36.65 2.61 -24.60
C ARG B 138 35.18 2.70 -24.95
N LEU B 139 34.42 1.61 -24.72
CA LEU B 139 32.99 1.62 -24.96
C LEU B 139 32.20 2.31 -23.87
N ASP B 140 32.83 2.64 -22.74
CA ASP B 140 32.17 3.30 -21.64
C ASP B 140 32.29 4.82 -21.69
N VAL B 141 33.13 5.36 -22.57
CA VAL B 141 33.39 6.79 -22.61
C VAL B 141 33.35 7.29 -24.05
N VAL B 142 32.81 8.49 -24.22
CA VAL B 142 32.81 9.18 -25.51
C VAL B 142 33.40 10.56 -25.30
N GLN B 143 34.35 10.95 -26.14
CA GLN B 143 35.06 12.20 -25.96
C GLN B 143 34.14 13.39 -26.23
N ILE B 144 34.53 14.55 -25.69
CA ILE B 144 33.73 15.77 -25.76
C ILE B 144 34.31 16.68 -26.82
N ASN B 145 33.45 17.11 -27.74
CA ASN B 145 33.87 18.03 -28.80
C ASN B 145 33.00 19.28 -28.81
N ASN B 156 45.99 15.78 -23.44
CA ASN B 156 44.93 14.80 -23.19
C ASN B 156 43.57 15.37 -23.55
N LYS B 157 42.68 14.50 -24.02
CA LYS B 157 41.34 14.90 -24.39
C LYS B 157 40.40 14.74 -23.20
N GLU B 158 39.19 15.28 -23.34
CA GLU B 158 38.19 15.24 -22.28
C GLU B 158 37.07 14.29 -22.70
N TYR B 159 36.83 13.27 -21.88
CA TYR B 159 35.81 12.27 -22.13
C TYR B 159 34.66 12.44 -21.13
N ARG B 160 33.66 11.58 -21.27
CA ARG B 160 32.55 11.51 -20.33
C ARG B 160 31.90 10.14 -20.47
N LEU B 161 31.13 9.77 -19.46
CA LEU B 161 30.45 8.48 -19.50
C LEU B 161 29.46 8.44 -20.66
N ILE B 162 29.37 7.27 -21.29
CA ILE B 162 28.58 7.15 -22.52
C ILE B 162 27.09 7.38 -22.24
N ASN B 163 26.58 6.79 -21.17
CA ASN B 163 25.17 6.96 -20.80
C ASN B 163 25.00 8.10 -19.81
N CYS B 164 25.51 9.27 -20.17
CA CYS B 164 25.43 10.45 -19.33
C CYS B 164 24.45 11.50 -19.85
N ASN B 165 24.22 11.55 -21.16
CA ASN B 165 23.29 12.50 -21.73
C ASN B 165 21.94 11.88 -22.06
N THR B 166 21.77 10.58 -21.77
CA THR B 166 20.50 9.91 -22.03
C THR B 166 19.94 9.15 -20.86
N SER B 167 20.72 8.81 -19.83
CA SER B 167 20.24 7.95 -18.77
C SER B 167 20.91 8.31 -17.46
N ALA B 168 20.29 7.88 -16.37
CA ALA B 168 20.85 8.02 -15.03
C ALA B 168 21.48 6.70 -14.63
N ILE B 169 22.78 6.73 -14.34
CA ILE B 169 23.53 5.51 -14.08
C ILE B 169 23.34 5.09 -12.63
N THR B 170 23.01 3.82 -12.41
CA THR B 170 22.83 3.25 -11.08
C THR B 170 23.76 2.05 -10.94
N GLN B 171 24.81 2.18 -10.14
CA GLN B 171 25.76 1.09 -9.97
C GLN B 171 25.10 -0.09 -9.29
N ALA B 172 25.29 -1.29 -9.86
CA ALA B 172 24.74 -2.48 -9.25
C ALA B 172 25.39 -2.75 -7.90
N CYS B 173 24.60 -3.20 -6.94
CA CYS B 173 25.12 -3.48 -5.61
C CYS B 173 26.14 -4.62 -5.69
N PRO B 174 27.32 -4.45 -5.10
CA PRO B 174 28.36 -5.48 -5.23
C PRO B 174 28.00 -6.81 -4.60
N LYS B 175 27.13 -6.82 -3.59
CA LYS B 175 26.73 -8.04 -2.92
C LYS B 175 25.58 -8.76 -3.62
N VAL B 176 25.06 -8.19 -4.70
CA VAL B 176 23.99 -8.81 -5.47
C VAL B 176 24.63 -9.48 -6.67
N SER B 177 24.46 -10.80 -6.78
CA SER B 177 25.08 -11.57 -7.85
C SER B 177 24.08 -11.80 -8.98
N PHE B 178 24.56 -11.65 -10.21
CA PHE B 178 23.75 -11.85 -11.40
C PHE B 178 23.73 -13.30 -11.87
N GLU B 179 24.01 -14.24 -10.98
CA GLU B 179 24.07 -15.64 -11.37
C GLU B 179 22.70 -16.14 -11.79
N PRO B 180 22.58 -16.81 -12.94
CA PRO B 180 21.30 -17.40 -13.31
C PRO B 180 20.99 -18.63 -12.46
N ILE B 181 20.05 -18.49 -11.53
CA ILE B 181 19.66 -19.57 -10.63
C ILE B 181 18.38 -20.20 -11.17
N PRO B 182 18.30 -21.53 -11.26
CA PRO B 182 17.09 -22.17 -11.78
C PRO B 182 15.86 -21.79 -10.97
N ILE B 183 14.81 -21.37 -11.67
CA ILE B 183 13.53 -21.06 -11.06
C ILE B 183 12.46 -21.89 -11.75
N HIS B 184 11.45 -22.29 -10.98
CA HIS B 184 10.34 -23.09 -11.48
C HIS B 184 9.07 -22.25 -11.48
N TYR B 185 8.31 -22.34 -12.56
CA TYR B 185 7.07 -21.59 -12.71
C TYR B 185 5.91 -22.53 -12.39
N CYS B 186 5.36 -22.40 -11.18
CA CYS B 186 4.27 -23.25 -10.74
C CYS B 186 2.95 -22.53 -10.89
N ALA B 187 1.99 -23.20 -11.54
CA ALA B 187 0.66 -22.65 -11.70
C ALA B 187 -0.09 -22.72 -10.38
N PRO B 188 -0.97 -21.75 -10.08
CA PRO B 188 -1.69 -21.76 -8.82
C PRO B 188 -2.69 -22.91 -8.77
N ALA B 189 -3.27 -23.09 -7.59
CA ALA B 189 -4.27 -24.13 -7.41
C ALA B 189 -5.46 -23.89 -8.33
N GLY B 190 -5.97 -24.97 -8.91
CA GLY B 190 -7.02 -24.88 -9.89
C GLY B 190 -6.55 -24.78 -11.32
N PHE B 191 -5.27 -24.52 -11.54
CA PHE B 191 -4.67 -24.52 -12.86
C PHE B 191 -3.64 -25.65 -12.95
N ALA B 192 -3.38 -26.07 -14.18
CA ALA B 192 -2.40 -27.12 -14.44
C ALA B 192 -1.52 -26.70 -15.60
N ILE B 193 -0.29 -27.22 -15.61
CA ILE B 193 0.67 -26.94 -16.66
C ILE B 193 0.90 -28.23 -17.42
N LEU B 194 0.65 -28.18 -18.73
CA LEU B 194 0.85 -29.35 -19.59
C LEU B 194 2.22 -29.28 -20.23
N LYS B 195 2.86 -30.44 -20.38
CA LYS B 195 4.24 -30.53 -20.83
C LYS B 195 4.30 -31.49 -22.02
N CYS B 196 4.56 -30.94 -23.20
CA CYS B 196 4.63 -31.76 -24.41
C CYS B 196 5.89 -32.61 -24.40
N LYS B 197 5.72 -33.92 -24.43
CA LYS B 197 6.83 -34.85 -24.35
C LYS B 197 7.16 -35.50 -25.70
N ASP B 198 6.63 -34.97 -26.80
CA ASP B 198 7.00 -35.49 -28.11
C ASP B 198 8.43 -35.06 -28.43
N LYS B 199 9.31 -36.04 -28.68
CA LYS B 199 10.72 -35.75 -28.83
C LYS B 199 11.05 -35.00 -30.12
N LYS B 200 10.13 -34.96 -31.07
CA LYS B 200 10.32 -34.24 -32.33
C LYS B 200 9.25 -33.19 -32.52
N PHE B 201 8.93 -32.47 -31.44
CA PHE B 201 7.91 -31.43 -31.48
C PHE B 201 8.52 -30.14 -32.01
N ASN B 202 7.86 -29.53 -33.00
CA ASN B 202 8.39 -28.36 -33.70
C ASN B 202 7.76 -27.05 -33.22
N GLY B 203 7.24 -27.03 -32.00
CA GLY B 203 6.75 -25.80 -31.41
C GLY B 203 5.35 -25.38 -31.82
N THR B 204 4.70 -26.12 -32.72
CA THR B 204 3.35 -25.78 -33.16
C THR B 204 2.65 -27.05 -33.60
N GLY B 205 1.41 -27.23 -33.16
CA GLY B 205 0.63 -28.40 -33.54
C GLY B 205 0.41 -29.31 -32.36
N PRO B 206 -0.46 -30.31 -32.53
CA PRO B 206 -0.80 -31.21 -31.42
C PRO B 206 0.39 -32.04 -30.97
N CYS B 207 0.45 -32.27 -29.66
CA CYS B 207 1.43 -33.15 -29.04
C CYS B 207 0.75 -34.43 -28.59
N PRO B 208 1.07 -35.58 -29.19
CA PRO B 208 0.41 -36.82 -28.81
C PRO B 208 0.90 -37.44 -27.50
N SER B 209 1.80 -36.77 -26.78
CA SER B 209 2.31 -37.28 -25.50
C SER B 209 2.40 -36.09 -24.55
N VAL B 210 1.36 -35.89 -23.76
CA VAL B 210 1.24 -34.74 -22.87
C VAL B 210 1.28 -35.23 -21.43
N SER B 211 1.89 -34.43 -20.56
CA SER B 211 1.95 -34.73 -19.14
C SER B 211 1.63 -33.47 -18.35
N THR B 212 1.05 -33.67 -17.16
CA THR B 212 0.68 -32.57 -16.28
C THR B 212 1.69 -32.50 -15.14
N VAL B 213 2.49 -31.43 -15.14
CA VAL B 213 3.49 -31.22 -14.11
C VAL B 213 3.22 -29.86 -13.45
N GLN B 214 3.20 -29.84 -12.13
CA GLN B 214 2.82 -28.63 -11.41
C GLN B 214 3.81 -27.49 -11.63
N CYS B 215 5.10 -27.77 -11.52
CA CYS B 215 6.13 -26.76 -11.65
C CYS B 215 7.02 -27.05 -12.85
N THR B 216 7.47 -25.98 -13.50
CA THR B 216 8.31 -26.11 -14.68
C THR B 216 9.62 -26.81 -14.32
N HIS B 217 10.34 -27.28 -15.34
CA HIS B 217 11.55 -28.07 -15.14
C HIS B 217 12.68 -27.29 -14.51
N GLY B 218 12.57 -25.96 -14.42
CA GLY B 218 13.64 -25.15 -13.91
C GLY B 218 14.32 -24.40 -15.04
N ILE B 219 13.93 -23.14 -15.22
CA ILE B 219 14.40 -22.35 -16.35
C ILE B 219 15.47 -21.39 -15.83
N LYS B 220 16.68 -21.53 -16.33
CA LYS B 220 17.74 -20.60 -15.98
C LYS B 220 17.50 -19.28 -16.70
N PRO B 221 17.30 -18.18 -16.00
CA PRO B 221 17.03 -16.89 -16.67
C PRO B 221 18.31 -16.21 -17.14
N VAL B 222 18.97 -16.84 -18.09
CA VAL B 222 20.22 -16.32 -18.65
C VAL B 222 19.90 -15.38 -19.78
N VAL B 223 20.53 -14.20 -19.78
CA VAL B 223 20.37 -13.22 -20.84
C VAL B 223 21.54 -13.33 -21.79
N SER B 224 21.25 -13.49 -23.08
CA SER B 224 22.29 -13.70 -24.07
C SER B 224 21.70 -13.42 -25.45
N THR B 225 22.58 -13.33 -26.44
CA THR B 225 22.18 -13.10 -27.82
C THR B 225 23.04 -13.96 -28.73
N GLN B 226 22.43 -14.41 -29.83
CA GLN B 226 23.09 -15.15 -30.90
C GLN B 226 23.48 -16.56 -30.48
N LEU B 227 23.36 -16.87 -29.18
CA LEU B 227 23.73 -18.17 -28.66
C LEU B 227 22.98 -18.38 -27.36
N LEU B 228 22.14 -19.39 -27.30
CA LEU B 228 21.40 -19.72 -26.08
C LEU B 228 22.32 -20.51 -25.16
N LEU B 229 22.85 -19.84 -24.15
CA LEU B 229 23.82 -20.45 -23.25
C LEU B 229 23.13 -21.16 -22.09
N ASN B 230 23.70 -22.31 -21.70
CA ASN B 230 23.25 -23.04 -20.51
C ASN B 230 21.80 -23.50 -20.63
N GLY B 231 21.29 -23.61 -21.85
CA GLY B 231 19.92 -23.97 -22.08
C GLY B 231 19.68 -25.46 -21.94
N SER B 232 18.43 -25.85 -22.15
CA SER B 232 18.02 -27.25 -22.12
C SER B 232 18.10 -27.82 -23.54
N LEU B 233 18.78 -28.94 -23.69
CA LEU B 233 19.04 -29.49 -25.00
C LEU B 233 17.86 -30.32 -25.50
N ALA B 234 17.84 -30.52 -26.82
CA ALA B 234 16.87 -31.43 -27.41
C ALA B 234 17.23 -32.88 -27.08
N GLU B 235 16.28 -33.78 -27.31
CA GLU B 235 16.45 -35.17 -26.90
C GLU B 235 17.09 -36.01 -27.99
N GLU B 236 16.57 -35.93 -29.22
CA GLU B 236 17.01 -36.80 -30.30
C GLU B 236 17.72 -36.05 -31.41
N GLU B 237 17.10 -35.04 -31.99
CA GLU B 237 17.65 -34.36 -33.16
C GLU B 237 17.56 -32.85 -32.96
N VAL B 238 18.55 -32.15 -33.53
CA VAL B 238 18.59 -30.69 -33.46
C VAL B 238 17.32 -30.14 -34.09
N MET B 239 16.52 -29.44 -33.30
CA MET B 239 15.21 -28.97 -33.75
C MET B 239 15.28 -27.54 -34.24
N ILE B 240 14.70 -27.29 -35.40
CA ILE B 240 14.60 -25.96 -35.98
C ILE B 240 13.16 -25.49 -35.79
N ARG B 241 12.99 -24.40 -35.06
CA ARG B 241 11.67 -23.93 -34.65
C ARG B 241 11.49 -22.47 -35.05
N SER B 242 10.52 -22.20 -35.92
CA SER B 242 10.21 -20.84 -36.33
C SER B 242 8.69 -20.68 -36.39
N GLU B 243 8.25 -19.43 -36.24
CA GLU B 243 6.82 -19.15 -36.35
C GLU B 243 6.33 -19.34 -37.78
N ASN B 244 7.13 -18.90 -38.76
CA ASN B 244 6.79 -19.01 -40.19
C ASN B 244 8.13 -19.18 -40.91
N ILE B 245 8.46 -20.43 -41.21
CA ILE B 245 9.77 -20.79 -41.77
C ILE B 245 9.96 -20.14 -43.14
N THR B 246 8.86 -19.80 -43.80
CA THR B 246 8.94 -19.10 -45.08
C THR B 246 9.04 -17.59 -44.93
N ASN B 247 8.87 -17.07 -43.73
CA ASN B 247 8.95 -15.63 -43.48
C ASN B 247 10.36 -15.29 -42.99
N ASN B 248 11.03 -14.39 -43.71
CA ASN B 248 12.39 -14.00 -43.35
C ASN B 248 12.46 -13.09 -42.14
N ALA B 249 11.37 -12.40 -41.80
CA ALA B 249 11.38 -11.45 -40.70
C ALA B 249 11.24 -12.11 -39.34
N LYS B 250 11.01 -13.42 -39.28
CA LYS B 250 10.85 -14.14 -38.03
C LYS B 250 12.10 -14.94 -37.73
N ASN B 251 12.59 -14.84 -36.50
CA ASN B 251 13.81 -15.52 -36.11
C ASN B 251 13.62 -17.03 -36.12
N ILE B 252 14.73 -17.74 -36.21
CA ILE B 252 14.73 -19.20 -36.36
C ILE B 252 15.43 -19.76 -35.13
N LEU B 253 14.66 -20.11 -34.10
CA LEU B 253 15.22 -20.65 -32.88
C LEU B 253 15.75 -22.05 -33.13
N VAL B 254 17.06 -22.22 -33.05
CA VAL B 254 17.71 -23.51 -33.18
C VAL B 254 17.97 -24.07 -31.79
N GLN B 255 17.81 -25.37 -31.63
CA GLN B 255 18.12 -26.04 -30.36
C GLN B 255 18.98 -27.25 -30.64
N PHE B 256 20.10 -27.35 -29.93
CA PHE B 256 21.05 -28.44 -30.15
C PHE B 256 20.61 -29.70 -29.42
N ASN B 257 21.20 -30.82 -29.82
CA ASN B 257 21.01 -32.08 -29.11
C ASN B 257 22.21 -32.45 -28.26
N THR B 258 23.40 -31.95 -28.60
CA THR B 258 24.59 -32.11 -27.78
C THR B 258 25.21 -30.73 -27.52
N PRO B 259 25.78 -30.51 -26.35
CA PRO B 259 26.28 -29.18 -26.02
C PRO B 259 27.60 -28.88 -26.70
N VAL B 260 27.77 -27.62 -27.08
CA VAL B 260 29.04 -27.13 -27.60
C VAL B 260 29.62 -26.17 -26.58
N GLN B 261 30.45 -26.69 -25.68
CA GLN B 261 30.93 -25.87 -24.58
C GLN B 261 31.84 -24.76 -25.08
N ILE B 262 31.70 -23.59 -24.46
CA ILE B 262 32.43 -22.39 -24.87
C ILE B 262 33.22 -21.89 -23.66
N ASN B 263 34.52 -21.69 -23.85
CA ASN B 263 35.41 -21.29 -22.78
C ASN B 263 35.67 -19.79 -22.87
N CYS B 264 35.11 -19.03 -21.94
CA CYS B 264 35.21 -17.59 -21.93
C CYS B 264 36.02 -17.12 -20.73
N THR B 265 36.93 -16.18 -20.96
CA THR B 265 37.82 -15.72 -19.92
C THR B 265 38.15 -14.26 -20.12
N ARG B 266 38.60 -13.62 -19.05
CA ARG B 266 39.03 -12.22 -19.05
C ARG B 266 40.43 -12.18 -18.44
N PRO B 267 41.48 -12.29 -19.27
CA PRO B 267 42.83 -12.47 -18.72
C PRO B 267 43.32 -11.33 -17.84
N ASN B 268 42.77 -10.13 -18.00
CA ASN B 268 43.22 -9.00 -17.19
C ASN B 268 42.95 -9.26 -15.72
N ASN B 269 43.94 -8.97 -14.87
CA ASN B 269 43.79 -9.09 -13.44
C ASN B 269 43.29 -7.75 -12.90
N ASN B 270 41.97 -7.63 -12.77
CA ASN B 270 41.37 -6.38 -12.32
C ASN B 270 41.59 -6.18 -10.83
N THR B 271 41.77 -4.92 -10.45
CA THR B 271 41.83 -4.52 -9.05
C THR B 271 40.74 -3.50 -8.81
N ARG B 272 39.86 -3.79 -7.86
CA ARG B 272 38.74 -2.90 -7.54
C ARG B 272 39.16 -1.90 -6.47
N LYS B 273 38.82 -0.64 -6.69
CA LYS B 273 39.17 0.44 -5.79
C LYS B 273 37.90 1.18 -5.39
N SER B 274 37.69 1.37 -4.10
CA SER B 274 36.48 2.00 -3.60
C SER B 274 36.68 3.51 -3.51
N ILE B 275 35.74 4.26 -4.06
CA ILE B 275 35.75 5.71 -4.04
C ILE B 275 34.49 6.17 -3.33
N ARG B 276 34.65 6.89 -2.23
CA ARG B 276 33.51 7.39 -1.48
C ARG B 276 32.96 8.65 -2.14
N ILE B 277 31.73 8.57 -2.64
CA ILE B 277 31.14 9.69 -3.38
C ILE B 277 30.04 10.33 -2.54
N GLY B 278 29.98 9.99 -1.26
CA GLY B 278 29.02 10.60 -0.37
C GLY B 278 28.86 9.83 0.93
N PRO B 279 28.05 10.38 1.83
CA PRO B 279 27.77 9.65 3.08
C PRO B 279 27.08 8.33 2.80
N GLY B 280 27.76 7.24 3.15
CA GLY B 280 27.23 5.91 2.87
C GLY B 280 27.12 5.61 1.40
N GLN B 281 28.00 6.16 0.57
CA GLN B 281 28.03 5.91 -0.86
C GLN B 281 29.38 5.32 -1.20
N TRP B 282 29.38 4.23 -1.97
CA TRP B 282 30.60 3.49 -2.28
C TRP B 282 30.64 3.20 -3.78
N PHE B 283 31.32 4.05 -4.53
CA PHE B 283 31.52 3.80 -5.95
C PHE B 283 32.78 2.97 -6.14
N TYR B 284 32.65 1.84 -6.83
CA TYR B 284 33.74 0.89 -7.02
C TYR B 284 34.26 1.04 -8.43
N ALA B 285 35.50 1.54 -8.55
CA ALA B 285 36.11 1.81 -9.84
C ALA B 285 37.32 0.92 -10.05
N THR B 286 37.60 0.63 -11.31
CA THR B 286 38.77 -0.18 -11.66
C THR B 286 40.04 0.54 -11.23
N GLY B 287 40.96 -0.20 -10.64
CA GLY B 287 42.20 0.39 -10.17
C GLY B 287 43.34 0.21 -11.13
N ASP B 288 44.41 -0.45 -10.68
CA ASP B 288 45.58 -0.73 -11.49
C ASP B 288 45.59 -2.20 -11.85
N ILE B 289 45.73 -2.50 -13.14
CA ILE B 289 45.73 -3.89 -13.59
C ILE B 289 47.03 -4.56 -13.16
N ILE B 290 46.92 -5.65 -12.41
CA ILE B 290 48.09 -6.37 -11.90
C ILE B 290 48.58 -7.28 -13.02
N GLY B 291 49.58 -6.83 -13.77
CA GLY B 291 50.14 -7.66 -14.82
C GLY B 291 49.95 -7.09 -16.21
N ASP B 292 49.70 -7.98 -17.17
CA ASP B 292 49.60 -7.60 -18.57
C ASP B 292 48.14 -7.39 -18.96
N ILE B 293 47.94 -6.66 -20.05
CA ILE B 293 46.62 -6.39 -20.61
C ILE B 293 46.42 -7.28 -21.81
N ARG B 294 45.36 -8.09 -21.80
CA ARG B 294 45.04 -8.96 -22.91
C ARG B 294 43.55 -8.91 -23.19
N GLN B 295 43.20 -9.18 -24.45
CA GLN B 295 41.80 -9.18 -24.87
C GLN B 295 41.07 -10.35 -24.23
N ALA B 296 39.91 -10.07 -23.65
CA ALA B 296 39.04 -11.14 -23.19
C ALA B 296 38.46 -11.87 -24.39
N HIS B 297 38.56 -13.19 -24.39
CA HIS B 297 38.17 -13.99 -25.54
C HIS B 297 37.39 -15.21 -25.08
N CYS B 298 36.65 -15.79 -26.02
CA CYS B 298 35.89 -17.01 -25.78
C CYS B 298 36.41 -18.10 -26.70
N ASN B 299 36.78 -19.24 -26.12
CA ASN B 299 37.32 -20.36 -26.87
C ASN B 299 36.22 -21.37 -27.12
N VAL B 300 36.10 -21.82 -28.36
CA VAL B 300 35.14 -22.84 -28.76
C VAL B 300 35.90 -23.92 -29.53
N SER B 301 35.57 -25.19 -29.27
CA SER B 301 36.19 -26.28 -30.00
C SER B 301 35.80 -26.19 -31.47
N LYS B 302 36.81 -26.20 -32.35
CA LYS B 302 36.53 -26.01 -33.77
C LYS B 302 35.88 -27.25 -34.38
N ALA B 303 36.39 -28.44 -34.06
CA ALA B 303 35.81 -29.66 -34.59
C ALA B 303 34.38 -29.86 -34.10
N THR B 304 34.15 -29.63 -32.79
CA THR B 304 32.81 -29.79 -32.24
C THR B 304 31.85 -28.80 -32.88
N TRP B 305 32.27 -27.55 -33.04
CA TRP B 305 31.39 -26.57 -33.67
C TRP B 305 31.12 -26.90 -35.12
N ASN B 306 32.13 -27.43 -35.84
CA ASN B 306 31.91 -27.82 -37.22
C ASN B 306 30.90 -28.96 -37.31
N GLU B 307 31.02 -29.96 -36.43
CA GLU B 307 30.07 -31.07 -36.44
C GLU B 307 28.67 -30.59 -36.10
N THR B 308 28.55 -29.69 -35.12
CA THR B 308 27.24 -29.19 -34.74
C THR B 308 26.62 -28.35 -35.85
N LEU B 309 27.44 -27.55 -36.54
CA LEU B 309 26.95 -26.81 -37.69
C LEU B 309 26.52 -27.76 -38.80
N GLY B 310 27.24 -28.87 -38.98
CA GLY B 310 26.83 -29.85 -39.96
C GLY B 310 25.48 -30.47 -39.63
N LYS B 311 25.27 -30.81 -38.37
CA LYS B 311 23.98 -31.34 -37.95
C LYS B 311 22.87 -30.32 -38.15
N VAL B 312 23.15 -29.06 -37.80
CA VAL B 312 22.16 -27.99 -37.96
C VAL B 312 21.80 -27.82 -39.42
N VAL B 313 22.79 -27.80 -40.31
CA VAL B 313 22.50 -27.63 -41.73
C VAL B 313 21.78 -28.85 -42.28
N LYS B 314 22.12 -30.05 -41.80
CA LYS B 314 21.43 -31.25 -42.27
C LYS B 314 19.96 -31.18 -41.93
N GLN B 315 19.62 -30.78 -40.71
CA GLN B 315 18.21 -30.74 -40.37
C GLN B 315 17.53 -29.54 -41.02
N LEU B 316 18.20 -28.39 -41.13
CA LEU B 316 17.65 -27.21 -41.75
C LEU B 316 17.38 -27.39 -43.23
N ARG B 317 18.09 -28.30 -43.90
CA ARG B 317 17.81 -28.57 -45.30
C ARG B 317 16.40 -29.07 -45.53
N LYS B 318 15.75 -29.65 -44.51
CA LYS B 318 14.40 -30.19 -44.66
C LYS B 318 13.36 -29.12 -44.96
N HIS B 319 13.65 -27.84 -44.69
CA HIS B 319 12.68 -26.77 -44.89
C HIS B 319 12.99 -25.92 -46.11
N PHE B 320 14.06 -26.22 -46.85
CA PHE B 320 14.40 -25.42 -48.01
C PHE B 320 14.87 -26.22 -49.22
N GLY B 321 14.73 -27.54 -49.20
CA GLY B 321 15.13 -28.36 -50.32
C GLY B 321 16.51 -28.94 -50.14
N ASN B 322 16.72 -30.13 -50.72
CA ASN B 322 17.99 -30.83 -50.59
C ASN B 322 19.08 -30.27 -51.48
N ASN B 323 18.73 -29.44 -52.46
CA ASN B 323 19.69 -28.81 -53.34
C ASN B 323 19.94 -27.34 -53.00
N THR B 324 19.72 -26.96 -51.75
CA THR B 324 19.85 -25.57 -51.34
C THR B 324 21.21 -25.33 -50.71
N ILE B 325 21.82 -24.20 -51.07
CA ILE B 325 23.10 -23.78 -50.52
C ILE B 325 22.81 -22.95 -49.27
N ILE B 326 23.17 -23.48 -48.12
CA ILE B 326 22.93 -22.81 -46.83
C ILE B 326 24.23 -22.18 -46.37
N ARG B 327 24.21 -20.88 -46.14
CA ARG B 327 25.39 -20.08 -45.88
C ARG B 327 25.25 -19.35 -44.54
N PHE B 328 26.38 -19.22 -43.85
CA PHE B 328 26.43 -18.50 -42.58
C PHE B 328 27.35 -17.28 -42.73
N ALA B 329 26.86 -16.12 -42.33
CA ALA B 329 27.64 -14.89 -42.31
C ALA B 329 27.52 -14.24 -40.94
N ASN B 330 28.35 -13.22 -40.70
CA ASN B 330 28.29 -12.53 -39.43
C ASN B 330 27.04 -11.65 -39.36
N SER B 331 26.90 -10.91 -38.27
CA SER B 331 25.69 -10.14 -38.04
C SER B 331 25.55 -9.04 -39.11
N SER B 332 24.31 -8.58 -39.26
CA SER B 332 24.01 -7.57 -40.27
C SER B 332 24.44 -6.18 -39.82
N GLY B 333 24.05 -5.80 -38.62
CA GLY B 333 24.39 -4.48 -38.09
C GLY B 333 23.32 -4.02 -37.11
N GLY B 334 23.71 -3.04 -36.29
CA GLY B 334 22.85 -2.50 -35.26
C GLY B 334 23.65 -2.17 -34.03
N ARG B 335 22.99 -2.23 -32.88
CA ARG B 335 23.67 -1.98 -31.62
C ARG B 335 24.62 -3.12 -31.29
N LEU B 336 25.54 -2.86 -30.37
CA LEU B 336 26.54 -3.85 -30.01
C LEU B 336 25.90 -5.09 -29.38
N GLU B 337 24.72 -4.93 -28.77
CA GLU B 337 24.05 -6.08 -28.17
C GLU B 337 23.62 -7.09 -29.21
N VAL B 338 23.12 -6.64 -30.36
CA VAL B 338 22.67 -7.55 -31.40
C VAL B 338 23.76 -7.90 -32.41
N THR B 339 24.74 -7.01 -32.61
CA THR B 339 25.84 -7.31 -33.52
C THR B 339 26.73 -8.42 -32.99
N THR B 340 27.01 -8.45 -31.69
CA THR B 340 27.91 -9.41 -31.11
C THR B 340 27.18 -10.25 -30.06
N HIS B 341 27.79 -11.39 -29.71
CA HIS B 341 27.24 -12.30 -28.72
C HIS B 341 27.39 -11.71 -27.32
N SER B 342 26.36 -11.04 -26.83
CA SER B 342 26.40 -10.41 -25.53
C SER B 342 25.93 -11.39 -24.47
N PHE B 343 26.70 -11.52 -23.39
CA PHE B 343 26.32 -12.38 -22.29
C PHE B 343 27.00 -11.91 -21.03
N ASN B 344 26.42 -12.28 -19.90
CA ASN B 344 26.93 -11.91 -18.58
C ASN B 344 27.28 -13.22 -17.87
N CYS B 345 28.54 -13.34 -17.45
CA CYS B 345 28.96 -14.47 -16.64
C CYS B 345 30.16 -14.05 -15.81
N GLY B 346 30.10 -14.28 -14.50
CA GLY B 346 31.10 -13.84 -13.57
C GLY B 346 30.89 -12.43 -13.04
N GLY B 347 29.91 -11.70 -13.57
CA GLY B 347 29.64 -10.34 -13.17
C GLY B 347 30.12 -9.30 -14.16
N GLU B 348 30.98 -9.68 -15.10
CA GLU B 348 31.46 -8.77 -16.14
C GLU B 348 30.74 -9.07 -17.44
N PHE B 349 30.18 -8.04 -18.06
CA PHE B 349 29.36 -8.21 -19.26
C PHE B 349 30.26 -8.23 -20.49
N PHE B 350 30.29 -9.36 -21.17
CA PHE B 350 31.07 -9.52 -22.39
C PHE B 350 30.25 -9.12 -23.61
N TYR B 351 30.95 -8.83 -24.70
CA TYR B 351 30.31 -8.57 -26.00
C TYR B 351 31.22 -9.18 -27.06
N CYS B 352 30.99 -10.45 -27.38
CA CYS B 352 31.91 -11.25 -28.18
C CYS B 352 31.55 -11.17 -29.66
N ASN B 353 32.41 -10.51 -30.43
CA ASN B 353 32.36 -10.55 -31.88
C ASN B 353 32.35 -12.01 -32.33
N THR B 354 31.27 -12.43 -32.98
CA THR B 354 31.11 -13.82 -33.40
C THR B 354 31.22 -14.00 -34.90
N SER B 355 32.08 -13.22 -35.56
CA SER B 355 32.31 -13.45 -36.98
C SER B 355 33.15 -14.69 -37.22
N GLY B 356 33.82 -15.21 -36.19
CA GLY B 356 34.61 -16.42 -36.34
C GLY B 356 33.81 -17.69 -36.32
N LEU B 357 32.56 -17.63 -35.88
CA LEU B 357 31.71 -18.81 -35.80
C LEU B 357 30.93 -19.03 -37.09
N PHE B 358 30.26 -17.99 -37.58
CA PHE B 358 29.39 -18.10 -38.74
C PHE B 358 30.12 -17.62 -39.99
N ASN B 359 31.11 -18.41 -40.42
CA ASN B 359 31.66 -18.18 -41.75
C ASN B 359 31.85 -19.51 -42.47
N SER B 360 30.82 -19.95 -43.19
CA SER B 360 30.88 -21.20 -43.91
C SER B 360 29.87 -21.15 -45.05
N THR B 361 30.09 -22.00 -46.05
CA THR B 361 29.17 -22.17 -47.16
C THR B 361 28.98 -23.66 -47.38
N TRP B 362 27.77 -24.15 -47.11
CA TRP B 362 27.47 -25.57 -47.16
C TRP B 362 26.76 -25.88 -48.46
N ILE B 363 27.36 -26.75 -49.27
CA ILE B 363 26.77 -27.18 -50.52
C ILE B 363 26.36 -28.64 -50.41
N SER B 364 25.57 -29.10 -51.37
CA SER B 364 25.09 -30.48 -51.37
C SER B 364 26.23 -31.46 -51.62
N ASN B 377 41.45 -30.78 -31.63
CA ASN B 377 42.54 -30.21 -30.84
C ASN B 377 42.56 -28.69 -30.95
N ASP B 378 42.41 -28.17 -32.17
CA ASP B 378 42.38 -26.74 -32.40
C ASP B 378 41.09 -26.14 -31.86
N SER B 379 41.13 -24.82 -31.65
CA SER B 379 40.00 -24.09 -31.08
C SER B 379 39.80 -22.79 -31.83
N ILE B 380 38.57 -22.28 -31.74
CA ILE B 380 38.21 -21.00 -32.32
C ILE B 380 38.21 -19.95 -31.20
N THR B 381 38.92 -18.86 -31.42
CA THR B 381 39.02 -17.77 -30.45
C THR B 381 38.21 -16.60 -30.96
N LEU B 382 37.24 -16.16 -30.16
CA LEU B 382 36.42 -15.00 -30.50
C LEU B 382 36.84 -13.82 -29.65
N PRO B 383 37.35 -12.74 -30.24
CA PRO B 383 37.70 -11.57 -29.43
C PRO B 383 36.44 -10.92 -28.85
N CYS B 384 36.47 -10.63 -27.57
CA CYS B 384 35.33 -10.05 -26.86
C CYS B 384 35.72 -8.71 -26.28
N ARG B 385 34.76 -7.78 -26.26
CA ARG B 385 34.94 -6.47 -25.66
C ARG B 385 34.01 -6.35 -24.46
N ILE B 386 34.54 -5.84 -23.36
CA ILE B 386 33.81 -5.77 -22.10
C ILE B 386 33.30 -4.36 -21.88
N LYS B 387 32.05 -4.25 -21.45
CA LYS B 387 31.44 -2.99 -21.09
C LYS B 387 31.07 -2.99 -19.62
N GLN B 388 30.92 -1.80 -19.06
CA GLN B 388 30.45 -1.65 -17.69
C GLN B 388 29.14 -0.89 -17.58
N ILE B 389 28.93 0.12 -18.43
CA ILE B 389 27.68 0.89 -18.41
C ILE B 389 26.73 0.18 -19.37
N ILE B 390 25.74 -0.51 -18.80
CA ILE B 390 24.84 -1.37 -19.55
C ILE B 390 23.43 -0.82 -19.46
N ASN B 391 22.67 -0.99 -20.53
CA ASN B 391 21.22 -0.77 -20.56
C ASN B 391 20.61 -2.06 -21.12
N MET B 392 20.36 -3.01 -20.21
CA MET B 392 20.11 -4.39 -20.63
C MET B 392 18.83 -4.51 -21.44
N TRP B 393 17.74 -3.91 -20.96
CA TRP B 393 16.42 -4.10 -21.54
C TRP B 393 16.06 -3.00 -22.54
N GLN B 394 17.07 -2.39 -23.16
CA GLN B 394 16.88 -1.37 -24.21
C GLN B 394 16.04 -0.19 -23.74
N ARG B 395 15.90 -0.02 -22.43
CA ARG B 395 15.08 1.05 -21.89
C ARG B 395 15.78 2.39 -22.01
N ILE B 396 15.00 3.43 -22.29
CA ILE B 396 15.53 4.78 -22.42
C ILE B 396 15.46 5.46 -21.05
N GLY B 397 16.60 6.01 -20.61
CA GLY B 397 16.65 6.70 -19.33
C GLY B 397 17.09 5.87 -18.15
N GLN B 398 17.29 4.57 -18.34
CA GLN B 398 17.73 3.69 -17.25
C GLN B 398 18.94 2.91 -17.70
N ALA B 399 20.00 2.93 -16.89
CA ALA B 399 21.24 2.23 -17.20
C ALA B 399 21.80 1.64 -15.90
N MET B 400 22.80 0.79 -16.05
CA MET B 400 23.43 0.13 -14.91
C MET B 400 24.94 0.15 -15.08
N TYR B 401 25.65 0.34 -13.98
CA TYR B 401 27.11 0.28 -13.96
C TYR B 401 27.52 -0.97 -13.19
N ALA B 402 28.05 -1.96 -13.91
CA ALA B 402 28.48 -3.19 -13.25
C ALA B 402 29.85 -2.98 -12.65
N PRO B 403 29.99 -3.08 -11.32
CA PRO B 403 31.28 -2.83 -10.70
C PRO B 403 32.29 -3.88 -11.13
N PRO B 404 33.56 -3.51 -11.18
CA PRO B 404 34.58 -4.48 -11.61
C PRO B 404 34.69 -5.65 -10.65
N ILE B 405 35.00 -6.81 -11.22
CA ILE B 405 35.13 -8.06 -10.47
C ILE B 405 36.62 -8.32 -10.24
N GLN B 406 37.01 -8.50 -8.98
CA GLN B 406 38.40 -8.70 -8.65
C GLN B 406 38.91 -10.02 -9.18
N GLY B 407 40.14 -10.02 -9.67
CA GLY B 407 40.77 -11.24 -10.16
C GLY B 407 40.43 -11.55 -11.59
N VAL B 408 41.08 -12.59 -12.10
CA VAL B 408 40.86 -13.06 -13.46
C VAL B 408 39.63 -13.94 -13.47
N ILE B 409 38.77 -13.74 -14.46
CA ILE B 409 37.50 -14.44 -14.57
C ILE B 409 37.62 -15.53 -15.61
N ARG B 410 37.33 -16.77 -15.23
CA ARG B 410 37.22 -17.88 -16.15
C ARG B 410 35.80 -18.42 -16.08
N CYS B 411 35.23 -18.71 -17.24
CA CYS B 411 33.79 -18.93 -17.34
C CYS B 411 33.52 -19.98 -18.40
N VAL B 412 32.91 -21.09 -17.98
CA VAL B 412 32.63 -22.23 -18.85
C VAL B 412 31.13 -22.35 -18.99
N SER B 413 30.65 -22.49 -20.23
CA SER B 413 29.23 -22.53 -20.49
C SER B 413 28.95 -23.44 -21.69
N ASN B 414 27.70 -23.87 -21.78
CA ASN B 414 27.22 -24.69 -22.89
C ASN B 414 26.51 -23.81 -23.91
N ILE B 415 26.79 -24.04 -25.18
CA ILE B 415 26.01 -23.42 -26.26
C ILE B 415 24.98 -24.46 -26.68
N THR B 416 23.73 -24.24 -26.29
CA THR B 416 22.66 -25.18 -26.57
C THR B 416 21.69 -24.70 -27.63
N GLY B 417 22.07 -23.71 -28.43
CA GLY B 417 21.19 -23.25 -29.49
C GLY B 417 21.63 -21.90 -29.99
N LEU B 418 21.05 -21.53 -31.14
CA LEU B 418 21.33 -20.26 -31.78
C LEU B 418 20.02 -19.51 -31.99
N ILE B 419 20.14 -18.26 -32.42
CA ILE B 419 19.00 -17.47 -32.88
C ILE B 419 19.40 -16.91 -34.24
N LEU B 420 19.06 -17.64 -35.29
CA LEU B 420 19.44 -17.25 -36.65
C LEU B 420 18.39 -16.31 -37.24
N THR B 421 18.73 -15.75 -38.40
CA THR B 421 17.81 -14.89 -39.13
C THR B 421 18.13 -15.02 -40.62
N ARG B 422 17.15 -15.44 -41.39
CA ARG B 422 17.35 -15.66 -42.82
C ARG B 422 17.16 -14.35 -43.57
N ASP B 423 18.18 -13.95 -44.32
CA ASP B 423 18.10 -12.69 -45.06
C ASP B 423 17.13 -12.83 -46.22
N GLY B 424 16.66 -11.68 -46.71
CA GLY B 424 15.71 -11.67 -47.80
C GLY B 424 16.27 -12.18 -49.11
N GLY B 425 15.83 -13.37 -49.52
CA GLY B 425 16.29 -13.93 -50.77
C GLY B 425 15.66 -13.28 -51.98
N SER B 426 16.24 -13.57 -53.14
CA SER B 426 15.76 -13.02 -54.40
C SER B 426 14.73 -13.92 -55.08
N THR B 427 14.36 -15.03 -54.45
CA THR B 427 13.36 -16.01 -54.92
C THR B 427 13.86 -16.78 -56.14
N ASN B 428 15.01 -16.40 -56.72
CA ASN B 428 15.57 -17.11 -57.86
C ASN B 428 17.03 -17.50 -57.61
N SER B 429 17.46 -17.50 -56.35
CA SER B 429 18.81 -17.86 -55.99
C SER B 429 18.81 -19.15 -55.17
N THR B 430 19.81 -19.99 -55.41
CA THR B 430 19.93 -21.27 -54.75
C THR B 430 20.60 -21.18 -53.39
N THR B 431 21.18 -20.03 -53.05
CA THR B 431 21.93 -19.86 -51.81
C THR B 431 21.08 -19.18 -50.76
N GLU B 432 21.05 -19.73 -49.56
CA GLU B 432 20.36 -19.16 -48.42
C GLU B 432 21.39 -18.75 -47.38
N THR B 433 21.32 -17.49 -46.94
CA THR B 433 22.29 -16.94 -45.99
C THR B 433 21.61 -16.74 -44.65
N PHE B 434 22.26 -17.23 -43.59
CA PHE B 434 21.76 -17.10 -42.23
C PHE B 434 22.75 -16.31 -41.40
N ARG B 435 22.27 -15.25 -40.76
CA ARG B 435 23.09 -14.41 -39.91
C ARG B 435 22.52 -14.43 -38.49
N PRO B 436 23.36 -14.61 -37.46
CA PRO B 436 22.83 -14.66 -36.10
C PRO B 436 22.23 -13.32 -35.70
N GLY B 437 20.96 -13.36 -35.32
CA GLY B 437 20.24 -12.19 -34.86
C GLY B 437 19.99 -12.23 -33.37
N GLY B 438 18.76 -11.92 -32.98
CA GLY B 438 18.36 -11.95 -31.59
C GLY B 438 18.08 -10.55 -31.06
N GLY B 439 18.40 -10.36 -29.78
CA GLY B 439 18.18 -9.10 -29.11
C GLY B 439 16.86 -9.02 -28.38
N ASP B 440 15.88 -9.84 -28.76
CA ASP B 440 14.61 -9.93 -28.05
C ASP B 440 14.73 -11.05 -27.04
N MET B 441 14.70 -10.71 -25.76
CA MET B 441 14.93 -11.69 -24.72
C MET B 441 13.87 -12.77 -24.72
N ARG B 442 12.66 -12.42 -25.18
CA ARG B 442 11.57 -13.39 -25.24
C ARG B 442 11.90 -14.55 -26.15
N ASP B 443 12.75 -14.33 -27.16
CA ASP B 443 13.22 -15.45 -27.97
C ASP B 443 14.09 -16.39 -27.16
N ASN B 444 14.94 -15.86 -26.28
CA ASN B 444 15.72 -16.72 -25.39
C ASN B 444 14.83 -17.52 -24.46
N TRP B 445 13.82 -16.87 -23.87
CA TRP B 445 12.96 -17.58 -22.92
C TRP B 445 11.87 -18.39 -23.60
N ARG B 446 11.73 -18.29 -24.92
CA ARG B 446 10.81 -19.14 -25.65
C ARG B 446 11.40 -20.49 -25.96
N SER B 447 12.72 -20.65 -25.84
CA SER B 447 13.36 -21.93 -26.09
C SER B 447 13.30 -22.86 -24.88
N GLU B 448 12.97 -22.33 -23.70
CA GLU B 448 12.75 -23.16 -22.52
C GLU B 448 11.28 -23.37 -22.22
N LEU B 449 10.43 -22.38 -22.49
CA LEU B 449 9.00 -22.48 -22.29
C LEU B 449 8.28 -22.95 -23.55
N TYR B 450 8.97 -23.69 -24.41
CA TYR B 450 8.39 -24.15 -25.66
C TYR B 450 7.49 -25.38 -25.49
N LYS B 451 7.85 -26.28 -24.58
CA LYS B 451 7.12 -27.52 -24.37
C LYS B 451 6.01 -27.39 -23.33
N TYR B 452 5.75 -26.18 -22.85
CA TYR B 452 4.89 -25.96 -21.71
C TYR B 452 3.65 -25.16 -22.10
N LYS B 453 2.59 -25.34 -21.32
CA LYS B 453 1.32 -24.67 -21.55
C LYS B 453 0.43 -24.75 -20.31
N VAL B 454 -0.20 -23.63 -19.94
CA VAL B 454 -0.99 -23.55 -18.73
C VAL B 454 -2.46 -23.70 -19.09
N VAL B 455 -3.17 -24.56 -18.37
CA VAL B 455 -4.60 -24.79 -18.59
C VAL B 455 -5.34 -24.52 -17.29
N LYS B 456 -6.64 -24.26 -17.42
CA LYS B 456 -7.51 -23.95 -16.31
C LYS B 456 -8.48 -25.11 -16.12
N ILE B 457 -8.47 -25.70 -14.92
CA ILE B 457 -9.31 -26.87 -14.66
C ILE B 457 -10.77 -26.43 -14.57
N GLU B 458 -11.63 -27.12 -15.30
CA GLU B 458 -13.08 -26.92 -15.22
C GLU B 458 -13.71 -28.17 -14.60
N PRO B 459 -13.68 -28.31 -13.28
CA PRO B 459 -14.09 -29.57 -12.66
C PRO B 459 -15.58 -29.82 -12.68
N LEU B 460 -16.38 -28.85 -13.10
CA LEU B 460 -17.84 -28.97 -13.06
C LEU B 460 -18.35 -29.32 -14.46
N GLY B 461 -19.03 -30.46 -14.57
CA GLY B 461 -19.57 -30.87 -15.85
C GLY B 461 -20.95 -31.48 -15.67
N VAL B 462 -21.68 -31.54 -16.77
CA VAL B 462 -23.03 -32.09 -16.78
C VAL B 462 -23.11 -33.19 -17.83
N ALA B 463 -23.74 -34.31 -17.46
CA ALA B 463 -23.86 -35.45 -18.35
C ALA B 463 -25.19 -36.14 -18.09
N PRO B 464 -25.84 -36.67 -19.12
CA PRO B 464 -27.13 -37.33 -18.92
C PRO B 464 -26.98 -38.77 -18.47
N THR B 465 -27.89 -39.18 -17.59
CA THR B 465 -27.98 -40.57 -17.17
C THR B 465 -29.38 -40.81 -16.63
N ARG B 466 -29.65 -42.05 -16.24
CA ARG B 466 -30.98 -42.45 -15.81
C ARG B 466 -31.26 -42.10 -14.34
N CYS B 467 -30.49 -41.19 -13.75
CA CYS B 467 -30.73 -40.78 -12.37
C CYS B 467 -32.03 -39.98 -12.25
N LYS B 468 -32.51 -39.87 -11.02
CA LYS B 468 -33.62 -38.98 -10.70
C LYS B 468 -33.60 -38.76 -9.20
N ARG B 469 -33.49 -37.51 -8.77
CA ARG B 469 -33.45 -37.20 -7.35
C ARG B 469 -34.82 -37.48 -6.72
N ARG B 470 -34.82 -38.20 -5.60
CA ARG B 470 -36.07 -38.54 -4.94
C ARG B 470 -36.47 -37.47 -3.93
N LEU C 2 -16.78 -50.30 15.50
CA LEU C 2 -15.60 -49.47 15.66
C LEU C 2 -15.01 -49.12 14.30
N TRP C 3 -15.77 -48.37 13.51
CA TRP C 3 -15.30 -47.87 12.22
C TRP C 3 -14.84 -46.43 12.37
N VAL C 4 -14.02 -45.99 11.42
CA VAL C 4 -13.44 -44.65 11.45
C VAL C 4 -14.54 -43.60 11.42
N THR C 5 -14.56 -42.74 12.42
CA THR C 5 -15.50 -41.62 12.47
C THR C 5 -14.73 -40.31 12.46
N VAL C 6 -15.38 -39.26 11.97
CA VAL C 6 -14.76 -37.96 11.72
C VAL C 6 -15.35 -36.94 12.68
N TYR C 7 -14.47 -36.18 13.33
CA TYR C 7 -14.85 -35.11 14.24
C TYR C 7 -14.23 -33.80 13.80
N TYR C 8 -15.04 -32.75 13.78
CA TYR C 8 -14.60 -31.44 13.32
C TYR C 8 -14.78 -30.44 14.45
N GLY C 9 -13.77 -29.59 14.63
CA GLY C 9 -13.77 -28.63 15.72
C GLY C 9 -13.19 -29.15 17.03
N VAL C 10 -12.39 -30.21 16.99
CA VAL C 10 -11.80 -30.76 18.20
C VAL C 10 -10.68 -29.83 18.67
N PRO C 11 -10.50 -29.65 19.98
CA PRO C 11 -9.41 -28.80 20.49
C PRO C 11 -8.05 -29.49 20.51
N VAL C 12 -7.37 -29.44 19.37
CA VAL C 12 -6.01 -29.96 19.23
C VAL C 12 -5.17 -28.91 18.53
N TRP C 13 -3.94 -28.71 18.99
CA TRP C 13 -3.07 -27.70 18.41
C TRP C 13 -1.70 -28.31 18.13
N LYS C 14 -0.97 -27.68 17.21
CA LYS C 14 0.42 -28.01 16.96
C LYS C 14 1.20 -26.72 16.86
N ASP C 15 2.41 -26.70 17.44
CA ASP C 15 3.24 -25.50 17.41
C ASP C 15 3.66 -25.18 16.00
N ALA C 16 3.45 -23.92 15.60
CA ALA C 16 3.80 -23.47 14.26
C ALA C 16 3.99 -21.96 14.29
N GLU C 17 4.62 -21.45 13.23
CA GLU C 17 4.91 -20.03 13.10
C GLU C 17 4.01 -19.41 12.04
N THR C 18 3.52 -18.20 12.31
CA THR C 18 2.63 -17.51 11.40
C THR C 18 2.75 -16.01 11.66
N THR C 19 2.23 -15.24 10.71
CA THR C 19 2.25 -13.78 10.79
C THR C 19 1.13 -13.31 11.70
N LEU C 20 1.46 -12.54 12.72
CA LEU C 20 0.51 -12.00 13.67
C LEU C 20 0.34 -10.51 13.46
N PHE C 21 -0.91 -10.06 13.37
CA PHE C 21 -1.18 -8.64 13.18
C PHE C 21 -1.21 -7.93 14.54
N CYS C 22 -1.36 -6.61 14.47
CA CYS C 22 -1.32 -5.75 15.64
C CYS C 22 -2.70 -5.18 15.94
N ALA C 23 -2.99 -5.02 17.23
CA ALA C 23 -4.21 -4.38 17.69
C ALA C 23 -3.86 -3.37 18.77
N SER C 24 -4.35 -2.14 18.61
CA SER C 24 -4.05 -1.06 19.54
C SER C 24 -5.36 -0.43 20.02
N ASP C 25 -5.47 -0.27 21.34
CA ASP C 25 -6.65 0.35 21.94
C ASP C 25 -6.61 1.86 21.80
N LYS C 33 -2.40 11.35 17.39
CA LYS C 33 -0.99 11.59 17.11
C LYS C 33 -0.33 10.34 16.54
N HIS C 34 0.41 10.52 15.44
CA HIS C 34 1.08 9.39 14.79
C HIS C 34 2.35 9.02 15.54
N ASN C 35 2.75 7.75 15.38
CA ASN C 35 3.94 7.23 16.01
C ASN C 35 4.77 6.47 14.98
N VAL C 36 6.04 6.22 15.33
CA VAL C 36 6.89 5.41 14.47
C VAL C 36 6.30 4.01 14.32
N TRP C 37 5.71 3.48 15.38
CA TRP C 37 4.97 2.24 15.33
C TRP C 37 3.52 2.59 15.04
N ALA C 38 3.06 2.29 13.82
CA ALA C 38 1.77 2.75 13.36
C ALA C 38 0.63 2.02 14.06
N THR C 39 0.40 2.37 15.33
CA THR C 39 -0.73 1.80 16.06
C THR C 39 -2.06 2.24 15.48
N HIS C 40 -2.10 3.34 14.75
CA HIS C 40 -3.34 3.78 14.11
C HIS C 40 -3.80 2.79 13.04
N ALA C 41 -2.86 2.16 12.33
CA ALA C 41 -3.20 1.16 11.34
C ALA C 41 -3.59 -0.17 11.95
N CYS C 42 -3.34 -0.37 13.24
CA CYS C 42 -3.74 -1.61 13.89
C CYS C 42 -5.25 -1.66 14.07
N VAL C 43 -5.78 -2.88 14.11
CA VAL C 43 -7.21 -3.09 14.28
C VAL C 43 -7.60 -2.71 15.70
N PRO C 44 -8.83 -2.24 15.93
CA PRO C 44 -9.26 -1.94 17.30
C PRO C 44 -9.46 -3.21 18.10
N THR C 45 -8.86 -3.26 19.29
CA THR C 45 -8.96 -4.44 20.13
C THR C 45 -10.34 -4.51 20.78
N ASP C 46 -10.63 -5.66 21.38
CA ASP C 46 -11.91 -5.89 22.04
C ASP C 46 -11.87 -5.43 23.49
N GLN C 50 -12.40 -12.26 27.52
CA GLN C 50 -11.83 -12.88 26.33
C GLN C 50 -10.67 -13.80 26.68
N GLU C 51 -10.42 -13.98 27.98
CA GLU C 51 -9.38 -14.86 28.46
C GLU C 51 -10.01 -16.19 28.88
N ILE C 52 -9.49 -17.28 28.36
CA ILE C 52 -10.04 -18.61 28.59
C ILE C 52 -9.00 -19.46 29.30
N HIS C 53 -9.38 -20.03 30.43
CA HIS C 53 -8.50 -20.93 31.15
C HIS C 53 -8.59 -22.35 30.59
N LEU C 54 -7.50 -23.09 30.75
CA LEU C 54 -7.37 -24.44 30.20
C LEU C 54 -6.99 -25.38 31.34
N GLU C 55 -7.90 -26.31 31.66
CA GLU C 55 -7.69 -27.22 32.77
C GLU C 55 -6.90 -28.44 32.34
N ASN C 56 -6.00 -28.90 33.22
CA ASN C 56 -5.26 -30.16 33.04
C ASN C 56 -4.43 -30.16 31.77
N VAL C 57 -3.91 -29.00 31.37
CA VAL C 57 -3.10 -28.88 30.16
C VAL C 57 -1.65 -28.69 30.55
N THR C 58 -0.76 -29.37 29.83
CA THR C 58 0.69 -29.23 30.01
C THR C 58 1.30 -28.89 28.66
N GLU C 59 1.82 -27.68 28.54
CA GLU C 59 2.35 -27.17 27.28
C GLU C 59 3.83 -26.87 27.42
N GLU C 60 4.61 -27.27 26.40
CA GLU C 60 6.04 -27.05 26.38
C GLU C 60 6.32 -25.66 25.81
N PHE C 61 6.78 -24.75 26.67
CA PHE C 61 7.14 -23.40 26.26
C PHE C 61 8.65 -23.29 26.10
N ASN C 62 9.07 -22.26 25.35
CA ASN C 62 10.50 -21.99 25.17
C ASN C 62 10.64 -20.52 24.78
N MET C 63 11.19 -19.72 25.70
CA MET C 63 11.34 -18.29 25.45
C MET C 63 12.44 -17.98 24.45
N TRP C 64 13.48 -18.81 24.36
CA TRP C 64 14.62 -18.50 23.50
C TRP C 64 14.47 -19.07 22.09
N LYS C 65 13.45 -19.87 21.83
CA LYS C 65 13.17 -20.35 20.48
C LYS C 65 11.80 -19.87 20.01
N ASN C 66 11.28 -18.83 20.66
CA ASN C 66 9.99 -18.27 20.31
C ASN C 66 10.14 -17.44 19.03
N ASN C 67 9.33 -17.75 18.03
CA ASN C 67 9.36 -16.99 16.79
C ASN C 67 8.68 -15.63 16.93
N MET C 68 7.85 -15.46 17.95
CA MET C 68 7.21 -14.16 18.17
C MET C 68 8.25 -13.07 18.42
N VAL C 69 9.37 -13.42 19.05
CA VAL C 69 10.41 -12.43 19.32
C VAL C 69 11.01 -11.91 18.01
N GLU C 70 11.40 -12.82 17.12
CA GLU C 70 11.95 -12.41 15.83
C GLU C 70 10.92 -11.64 15.02
N GLN C 71 9.67 -12.09 15.05
CA GLN C 71 8.62 -11.39 14.32
C GLN C 71 8.44 -9.97 14.83
N MET C 72 8.42 -9.79 16.15
CA MET C 72 8.29 -8.46 16.72
C MET C 72 9.49 -7.59 16.37
N HIS C 73 10.69 -8.16 16.42
CA HIS C 73 11.88 -7.37 16.09
C HIS C 73 11.83 -6.89 14.65
N THR C 74 11.47 -7.79 13.73
CA THR C 74 11.35 -7.40 12.32
C THR C 74 10.28 -6.34 12.14
N ASP C 75 9.13 -6.50 12.80
CA ASP C 75 8.05 -5.53 12.67
C ASP C 75 8.47 -4.16 13.22
N ILE C 76 9.17 -4.14 14.35
CA ILE C 76 9.60 -2.87 14.92
C ILE C 76 10.60 -2.18 14.00
N ILE C 77 11.55 -2.94 13.44
CA ILE C 77 12.51 -2.34 12.52
C ILE C 77 11.79 -1.79 11.29
N SER C 78 10.82 -2.53 10.75
CA SER C 78 10.11 -2.08 9.56
C SER C 78 9.29 -0.83 9.86
N LEU C 79 8.64 -0.78 11.02
CA LEU C 79 7.89 0.42 11.39
C LEU C 79 8.82 1.61 11.62
N TRP C 80 10.00 1.36 12.17
CA TRP C 80 10.94 2.44 12.43
C TRP C 80 11.44 3.04 11.11
N ASP C 81 11.91 2.19 10.19
CA ASP C 81 12.46 2.72 8.95
C ASP C 81 11.40 3.09 7.94
N GLN C 82 10.14 2.72 8.15
CA GLN C 82 9.06 3.21 7.28
C GLN C 82 8.73 4.66 7.59
N SER C 83 8.67 5.02 8.88
CA SER C 83 8.34 6.38 9.28
C SER C 83 9.45 7.37 8.97
N LEU C 84 10.65 6.90 8.62
CA LEU C 84 11.76 7.78 8.26
C LEU C 84 11.82 8.09 6.78
N LYS C 85 10.96 7.48 5.97
CA LYS C 85 11.00 7.68 4.52
C LYS C 85 10.44 9.04 4.10
N PRO C 86 9.23 9.45 4.57
CA PRO C 86 8.68 10.72 4.08
C PRO C 86 9.24 11.94 4.80
N CYS C 87 10.30 11.74 5.58
CA CYS C 87 10.88 12.82 6.37
C CYS C 87 12.08 13.43 5.65
N VAL C 88 12.57 14.52 6.24
CA VAL C 88 13.66 15.30 5.66
C VAL C 88 14.92 14.47 5.58
N LYS C 89 15.65 14.59 4.48
CA LYS C 89 16.94 13.96 4.31
C LYS C 89 18.03 15.02 4.47
N LEU C 90 18.93 14.82 5.42
CA LEU C 90 19.96 15.80 5.75
C LEU C 90 21.28 15.47 5.07
N THR C 91 21.28 15.54 3.75
CA THR C 91 22.52 15.38 3.00
C THR C 91 23.36 16.67 2.98
N PRO C 92 22.77 17.86 2.80
CA PRO C 92 23.60 19.07 2.78
C PRO C 92 24.29 19.36 4.10
N LEU C 93 23.85 18.77 5.21
CA LEU C 93 24.50 19.00 6.50
C LEU C 93 25.93 18.46 6.55
N CYS C 94 26.27 17.53 5.66
CA CYS C 94 27.61 16.93 5.68
C CYS C 94 28.62 17.91 5.07
N VAL C 95 28.93 18.94 5.85
CA VAL C 95 29.88 19.97 5.45
C VAL C 95 30.89 20.15 6.57
N THR C 96 31.92 20.95 6.30
CA THR C 96 32.90 21.28 7.32
C THR C 96 32.32 22.31 8.27
N LEU C 97 32.25 21.98 9.55
CA LEU C 97 31.67 22.85 10.56
C LEU C 97 32.79 23.49 11.37
N GLN C 98 32.77 24.82 11.44
CA GLN C 98 33.67 25.56 12.30
C GLN C 98 33.03 25.67 13.67
N CYS C 99 33.57 24.93 14.64
CA CYS C 99 32.94 24.80 15.94
C CYS C 99 33.80 25.43 17.03
N THR C 100 33.12 25.99 18.03
CA THR C 100 33.75 26.56 19.22
C THR C 100 33.02 26.08 20.45
N ASN C 101 33.73 26.05 21.57
CA ASN C 101 33.12 25.66 22.84
C ASN C 101 32.05 26.67 23.24
N VAL C 102 30.95 26.16 23.79
CA VAL C 102 29.78 27.01 24.03
C VAL C 102 30.08 28.08 25.09
N THR C 103 30.68 27.68 26.21
CA THR C 103 31.04 28.57 27.32
C THR C 103 29.85 29.48 27.66
N ASN C 104 28.78 28.84 28.14
CA ASN C 104 27.55 29.51 28.57
C ASN C 104 27.05 30.58 27.60
N ASP C 108 30.49 24.31 35.98
CA ASP C 108 29.90 23.52 34.92
C ASP C 108 30.73 22.27 34.63
N ASP C 109 30.12 21.10 34.78
CA ASP C 109 30.77 19.84 34.42
C ASP C 109 30.56 19.46 32.96
N MET C 110 29.49 19.95 32.33
CA MET C 110 29.29 19.74 30.91
C MET C 110 30.10 20.80 30.15
N ARG C 111 31.41 20.59 30.14
CA ARG C 111 32.35 21.50 29.52
C ARG C 111 32.85 20.86 28.23
N GLY C 112 32.59 21.52 27.10
CA GLY C 112 32.93 20.98 25.81
C GLY C 112 31.92 20.01 25.25
N GLU C 113 30.97 19.56 26.07
CA GLU C 113 29.95 18.61 25.63
C GLU C 113 28.83 19.29 24.84
N LEU C 114 28.85 20.61 24.73
CA LEU C 114 27.94 21.33 23.85
C LEU C 114 28.77 22.23 22.94
N LYS C 115 28.76 21.94 21.65
CA LYS C 115 29.61 22.63 20.68
C LYS C 115 28.79 23.61 19.86
N ASN C 116 29.31 24.82 19.70
CA ASN C 116 28.69 25.87 18.90
C ASN C 116 29.32 25.83 17.53
N CYS C 117 28.56 25.40 16.53
CA CYS C 117 29.08 25.15 15.19
C CYS C 117 28.36 26.05 14.18
N SER C 118 29.15 26.66 13.29
CA SER C 118 28.63 27.46 12.19
C SER C 118 29.13 26.87 10.87
N PHE C 119 28.24 26.83 9.88
CA PHE C 119 28.58 26.22 8.60
C PHE C 119 27.87 26.95 7.47
N ASN C 120 28.45 26.84 6.28
CA ASN C 120 27.84 27.35 5.06
C ASN C 120 26.61 26.52 4.75
N MET C 121 25.58 27.16 4.21
CA MET C 121 24.30 26.50 4.12
C MET C 121 23.57 26.97 2.86
N THR C 122 22.86 26.07 2.22
CA THR C 122 22.07 26.44 1.05
C THR C 122 20.74 27.05 1.48
N THR C 123 20.27 27.99 0.67
CA THR C 123 18.99 28.65 0.91
C THR C 123 18.00 28.20 -0.17
N GLU C 124 16.82 28.83 -0.18
CA GLU C 124 15.80 28.46 -1.16
C GLU C 124 16.31 28.65 -2.59
N LEU C 125 17.22 29.58 -2.81
CA LEU C 125 17.85 29.78 -4.10
C LEU C 125 19.12 28.93 -4.17
N ARG C 126 19.30 28.23 -5.29
CA ARG C 126 20.39 27.27 -5.40
C ARG C 126 21.76 27.96 -5.40
N ASP C 127 21.84 29.19 -5.89
CA ASP C 127 23.12 29.87 -6.06
C ASP C 127 23.43 30.85 -4.93
N LYS C 128 22.64 30.87 -3.86
CA LYS C 128 22.86 31.77 -2.74
C LYS C 128 23.24 30.94 -1.52
N LYS C 129 24.38 31.26 -0.92
CA LYS C 129 24.85 30.58 0.28
C LYS C 129 24.39 31.35 1.52
N GLN C 130 24.45 30.66 2.66
CA GLN C 130 23.99 31.24 3.92
C GLN C 130 24.85 30.67 5.04
N LYS C 131 25.23 31.53 6.00
CA LYS C 131 26.07 31.12 7.11
C LYS C 131 25.21 31.06 8.37
N VAL C 132 24.74 29.85 8.69
CA VAL C 132 23.89 29.64 9.85
C VAL C 132 24.71 28.97 10.94
N TYR C 133 24.13 28.88 12.14
CA TYR C 133 24.79 28.24 13.26
C TYR C 133 23.81 27.29 13.95
N SER C 134 24.36 26.29 14.62
CA SER C 134 23.57 25.33 15.37
C SER C 134 24.44 24.72 16.46
N LEU C 135 23.81 24.26 17.53
CA LEU C 135 24.51 23.64 18.64
C LEU C 135 24.50 22.14 18.45
N PHE C 136 25.68 21.51 18.55
CA PHE C 136 25.81 20.08 18.43
C PHE C 136 26.53 19.53 19.65
N TYR C 137 26.05 18.41 20.17
CA TYR C 137 26.71 17.75 21.29
C TYR C 137 28.04 17.15 20.83
N ARG C 138 28.95 16.99 21.79
CA ARG C 138 30.29 16.55 21.45
C ARG C 138 30.30 15.15 20.82
N LEU C 139 29.37 14.30 21.24
CA LEU C 139 29.27 12.96 20.68
C LEU C 139 28.76 12.95 19.24
N ASP C 140 28.17 14.05 18.79
CA ASP C 140 27.59 14.13 17.44
C ASP C 140 28.55 14.69 16.41
N VAL C 141 29.71 15.18 16.82
CA VAL C 141 30.67 15.79 15.91
C VAL C 141 32.06 15.25 16.19
N VAL C 142 32.80 15.00 15.13
CA VAL C 142 34.20 14.57 15.22
C VAL C 142 35.05 15.54 14.41
N GLN C 143 36.13 16.01 15.02
CA GLN C 143 36.97 17.01 14.35
C GLN C 143 37.77 16.37 13.22
N ILE C 144 38.11 17.20 12.24
CA ILE C 144 38.89 16.78 11.08
C ILE C 144 40.25 17.46 11.17
N ASN C 145 41.31 16.68 11.23
CA ASN C 145 42.66 17.22 11.33
C ASN C 145 43.20 17.55 9.94
N ASN C 156 39.24 28.88 15.21
CA ASN C 156 38.34 27.75 15.46
C ASN C 156 38.74 26.54 14.63
N LYS C 157 38.35 25.36 15.09
CA LYS C 157 38.69 24.10 14.45
C LYS C 157 37.55 23.61 13.58
N GLU C 158 37.88 22.73 12.64
CA GLU C 158 36.93 22.20 11.68
C GLU C 158 36.35 20.88 12.17
N TYR C 159 35.04 20.75 12.10
CA TYR C 159 34.33 19.56 12.54
C TYR C 159 33.36 19.10 11.45
N ARG C 160 32.89 17.87 11.59
CA ARG C 160 31.84 17.33 10.74
C ARG C 160 30.98 16.40 11.57
N LEU C 161 29.78 16.11 11.07
CA LEU C 161 28.88 15.24 11.78
C LEU C 161 29.47 13.84 11.92
N ILE C 162 29.13 13.17 13.01
CA ILE C 162 29.76 11.89 13.34
C ILE C 162 29.45 10.84 12.29
N ASN C 163 28.33 10.98 11.58
CA ASN C 163 27.92 9.97 10.61
C ASN C 163 27.88 10.54 9.21
N CYS C 164 28.94 11.24 8.80
CA CYS C 164 29.07 11.73 7.44
C CYS C 164 29.91 10.82 6.55
N ASN C 165 30.59 9.83 7.12
CA ASN C 165 31.41 8.92 6.32
C ASN C 165 30.91 7.48 6.37
N THR C 166 29.83 7.21 7.08
CA THR C 166 29.29 5.85 7.14
C THR C 166 27.83 5.77 6.70
N SER C 167 27.01 6.75 7.06
CA SER C 167 25.58 6.64 6.87
C SER C 167 25.02 7.95 6.32
N ALA C 168 23.85 7.85 5.69
CA ALA C 168 23.12 9.02 5.21
C ALA C 168 22.11 9.43 6.27
N ILE C 169 22.24 10.64 6.78
CA ILE C 169 21.42 11.09 7.90
C ILE C 169 20.03 11.47 7.40
N THR C 170 19.00 10.95 8.06
CA THR C 170 17.62 11.23 7.71
C THR C 170 16.91 11.75 8.95
N GLN C 171 16.65 13.06 9.00
CA GLN C 171 16.04 13.66 10.17
C GLN C 171 14.65 13.09 10.41
N ALA C 172 14.38 12.77 11.67
CA ALA C 172 13.08 12.25 12.09
C ALA C 172 12.04 13.36 12.00
N CYS C 173 10.85 13.02 11.53
CA CYS C 173 9.78 14.00 11.37
C CYS C 173 9.41 14.62 12.72
N PRO C 174 9.29 15.94 12.78
CA PRO C 174 8.97 16.59 14.07
C PRO C 174 7.65 16.16 14.67
N LYS C 175 6.62 15.94 13.86
CA LYS C 175 5.31 15.58 14.37
C LYS C 175 5.24 14.12 14.83
N VAL C 176 6.00 13.24 14.21
CA VAL C 176 5.97 11.82 14.54
C VAL C 176 6.58 11.64 15.94
N SER C 177 5.85 10.95 16.81
CA SER C 177 6.30 10.77 18.19
C SER C 177 6.97 9.41 18.36
N PHE C 178 7.91 9.35 19.29
CA PHE C 178 8.58 8.10 19.65
C PHE C 178 8.00 7.47 20.91
N GLU C 179 6.89 8.00 21.41
CA GLU C 179 6.29 7.49 22.63
C GLU C 179 5.87 6.04 22.46
N PRO C 180 6.28 5.14 23.35
CA PRO C 180 5.85 3.75 23.22
C PRO C 180 4.38 3.56 23.51
N ILE C 181 3.59 3.37 22.47
CA ILE C 181 2.15 3.10 22.58
C ILE C 181 1.97 1.59 22.65
N PRO C 182 1.24 1.08 23.63
CA PRO C 182 1.09 -0.39 23.73
C PRO C 182 0.43 -0.95 22.48
N ILE C 183 0.94 -2.10 22.03
CA ILE C 183 0.39 -2.82 20.89
C ILE C 183 0.11 -4.24 21.32
N HIS C 184 -0.88 -4.85 20.69
CA HIS C 184 -1.28 -6.21 21.01
C HIS C 184 -1.17 -7.08 19.76
N TYR C 185 -0.45 -8.20 19.87
CA TYR C 185 -0.22 -9.10 18.76
C TYR C 185 -1.31 -10.17 18.78
N CYS C 186 -2.30 -10.02 17.89
CA CYS C 186 -3.41 -10.95 17.82
C CYS C 186 -3.17 -11.93 16.67
N ALA C 187 -3.23 -13.22 16.99
CA ALA C 187 -3.03 -14.24 15.97
C ALA C 187 -4.19 -14.25 14.98
N PRO C 188 -3.95 -14.70 13.74
CA PRO C 188 -5.03 -14.77 12.76
C PRO C 188 -6.04 -15.86 13.13
N ALA C 189 -7.21 -15.76 12.51
CA ALA C 189 -8.25 -16.75 12.74
C ALA C 189 -7.75 -18.14 12.35
N GLY C 190 -8.13 -19.13 13.15
CA GLY C 190 -7.59 -20.46 12.99
C GLY C 190 -6.29 -20.69 13.73
N PHE C 191 -5.79 -19.70 14.45
CA PHE C 191 -4.61 -19.83 15.29
C PHE C 191 -4.93 -19.34 16.69
N ALA C 192 -4.19 -19.85 17.67
CA ALA C 192 -4.34 -19.45 19.06
C ALA C 192 -2.98 -19.17 19.66
N ILE C 193 -2.96 -18.28 20.64
CA ILE C 193 -1.75 -17.95 21.39
C ILE C 193 -1.94 -18.45 22.80
N LEU C 194 -1.05 -19.35 23.23
CA LEU C 194 -1.13 -19.94 24.56
C LEU C 194 -0.28 -19.13 25.54
N LYS C 195 -0.93 -18.62 26.57
CA LYS C 195 -0.30 -17.70 27.53
C LYS C 195 -0.07 -18.45 28.84
N CYS C 196 1.18 -18.81 29.11
CA CYS C 196 1.50 -19.52 30.34
C CYS C 196 1.38 -18.58 31.52
N LYS C 197 0.61 -19.01 32.53
CA LYS C 197 0.36 -18.19 33.71
C LYS C 197 1.13 -18.68 34.94
N ASP C 198 2.08 -19.61 34.75
CA ASP C 198 2.86 -20.09 35.88
C ASP C 198 3.70 -18.96 36.45
N LYS C 199 3.69 -18.82 37.78
CA LYS C 199 4.40 -17.73 38.44
C LYS C 199 5.85 -18.07 38.77
N LYS C 200 6.31 -19.29 38.46
CA LYS C 200 7.67 -19.71 38.70
C LYS C 200 8.27 -20.32 37.44
N PHE C 201 8.08 -19.63 36.32
CA PHE C 201 8.49 -20.14 35.02
C PHE C 201 9.86 -19.57 34.65
N ASN C 202 10.83 -20.47 34.41
CA ASN C 202 12.17 -20.07 34.04
C ASN C 202 12.36 -19.96 32.53
N GLY C 203 11.26 -19.84 31.78
CA GLY C 203 11.34 -19.60 30.35
C GLY C 203 11.51 -20.83 29.49
N THR C 204 11.83 -21.98 30.07
CA THR C 204 12.03 -23.20 29.32
C THR C 204 11.43 -24.37 30.09
N GLY C 205 10.67 -25.21 29.40
CA GLY C 205 10.09 -26.38 30.02
C GLY C 205 8.58 -26.34 30.04
N PRO C 206 7.96 -27.43 30.48
CA PRO C 206 6.49 -27.50 30.49
C PRO C 206 5.90 -26.54 31.52
N CYS C 207 4.83 -25.86 31.13
CA CYS C 207 4.12 -24.94 32.00
C CYS C 207 2.80 -25.56 32.43
N PRO C 208 2.65 -26.02 33.66
CA PRO C 208 1.46 -26.78 34.05
C PRO C 208 0.21 -25.93 34.28
N SER C 209 0.20 -24.66 33.87
CA SER C 209 -0.98 -23.81 34.00
C SER C 209 -0.99 -22.86 32.81
N VAL C 210 -1.73 -23.24 31.77
CA VAL C 210 -1.78 -22.49 30.52
C VAL C 210 -3.16 -21.87 30.36
N SER C 211 -3.20 -20.73 29.66
CA SER C 211 -4.46 -20.13 29.27
C SER C 211 -4.46 -19.95 27.75
N THR C 212 -5.49 -19.29 27.22
CA THR C 212 -5.58 -19.09 25.77
C THR C 212 -6.21 -17.73 25.52
N VAL C 213 -5.40 -16.78 25.05
CA VAL C 213 -5.85 -15.45 24.69
C VAL C 213 -5.43 -15.18 23.26
N GLN C 214 -6.36 -14.65 22.46
CA GLN C 214 -6.09 -14.43 21.05
C GLN C 214 -5.09 -13.30 20.82
N CYS C 215 -4.86 -12.45 21.81
CA CYS C 215 -3.94 -11.32 21.69
C CYS C 215 -2.94 -11.33 22.83
N THR C 216 -2.01 -10.38 22.79
CA THR C 216 -0.97 -10.23 23.79
C THR C 216 -1.11 -8.87 24.45
N HIS C 217 -1.27 -8.85 25.76
CA HIS C 217 -1.46 -7.60 26.47
C HIS C 217 -0.15 -7.14 27.11
N GLY C 218 -0.09 -5.84 27.38
CA GLY C 218 1.07 -5.25 28.04
C GLY C 218 2.34 -5.36 27.25
N ILE C 219 2.26 -5.10 25.95
CA ILE C 219 3.42 -5.10 25.07
C ILE C 219 3.72 -3.64 24.73
N LYS C 220 4.89 -3.16 25.14
CA LYS C 220 5.31 -1.80 24.86
C LYS C 220 6.65 -1.83 24.16
N PRO C 221 6.73 -1.36 22.92
CA PRO C 221 8.00 -1.44 22.18
C PRO C 221 9.01 -0.41 22.65
N VAL C 222 9.47 -0.58 23.88
CA VAL C 222 10.46 0.32 24.48
C VAL C 222 11.85 -0.15 24.08
N VAL C 223 12.73 0.81 23.80
CA VAL C 223 14.10 0.53 23.43
C VAL C 223 15.00 1.02 24.56
N SER C 224 15.83 0.14 25.09
CA SER C 224 16.71 0.46 26.19
C SER C 224 17.73 -0.66 26.35
N THR C 225 18.77 -0.39 27.13
CA THR C 225 19.81 -1.36 27.40
C THR C 225 20.21 -1.30 28.87
N GLN C 226 20.49 -2.47 29.43
CA GLN C 226 20.93 -2.67 30.81
C GLN C 226 19.82 -2.39 31.81
N LEU C 227 18.69 -1.86 31.35
CA LEU C 227 17.58 -1.53 32.25
C LEU C 227 16.30 -1.57 31.43
N LEU C 228 15.43 -2.53 31.74
CA LEU C 228 14.16 -2.67 31.02
C LEU C 228 13.16 -1.71 31.64
N LEU C 229 12.82 -0.65 30.90
CA LEU C 229 11.96 0.41 31.42
C LEU C 229 10.51 0.19 31.01
N ASN C 230 9.59 0.57 31.91
CA ASN C 230 8.16 0.56 31.63
C ASN C 230 7.67 -0.82 31.20
N GLY C 231 8.30 -1.87 31.72
CA GLY C 231 7.95 -3.22 31.34
C GLY C 231 6.91 -3.84 32.25
N SER C 232 6.62 -5.12 31.99
CA SER C 232 5.69 -5.89 32.80
C SER C 232 6.48 -6.62 33.88
N LEU C 233 6.05 -6.49 35.12
CA LEU C 233 6.80 -7.02 36.25
C LEU C 233 6.47 -8.49 36.49
N ALA C 234 7.27 -9.12 37.33
CA ALA C 234 6.95 -10.45 37.81
C ALA C 234 5.79 -10.38 38.79
N GLU C 235 5.31 -11.54 39.21
CA GLU C 235 4.10 -11.57 40.04
C GLU C 235 4.41 -11.65 41.53
N GLU C 236 5.31 -12.55 41.94
CA GLU C 236 5.58 -12.76 43.35
C GLU C 236 7.03 -12.49 43.75
N GLU C 237 8.00 -12.86 42.92
CA GLU C 237 9.40 -12.69 43.25
C GLU C 237 10.20 -12.48 41.97
N VAL C 238 11.43 -12.00 42.13
CA VAL C 238 12.28 -11.66 40.99
C VAL C 238 12.68 -12.94 40.27
N MET C 239 12.46 -12.98 38.96
CA MET C 239 12.71 -14.15 38.14
C MET C 239 14.02 -14.01 37.39
N ILE C 240 14.87 -15.01 37.50
CA ILE C 240 16.11 -15.09 36.74
C ILE C 240 15.87 -16.05 35.58
N ARG C 241 15.84 -15.52 34.36
CA ARG C 241 15.52 -16.28 33.16
C ARG C 241 16.71 -16.24 32.22
N SER C 242 17.34 -17.38 32.00
CA SER C 242 18.47 -17.48 31.08
C SER C 242 18.36 -18.75 30.27
N GLU C 243 18.92 -18.71 29.06
CA GLU C 243 18.94 -19.89 28.21
C GLU C 243 19.93 -20.92 28.75
N ASN C 244 21.05 -20.47 29.30
CA ASN C 244 22.08 -21.38 29.79
C ASN C 244 22.74 -20.70 30.98
N ILE C 245 22.25 -21.01 32.19
CA ILE C 245 22.77 -20.38 33.40
C ILE C 245 24.23 -20.73 33.61
N THR C 246 24.69 -21.85 33.07
CA THR C 246 26.10 -22.24 33.20
C THR C 246 26.98 -21.60 32.13
N ASN C 247 26.49 -21.50 30.90
CA ASN C 247 27.25 -20.86 29.83
C ASN C 247 27.21 -19.35 30.03
N ASN C 248 28.38 -18.75 30.25
CA ASN C 248 28.46 -17.32 30.47
C ASN C 248 28.29 -16.50 29.20
N ALA C 249 28.34 -17.14 28.03
CA ALA C 249 28.21 -16.42 26.77
C ALA C 249 26.80 -15.91 26.51
N LYS C 250 25.82 -16.33 27.30
CA LYS C 250 24.43 -15.93 27.11
C LYS C 250 24.02 -14.91 28.16
N ASN C 251 23.07 -14.06 27.78
CA ASN C 251 22.56 -13.03 28.68
C ASN C 251 21.69 -13.65 29.76
N ILE C 252 21.34 -12.83 30.75
CA ILE C 252 20.55 -13.27 31.90
C ILE C 252 19.45 -12.23 32.10
N LEU C 253 18.26 -12.50 31.59
CA LEU C 253 17.14 -11.58 31.76
C LEU C 253 16.60 -11.67 33.17
N VAL C 254 16.90 -10.66 33.98
CA VAL C 254 16.34 -10.52 35.32
C VAL C 254 15.07 -9.69 35.20
N GLN C 255 14.05 -10.06 35.96
CA GLN C 255 12.78 -9.32 35.97
C GLN C 255 12.39 -9.00 37.40
N PHE C 256 11.92 -7.78 37.63
CA PHE C 256 11.58 -7.34 38.97
C PHE C 256 10.11 -7.59 39.28
N ASN C 257 9.81 -7.73 40.57
CA ASN C 257 8.44 -7.80 41.05
C ASN C 257 7.92 -6.44 41.46
N THR C 258 8.73 -5.66 42.14
CA THR C 258 8.40 -4.31 42.56
C THR C 258 9.20 -3.32 41.71
N PRO C 259 8.56 -2.33 41.10
CA PRO C 259 9.28 -1.46 40.18
C PRO C 259 10.23 -0.53 40.91
N VAL C 260 11.39 -0.30 40.31
CA VAL C 260 12.37 0.65 40.81
C VAL C 260 12.18 1.93 39.99
N GLN C 261 11.53 2.92 40.58
CA GLN C 261 11.23 4.14 39.84
C GLN C 261 12.51 4.87 39.50
N ILE C 262 12.60 5.35 38.26
CA ILE C 262 13.73 6.15 37.80
C ILE C 262 13.21 7.55 37.51
N ASN C 263 13.89 8.54 38.07
CA ASN C 263 13.55 9.95 37.87
C ASN C 263 14.70 10.60 37.13
N CYS C 264 14.42 11.15 35.96
CA CYS C 264 15.44 11.91 35.24
C CYS C 264 14.91 12.74 34.09
N THR C 265 15.73 13.69 33.67
CA THR C 265 15.29 14.86 32.94
C THR C 265 16.48 15.49 32.25
N ARG C 266 16.22 16.45 31.37
CA ARG C 266 17.26 17.28 30.77
C ARG C 266 17.01 18.72 31.18
N PRO C 267 17.70 19.24 32.20
CA PRO C 267 17.34 20.56 32.75
C PRO C 267 17.53 21.70 31.78
N ASN C 268 18.32 21.52 30.72
CA ASN C 268 18.57 22.58 29.76
C ASN C 268 17.28 22.99 29.06
N ASN C 269 17.03 24.29 28.98
CA ASN C 269 15.86 24.83 28.29
C ASN C 269 16.24 25.06 26.83
N ASN C 270 16.04 24.04 26.01
CA ASN C 270 16.44 24.12 24.61
C ASN C 270 15.45 24.94 23.79
N THR C 271 15.95 25.48 22.68
CA THR C 271 15.14 26.23 21.73
C THR C 271 15.39 25.67 20.34
N ARG C 272 14.32 25.34 19.63
CA ARG C 272 14.42 24.76 18.30
C ARG C 272 14.34 25.87 17.26
N LYS C 273 15.28 25.87 16.33
CA LYS C 273 15.31 26.85 15.25
C LYS C 273 15.22 26.12 13.91
N SER C 274 14.39 26.64 13.02
CA SER C 274 14.18 26.03 11.71
C SER C 274 15.07 26.70 10.68
N ILE C 275 15.90 25.90 10.00
CA ILE C 275 16.78 26.37 8.94
C ILE C 275 16.40 25.65 7.66
N ARG C 276 16.24 26.41 6.57
CA ARG C 276 15.91 25.81 5.28
C ARG C 276 17.14 25.13 4.69
N ILE C 277 17.00 23.85 4.33
CA ILE C 277 18.02 23.22 3.51
C ILE C 277 17.76 23.53 2.05
N GLY C 278 16.50 23.80 1.71
CA GLY C 278 16.08 24.02 0.35
C GLY C 278 14.58 24.29 0.30
N PRO C 279 13.99 24.18 -0.88
CA PRO C 279 12.55 24.46 -1.01
C PRO C 279 11.69 23.45 -0.26
N GLY C 280 10.90 23.96 0.68
CA GLY C 280 9.96 23.11 1.41
C GLY C 280 10.60 22.02 2.23
N GLN C 281 11.76 22.27 2.81
CA GLN C 281 12.51 21.28 3.59
C GLN C 281 13.22 22.04 4.71
N TRP C 282 12.81 21.79 5.95
CA TRP C 282 13.34 22.52 7.09
C TRP C 282 14.25 21.62 7.93
N PHE C 283 15.39 22.16 8.35
CA PHE C 283 16.31 21.48 9.24
C PHE C 283 16.18 22.11 10.63
N TYR C 284 15.53 21.39 11.54
CA TYR C 284 15.28 21.91 12.88
C TYR C 284 16.56 21.80 13.71
N ALA C 285 17.29 22.91 13.78
CA ALA C 285 18.54 22.93 14.52
C ALA C 285 18.29 22.97 16.01
N THR C 286 19.36 23.03 16.79
CA THR C 286 19.28 23.12 18.23
C THR C 286 19.24 24.56 18.73
N GLY C 287 19.32 25.52 17.81
CA GLY C 287 19.15 26.92 18.15
C GLY C 287 20.09 27.40 19.25
N ASP C 288 19.52 27.88 20.34
CA ASP C 288 20.28 28.37 21.48
C ASP C 288 19.69 27.81 22.76
N ILE C 289 20.44 28.01 23.85
CA ILE C 289 20.05 27.52 25.17
C ILE C 289 19.64 28.72 26.02
N ILE C 290 18.73 28.47 26.95
CA ILE C 290 18.21 29.52 27.84
C ILE C 290 18.48 29.07 29.28
N GLY C 291 19.24 29.87 30.01
CA GLY C 291 19.55 29.55 31.39
C GLY C 291 20.94 28.96 31.56
N ASP C 292 21.11 28.14 32.58
CA ASP C 292 22.39 27.50 32.85
C ASP C 292 22.46 26.14 32.15
N ILE C 293 23.68 25.64 32.00
CA ILE C 293 23.93 24.37 31.35
C ILE C 293 24.18 23.32 32.43
N ARG C 294 23.30 22.32 32.50
CA ARG C 294 23.39 21.27 33.51
C ARG C 294 23.35 19.90 32.84
N GLN C 295 24.13 18.98 33.39
CA GLN C 295 24.19 17.62 32.85
C GLN C 295 22.85 16.91 33.04
N ALA C 296 22.46 16.15 32.02
CA ALA C 296 21.31 15.28 32.15
C ALA C 296 21.63 14.17 33.14
N HIS C 297 20.83 14.06 34.19
CA HIS C 297 21.12 13.14 35.29
C HIS C 297 19.91 12.26 35.56
N CYS C 298 20.14 10.97 35.76
CA CYS C 298 19.07 10.04 36.13
C CYS C 298 19.21 9.65 37.60
N ASN C 299 18.12 9.76 38.33
CA ASN C 299 18.09 9.53 39.77
C ASN C 299 17.28 8.28 40.08
N VAL C 300 17.84 7.42 40.92
CA VAL C 300 17.14 6.24 41.43
C VAL C 300 17.24 6.29 42.95
N SER C 301 16.13 6.02 43.62
CA SER C 301 16.14 5.98 45.08
C SER C 301 17.10 4.92 45.58
N LYS C 302 18.06 5.35 46.40
CA LYS C 302 19.14 4.44 46.80
C LYS C 302 18.62 3.29 47.64
N ALA C 303 17.67 3.56 48.54
CA ALA C 303 17.09 2.48 49.35
C ALA C 303 16.35 1.48 48.47
N THR C 304 15.56 1.99 47.53
CA THR C 304 14.82 1.10 46.63
C THR C 304 15.76 0.24 45.81
N TRP C 305 16.80 0.85 45.24
CA TRP C 305 17.75 0.08 44.44
C TRP C 305 18.50 -0.93 45.28
N ASN C 306 18.87 -0.56 46.50
CA ASN C 306 19.59 -1.48 47.37
C ASN C 306 18.73 -2.69 47.71
N GLU C 307 17.46 -2.45 48.06
CA GLU C 307 16.56 -3.55 48.36
C GLU C 307 16.35 -4.45 47.14
N THR C 308 16.16 -3.83 45.97
CA THR C 308 15.96 -4.62 44.76
C THR C 308 17.20 -5.44 44.43
N LEU C 309 18.38 -4.85 44.60
CA LEU C 309 19.61 -5.60 44.35
C LEU C 309 19.77 -6.74 45.34
N GLY C 310 19.37 -6.53 46.59
CA GLY C 310 19.41 -7.62 47.55
C GLY C 310 18.50 -8.77 47.16
N LYS C 311 17.27 -8.45 46.75
CA LYS C 311 16.37 -9.51 46.29
C LYS C 311 16.94 -10.22 45.07
N VAL C 312 17.47 -9.46 44.13
CA VAL C 312 18.00 -10.06 42.90
C VAL C 312 19.17 -10.97 43.21
N VAL C 313 20.10 -10.50 44.05
CA VAL C 313 21.27 -11.31 44.38
C VAL C 313 20.86 -12.56 45.15
N LYS C 314 19.83 -12.45 45.99
CA LYS C 314 19.29 -13.65 46.64
C LYS C 314 18.79 -14.63 45.60
N GLN C 315 18.18 -14.12 44.53
CA GLN C 315 17.73 -14.99 43.44
C GLN C 315 18.92 -15.66 42.74
N LEU C 316 19.97 -14.90 42.41
CA LEU C 316 21.08 -15.51 41.67
C LEU C 316 21.83 -16.52 42.53
N ARG C 317 21.83 -16.33 43.86
CA ARG C 317 22.52 -17.30 44.70
C ARG C 317 21.89 -18.69 44.59
N LYS C 318 20.65 -18.77 44.10
CA LYS C 318 20.01 -20.08 43.91
C LYS C 318 20.74 -20.91 42.84
N HIS C 319 21.13 -20.28 41.74
CA HIS C 319 21.78 -20.99 40.63
C HIS C 319 23.29 -21.04 40.76
N PHE C 320 23.87 -20.39 41.76
CA PHE C 320 25.32 -20.37 41.92
C PHE C 320 25.79 -20.74 43.31
N GLY C 321 24.91 -21.03 44.25
CA GLY C 321 25.32 -21.42 45.58
C GLY C 321 25.21 -20.27 46.57
N ASN C 322 24.91 -20.63 47.81
CA ASN C 322 24.73 -19.61 48.85
C ASN C 322 26.06 -18.98 49.24
N ASN C 323 27.11 -19.78 49.40
CA ASN C 323 28.42 -19.29 49.80
C ASN C 323 29.20 -18.67 48.64
N THR C 324 28.54 -18.42 47.51
CA THR C 324 29.20 -17.84 46.35
C THR C 324 29.11 -16.32 46.40
N ILE C 325 30.25 -15.66 46.26
CA ILE C 325 30.30 -14.20 46.29
C ILE C 325 29.81 -13.67 44.94
N ILE C 326 28.90 -12.71 44.98
CA ILE C 326 28.36 -12.09 43.78
C ILE C 326 28.85 -10.65 43.74
N ARG C 327 29.50 -10.29 42.64
CA ARG C 327 30.04 -8.94 42.46
C ARG C 327 29.39 -8.28 41.26
N PHE C 328 29.11 -6.99 41.39
CA PHE C 328 28.47 -6.20 40.33
C PHE C 328 29.44 -5.12 39.88
N ALA C 329 29.71 -5.09 38.58
CA ALA C 329 30.58 -4.09 37.98
C ALA C 329 29.86 -3.42 36.82
N ASN C 330 30.41 -2.28 36.40
CA ASN C 330 29.87 -1.54 35.27
C ASN C 330 30.10 -2.32 33.97
N SER C 331 29.63 -1.77 32.86
CA SER C 331 29.76 -2.46 31.58
C SER C 331 31.23 -2.61 31.21
N SER C 332 31.56 -3.75 30.61
CA SER C 332 32.95 -4.03 30.27
C SER C 332 33.48 -3.04 29.23
N GLY C 333 32.68 -2.74 28.21
CA GLY C 333 33.09 -1.82 27.18
C GLY C 333 32.52 -2.16 25.82
N GLY C 334 32.66 -1.24 24.87
CA GLY C 334 32.16 -1.40 23.52
C GLY C 334 31.49 -0.14 23.05
N ARG C 335 30.49 -0.32 22.18
CA ARG C 335 29.75 0.82 21.65
C ARG C 335 28.98 1.50 22.77
N LEU C 336 28.75 2.81 22.60
CA LEU C 336 28.05 3.57 23.63
C LEU C 336 26.64 3.05 23.87
N GLU C 337 26.01 2.46 22.84
CA GLU C 337 24.68 1.90 23.01
C GLU C 337 24.68 0.68 23.93
N VAL C 338 25.75 -0.10 23.96
CA VAL C 338 25.83 -1.25 24.86
C VAL C 338 26.67 -0.95 26.11
N THR C 339 27.48 0.10 26.10
CA THR C 339 28.25 0.47 27.28
C THR C 339 27.39 1.18 28.31
N THR C 340 26.42 1.96 27.88
CA THR C 340 25.64 2.81 28.77
C THR C 340 24.15 2.58 28.54
N HIS C 341 23.39 2.87 29.59
CA HIS C 341 21.93 2.70 29.58
C HIS C 341 21.32 3.75 28.68
N SER C 342 20.75 3.34 27.55
CA SER C 342 20.34 4.24 26.49
C SER C 342 18.85 4.09 26.21
N PHE C 343 18.07 5.06 26.64
CA PHE C 343 16.64 5.09 26.34
C PHE C 343 16.34 6.30 25.45
N ASN C 344 15.05 6.57 25.24
CA ASN C 344 14.63 7.57 24.27
C ASN C 344 13.50 8.47 24.77
N CYS C 345 13.43 8.69 26.08
CA CYS C 345 12.31 9.38 26.71
C CYS C 345 12.20 10.80 26.19
N GLY C 346 10.96 11.23 25.95
CA GLY C 346 10.68 12.60 25.58
C GLY C 346 11.05 12.99 24.17
N GLY C 347 11.59 12.08 23.37
CA GLY C 347 12.08 12.38 22.05
C GLY C 347 13.56 12.67 21.99
N GLU C 348 14.25 12.78 23.12
CA GLU C 348 15.68 12.96 23.18
C GLU C 348 16.33 11.67 23.68
N PHE C 349 17.39 11.25 23.01
CA PHE C 349 18.02 9.96 23.29
C PHE C 349 19.09 10.15 24.35
N PHE C 350 18.94 9.46 25.48
CA PHE C 350 19.89 9.51 26.57
C PHE C 350 20.85 8.32 26.48
N TYR C 351 22.02 8.48 27.09
CA TYR C 351 23.04 7.44 27.11
C TYR C 351 23.65 7.34 28.51
N CYS C 352 22.78 7.24 29.51
CA CYS C 352 23.18 7.39 30.90
C CYS C 352 24.25 6.38 31.32
N ASN C 353 25.22 6.86 32.08
CA ASN C 353 26.34 6.07 32.59
C ASN C 353 25.89 5.37 33.86
N THR C 354 25.72 4.05 33.79
CA THR C 354 25.23 3.27 34.92
C THR C 354 26.36 2.64 35.74
N SER C 355 27.52 3.30 35.79
CA SER C 355 28.59 2.79 36.62
C SER C 355 28.31 2.95 38.11
N GLY C 356 27.43 3.88 38.48
CA GLY C 356 27.03 4.07 39.85
C GLY C 356 25.91 3.17 40.33
N LEU C 357 25.44 2.26 39.48
CA LEU C 357 24.36 1.35 39.84
C LEU C 357 24.86 -0.05 40.19
N PHE C 358 25.65 -0.67 39.32
CA PHE C 358 26.20 -2.00 39.55
C PHE C 358 27.63 -1.82 40.06
N ASN C 359 27.75 -1.50 41.34
CA ASN C 359 29.06 -1.36 41.96
C ASN C 359 28.97 -1.75 43.43
N SER C 360 29.19 -3.02 43.73
CA SER C 360 29.00 -3.54 45.07
C SER C 360 29.62 -4.92 45.17
N THR C 361 29.68 -5.43 46.41
CA THR C 361 30.09 -6.80 46.68
C THR C 361 29.11 -7.38 47.67
N TRP C 362 28.58 -8.57 47.36
CA TRP C 362 27.58 -9.22 48.20
C TRP C 362 28.19 -10.48 48.79
N ILE C 363 28.20 -10.56 50.12
CA ILE C 363 28.76 -11.69 50.85
C ILE C 363 27.65 -12.37 51.65
N SER C 364 27.68 -13.69 51.67
CA SER C 364 26.68 -14.47 52.39
C SER C 364 26.84 -14.29 53.90
N ASN C 377 16.99 7.96 52.00
CA ASN C 377 16.28 9.08 51.40
C ASN C 377 17.07 9.66 50.23
N ASP C 378 18.39 9.44 50.25
CA ASP C 378 19.24 9.92 49.17
C ASP C 378 19.00 9.10 47.90
N SER C 379 19.34 9.71 46.76
CA SER C 379 19.12 9.11 45.46
C SER C 379 20.42 9.11 44.68
N ILE C 380 20.75 7.95 44.09
CA ILE C 380 21.93 7.86 43.23
C ILE C 380 21.66 8.62 41.94
N THR C 381 22.62 9.45 41.54
CA THR C 381 22.50 10.24 40.32
C THR C 381 23.36 9.65 39.22
N LEU C 382 22.82 9.63 38.00
CA LEU C 382 23.48 9.03 36.85
C LEU C 382 23.85 10.09 35.83
N PRO C 383 25.12 10.29 35.54
CA PRO C 383 25.51 11.36 34.61
C PRO C 383 25.28 11.02 33.15
N CYS C 384 24.06 11.25 32.66
CA CYS C 384 23.72 10.88 31.29
C CYS C 384 24.44 11.77 30.28
N ARG C 385 24.46 11.29 29.04
CA ARG C 385 24.92 12.04 27.89
C ARG C 385 23.89 11.90 26.77
N ILE C 386 23.80 12.91 25.92
CA ILE C 386 22.74 13.01 24.93
C ILE C 386 23.35 13.09 23.54
N LYS C 387 22.83 12.26 22.63
CA LYS C 387 23.17 12.31 21.22
C LYS C 387 21.94 12.69 20.41
N GLN C 388 22.17 13.07 19.15
CA GLN C 388 21.08 13.36 18.23
C GLN C 388 21.13 12.55 16.95
N ILE C 389 22.32 12.26 16.42
CA ILE C 389 22.46 11.37 15.28
C ILE C 389 22.55 9.95 15.83
N ILE C 390 21.49 9.17 15.59
CA ILE C 390 21.34 7.84 16.16
C ILE C 390 21.23 6.82 15.03
N ASN C 391 21.87 5.66 15.22
CA ASN C 391 21.70 4.49 14.37
C ASN C 391 21.24 3.37 15.31
N MET C 392 19.93 3.27 15.49
CA MET C 392 19.38 2.49 16.61
C MET C 392 19.68 1.00 16.46
N TRP C 393 19.36 0.44 15.29
CA TRP C 393 19.34 -1.01 15.12
C TRP C 393 20.66 -1.56 14.61
N GLN C 394 21.78 -0.89 14.92
CA GLN C 394 23.12 -1.31 14.49
C GLN C 394 23.20 -1.46 12.97
N ARG C 395 22.32 -0.77 12.25
CA ARG C 395 22.29 -0.85 10.81
C ARG C 395 23.43 -0.03 10.21
N ILE C 396 24.12 -0.60 9.23
CA ILE C 396 25.21 0.10 8.57
C ILE C 396 24.65 0.93 7.44
N GLY C 397 24.89 2.24 7.49
CA GLY C 397 24.53 3.12 6.40
C GLY C 397 23.20 3.84 6.54
N GLN C 398 22.50 3.67 7.65
CA GLN C 398 21.24 4.37 7.88
C GLN C 398 21.23 4.93 9.30
N ALA C 399 21.19 6.24 9.41
CA ALA C 399 21.16 6.91 10.70
C ALA C 399 20.00 7.89 10.72
N MET C 400 19.75 8.48 11.89
CA MET C 400 18.64 9.40 12.04
C MET C 400 19.06 10.55 12.94
N TYR C 401 18.68 11.76 12.54
CA TYR C 401 18.92 12.97 13.33
C TYR C 401 17.65 13.29 14.10
N ALA C 402 17.73 13.25 15.42
CA ALA C 402 16.57 13.55 16.25
C ALA C 402 16.43 15.05 16.43
N PRO C 403 15.33 15.65 15.97
CA PRO C 403 15.14 17.09 16.15
C PRO C 403 15.13 17.44 17.63
N PRO C 404 15.76 18.55 18.01
CA PRO C 404 15.80 18.93 19.43
C PRO C 404 14.40 19.21 19.96
N ILE C 405 14.19 18.85 21.22
CA ILE C 405 12.92 19.07 21.90
C ILE C 405 12.98 20.40 22.64
N GLN C 406 12.05 21.29 22.31
CA GLN C 406 11.98 22.58 22.98
C GLN C 406 11.52 22.42 24.43
N GLY C 407 11.90 23.37 25.27
CA GLY C 407 11.52 23.33 26.67
C GLY C 407 12.45 22.49 27.52
N VAL C 408 11.91 21.89 28.57
CA VAL C 408 12.68 21.02 29.46
C VAL C 408 12.03 19.65 29.46
N ILE C 409 12.82 18.62 29.21
CA ILE C 409 12.35 17.25 29.15
C ILE C 409 12.48 16.65 30.54
N ARG C 410 11.39 16.09 31.05
CA ARG C 410 11.40 15.30 32.28
C ARG C 410 10.60 14.04 32.04
N CYS C 411 11.22 12.89 32.28
CA CYS C 411 10.55 11.60 32.10
C CYS C 411 10.72 10.77 33.35
N VAL C 412 9.61 10.25 33.87
CA VAL C 412 9.63 9.32 34.99
C VAL C 412 9.19 7.95 34.50
N SER C 413 10.06 6.96 34.69
CA SER C 413 9.80 5.57 34.34
C SER C 413 10.17 4.73 35.55
N ASN C 414 10.04 3.42 35.44
CA ASN C 414 10.42 2.54 36.53
C ASN C 414 10.91 1.20 36.01
N ILE C 415 12.11 0.81 36.45
CA ILE C 415 12.87 -0.30 35.92
C ILE C 415 12.26 -1.62 36.32
N THR C 416 11.81 -2.42 35.35
CA THR C 416 11.21 -3.71 35.63
C THR C 416 12.12 -4.88 35.33
N GLY C 417 13.36 -4.64 34.91
CA GLY C 417 14.24 -5.75 34.59
C GLY C 417 15.62 -5.26 34.21
N LEU C 418 16.57 -6.19 34.28
CA LEU C 418 17.95 -5.94 33.92
C LEU C 418 18.40 -6.96 32.88
N ILE C 419 19.53 -6.67 32.25
CA ILE C 419 20.16 -7.58 31.29
C ILE C 419 21.61 -7.72 31.74
N LEU C 420 21.89 -8.73 32.55
CA LEU C 420 23.23 -8.97 33.07
C LEU C 420 23.96 -10.00 32.24
N THR C 421 25.28 -9.87 32.20
CA THR C 421 26.15 -10.79 31.45
C THR C 421 27.28 -11.22 32.38
N ARG C 422 27.22 -12.46 32.84
CA ARG C 422 28.26 -12.99 33.72
C ARG C 422 29.54 -13.21 32.92
N ASP C 423 30.65 -12.69 33.45
CA ASP C 423 31.92 -12.84 32.76
C ASP C 423 32.48 -14.25 32.96
N GLY C 424 33.31 -14.67 32.02
CA GLY C 424 33.92 -15.99 32.10
C GLY C 424 34.88 -16.07 33.28
N GLY C 425 34.70 -17.11 34.10
CA GLY C 425 35.55 -17.31 35.26
C GLY C 425 36.59 -18.40 35.02
N SER C 426 37.42 -18.60 36.04
CA SER C 426 38.47 -19.62 36.01
C SER C 426 38.03 -20.94 36.64
N THR C 427 36.74 -21.07 36.98
CA THR C 427 36.15 -22.29 37.49
C THR C 427 36.75 -22.73 38.82
N ASN C 428 37.49 -21.84 39.48
CA ASN C 428 38.04 -22.12 40.81
C ASN C 428 37.96 -20.90 41.72
N SER C 429 37.09 -19.95 41.41
CA SER C 429 36.94 -18.72 42.17
C SER C 429 35.61 -18.72 42.92
N THR C 430 35.59 -17.95 44.00
CA THR C 430 34.38 -17.80 44.80
C THR C 430 33.50 -16.65 44.34
N THR C 431 34.08 -15.63 43.72
CA THR C 431 33.34 -14.47 43.26
C THR C 431 32.81 -14.68 41.86
N GLU C 432 31.68 -14.04 41.56
CA GLU C 432 31.09 -14.03 40.22
C GLU C 432 30.69 -12.60 39.89
N THR C 433 31.23 -12.09 38.79
CA THR C 433 31.03 -10.70 38.40
C THR C 433 29.94 -10.63 37.33
N PHE C 434 28.91 -9.83 37.59
CA PHE C 434 27.77 -9.69 36.69
C PHE C 434 27.73 -8.26 36.17
N ARG C 435 28.15 -8.07 34.93
CA ARG C 435 28.17 -6.77 34.29
C ARG C 435 27.00 -6.63 33.35
N PRO C 436 26.26 -5.53 33.39
CA PRO C 436 25.14 -5.35 32.47
C PRO C 436 25.61 -5.35 31.02
N GLY C 437 24.82 -5.96 30.15
CA GLY C 437 25.13 -6.00 28.73
C GLY C 437 23.97 -5.54 27.88
N GLY C 438 23.62 -6.33 26.87
CA GLY C 438 22.51 -6.01 26.00
C GLY C 438 22.98 -5.74 24.59
N GLY C 439 22.31 -4.78 23.94
CA GLY C 439 22.57 -4.41 22.57
C GLY C 439 21.66 -5.11 21.58
N ASP C 440 21.19 -6.30 21.91
CA ASP C 440 20.26 -7.04 21.07
C ASP C 440 18.84 -6.71 21.53
N MET C 441 18.12 -5.93 20.73
CA MET C 441 16.77 -5.51 21.11
C MET C 441 15.84 -6.70 21.25
N ARG C 442 16.12 -7.80 20.54
CA ARG C 442 15.36 -9.02 20.72
C ARG C 442 15.44 -9.52 22.15
N ASP C 443 16.61 -9.38 22.78
CA ASP C 443 16.75 -9.75 24.18
C ASP C 443 15.87 -8.89 25.07
N ASN C 444 15.60 -7.64 24.67
CA ASN C 444 14.69 -6.79 25.43
C ASN C 444 13.25 -7.24 25.24
N TRP C 445 12.84 -7.51 24.01
CA TRP C 445 11.45 -7.90 23.76
C TRP C 445 11.15 -9.33 24.16
N ARG C 446 12.17 -10.14 24.42
CA ARG C 446 11.96 -11.48 24.95
C ARG C 446 11.49 -11.46 26.41
N SER C 447 11.64 -10.33 27.09
CA SER C 447 11.15 -10.18 28.46
C SER C 447 9.64 -9.97 28.51
N GLU C 448 8.99 -9.79 27.37
CA GLU C 448 7.55 -9.62 27.31
C GLU C 448 6.82 -10.78 26.63
N LEU C 449 7.34 -11.27 25.51
CA LEU C 449 6.75 -12.40 24.79
C LEU C 449 7.26 -13.73 25.30
N TYR C 450 7.72 -13.80 26.55
CA TYR C 450 8.19 -15.05 27.10
C TYR C 450 7.04 -15.96 27.52
N LYS C 451 5.93 -15.38 27.97
CA LYS C 451 4.81 -16.16 28.48
C LYS C 451 3.83 -16.58 27.39
N TYR C 452 4.01 -16.13 26.17
CA TYR C 452 3.11 -16.47 25.08
C TYR C 452 3.71 -17.53 24.17
N LYS C 453 2.85 -18.15 23.38
CA LYS C 453 3.26 -19.15 22.40
C LYS C 453 2.14 -19.33 21.40
N VAL C 454 2.47 -19.27 20.11
CA VAL C 454 1.49 -19.36 19.04
C VAL C 454 1.40 -20.81 18.58
N VAL C 455 0.15 -21.31 18.44
CA VAL C 455 -0.08 -22.68 18.02
C VAL C 455 -1.08 -22.67 16.87
N LYS C 456 -1.02 -23.72 16.05
CA LYS C 456 -1.92 -23.92 14.93
C LYS C 456 -2.93 -25.00 15.28
N ILE C 457 -4.21 -24.69 15.09
CA ILE C 457 -5.28 -25.60 15.47
C ILE C 457 -5.45 -26.67 14.40
N GLU C 458 -5.62 -27.92 14.84
CA GLU C 458 -5.92 -29.03 13.96
C GLU C 458 -7.32 -29.57 14.29
N PRO C 459 -8.38 -28.89 13.87
CA PRO C 459 -9.73 -29.25 14.30
C PRO C 459 -10.30 -30.51 13.68
N LEU C 460 -9.55 -31.21 12.83
CA LEU C 460 -10.02 -32.40 12.14
C LEU C 460 -9.45 -33.63 12.86
N GLY C 461 -10.32 -34.45 13.44
CA GLY C 461 -9.86 -35.60 14.20
C GLY C 461 -10.56 -36.89 13.85
N VAL C 462 -9.77 -37.92 13.55
CA VAL C 462 -10.29 -39.25 13.24
C VAL C 462 -10.16 -40.12 14.47
N ALA C 463 -11.15 -40.98 14.68
CA ALA C 463 -11.23 -41.80 15.89
C ALA C 463 -12.15 -42.98 15.60
N PRO C 464 -12.10 -44.04 16.42
CA PRO C 464 -13.06 -45.13 16.28
C PRO C 464 -14.27 -44.96 17.18
N THR C 465 -15.44 -45.30 16.66
CA THR C 465 -16.70 -45.17 17.37
C THR C 465 -17.71 -46.14 16.78
N ARG C 466 -18.61 -46.63 17.63
CA ARG C 466 -19.62 -47.61 17.23
C ARG C 466 -20.67 -46.95 16.36
N CYS C 467 -20.27 -46.60 15.13
CA CYS C 467 -21.21 -46.15 14.11
C CYS C 467 -20.87 -46.84 12.81
N LYS C 468 -21.90 -47.08 12.00
CA LYS C 468 -21.72 -47.38 10.59
C LYS C 468 -22.70 -46.55 9.79
N ARG C 469 -22.20 -45.80 8.82
CA ARG C 469 -23.06 -44.96 7.99
C ARG C 469 -23.99 -45.84 7.17
N ARG C 470 -25.27 -45.49 7.18
CA ARG C 470 -26.25 -46.22 6.37
C ARG C 470 -26.02 -45.90 4.91
N PHE D 1 -38.37 -13.86 -15.24
CA PHE D 1 -37.06 -13.51 -14.70
C PHE D 1 -36.97 -12.01 -14.46
N LEU D 2 -36.57 -11.63 -13.25
CA LEU D 2 -36.52 -10.22 -12.85
C LEU D 2 -35.12 -9.64 -12.84
N GLY D 3 -34.14 -10.39 -12.35
CA GLY D 3 -32.78 -9.91 -12.26
C GLY D 3 -32.36 -9.71 -10.81
N PHE D 4 -31.12 -9.27 -10.65
CA PHE D 4 -30.56 -9.07 -9.31
C PHE D 4 -31.39 -8.06 -8.53
N LEU D 5 -31.76 -8.44 -7.31
CA LEU D 5 -32.61 -7.63 -6.44
C LEU D 5 -33.94 -7.26 -7.10
N GLY D 6 -34.39 -8.05 -8.06
CA GLY D 6 -35.59 -7.69 -8.81
C GLY D 6 -36.84 -7.66 -7.96
N ALA D 7 -36.96 -8.59 -7.01
CA ALA D 7 -38.14 -8.70 -6.16
C ALA D 7 -37.97 -7.95 -4.85
N ALA D 8 -37.12 -6.93 -4.83
CA ALA D 8 -36.87 -6.18 -3.60
C ALA D 8 -38.11 -5.44 -3.11
N GLY D 9 -39.08 -5.18 -3.97
CA GLY D 9 -40.31 -4.54 -3.56
C GLY D 9 -41.47 -5.50 -3.50
N SER D 10 -41.27 -6.71 -3.99
CA SER D 10 -42.34 -7.70 -4.02
C SER D 10 -42.65 -8.20 -2.61
N THR D 11 -43.79 -8.87 -2.49
CA THR D 11 -44.20 -9.40 -1.19
C THR D 11 -43.25 -10.52 -0.76
N MET D 12 -43.30 -10.83 0.54
CA MET D 12 -42.41 -11.83 1.10
C MET D 12 -42.54 -13.17 0.38
N GLY D 13 -43.77 -13.65 0.20
CA GLY D 13 -43.96 -14.92 -0.47
C GLY D 13 -43.51 -14.90 -1.92
N ALA D 14 -43.80 -13.82 -2.63
CA ALA D 14 -43.36 -13.69 -4.01
C ALA D 14 -41.86 -13.51 -4.14
N ALA D 15 -41.23 -12.80 -3.19
CA ALA D 15 -39.79 -12.62 -3.23
C ALA D 15 -39.04 -13.87 -2.80
N SER D 16 -39.67 -14.77 -2.06
CA SER D 16 -39.04 -16.02 -1.68
C SER D 16 -38.89 -16.98 -2.84
N MET D 17 -39.50 -16.69 -3.99
CA MET D 17 -39.37 -17.52 -5.17
C MET D 17 -38.05 -17.35 -5.90
N THR D 18 -37.36 -16.23 -5.67
CA THR D 18 -36.18 -15.85 -6.44
C THR D 18 -34.95 -15.71 -5.56
N LEU D 19 -34.71 -16.69 -4.68
CA LEU D 19 -33.55 -16.63 -3.82
C LEU D 19 -32.26 -16.87 -4.60
N THR D 20 -32.31 -17.70 -5.63
CA THR D 20 -31.10 -18.01 -6.39
C THR D 20 -30.56 -16.81 -7.15
N VAL D 21 -31.44 -15.88 -7.54
CA VAL D 21 -30.98 -14.71 -8.28
C VAL D 21 -30.09 -13.84 -7.41
N GLN D 22 -30.47 -13.65 -6.15
CA GLN D 22 -29.62 -12.93 -5.20
C GLN D 22 -28.53 -13.81 -4.62
N ALA D 23 -28.60 -15.12 -4.80
CA ALA D 23 -27.61 -16.00 -4.21
C ALA D 23 -26.34 -16.10 -5.06
N ARG D 24 -26.50 -16.22 -6.38
CA ARG D 24 -25.36 -16.42 -7.27
C ARG D 24 -24.60 -15.13 -7.56
N ASN D 25 -25.08 -13.99 -7.08
CA ASN D 25 -24.41 -12.71 -7.30
C ASN D 25 -23.66 -12.24 -6.05
N LEU D 26 -23.40 -13.14 -5.11
CA LEU D 26 -22.73 -12.82 -3.86
C LEU D 26 -21.25 -13.13 -3.88
N LEU D 27 -20.70 -13.56 -5.02
CA LEU D 27 -19.31 -13.98 -5.07
C LEU D 27 -18.55 -13.30 -6.20
N SER D 28 -19.27 -12.90 -7.25
CA SER D 28 -18.65 -12.26 -8.39
C SER D 28 -19.65 -11.39 -9.16
N THR D 33 -0.39 -0.60 -7.62
CA THR D 33 -1.05 0.62 -8.02
C THR D 33 -2.28 0.89 -7.16
N VAL D 34 -2.98 1.99 -7.45
CA VAL D 34 -4.15 2.35 -6.67
C VAL D 34 -5.29 1.37 -6.88
N TRP D 35 -5.59 1.02 -8.14
CA TRP D 35 -6.70 0.12 -8.40
C TRP D 35 -6.40 -1.35 -8.13
N GLY D 36 -5.13 -1.76 -8.21
CA GLY D 36 -4.79 -3.14 -7.97
C GLY D 36 -5.07 -3.62 -6.56
N ILE D 37 -4.61 -2.86 -5.57
CA ILE D 37 -4.86 -3.26 -4.19
C ILE D 37 -6.33 -3.09 -3.84
N LYS D 38 -7.01 -2.11 -4.44
CA LYS D 38 -8.45 -1.99 -4.23
C LYS D 38 -9.18 -3.20 -4.77
N GLN D 39 -8.74 -3.74 -5.91
CA GLN D 39 -9.32 -4.96 -6.44
C GLN D 39 -9.05 -6.14 -5.51
N LEU D 40 -7.80 -6.30 -5.07
CA LEU D 40 -7.43 -7.46 -4.27
C LEU D 40 -8.14 -7.47 -2.92
N GLN D 41 -8.12 -6.33 -2.22
CA GLN D 41 -8.76 -6.26 -0.91
C GLN D 41 -10.27 -6.42 -1.04
N ALA D 42 -10.87 -5.86 -2.09
CA ALA D 42 -12.31 -6.05 -2.30
C ALA D 42 -12.63 -7.52 -2.54
N ARG D 43 -11.80 -8.22 -3.32
CA ARG D 43 -12.02 -9.64 -3.55
C ARG D 43 -11.94 -10.43 -2.26
N VAL D 44 -10.92 -10.15 -1.43
CA VAL D 44 -10.79 -10.87 -0.16
C VAL D 44 -11.98 -10.56 0.75
N LEU D 45 -12.42 -9.31 0.78
CA LEU D 45 -13.56 -8.94 1.60
C LEU D 45 -14.82 -9.65 1.16
N ALA D 46 -15.05 -9.72 -0.16
CA ALA D 46 -16.22 -10.42 -0.67
C ALA D 46 -16.18 -11.90 -0.33
N VAL D 47 -15.01 -12.53 -0.47
CA VAL D 47 -14.87 -13.94 -0.13
C VAL D 47 -15.18 -14.16 1.35
N GLU D 48 -14.63 -13.30 2.21
CA GLU D 48 -14.88 -13.44 3.64
C GLU D 48 -16.34 -13.22 3.99
N ARG D 49 -16.98 -12.23 3.37
CA ARG D 49 -18.38 -11.95 3.67
C ARG D 49 -19.29 -13.07 3.19
N TYR D 50 -18.95 -13.72 2.08
CA TYR D 50 -19.73 -14.89 1.66
C TYR D 50 -19.50 -16.08 2.58
N LEU D 51 -18.23 -16.31 2.97
CA LEU D 51 -17.94 -17.43 3.86
C LEU D 51 -18.58 -17.26 5.23
N ARG D 52 -18.73 -16.02 5.70
CA ARG D 52 -19.40 -15.79 6.97
C ARG D 52 -20.84 -16.29 6.91
N ASP D 53 -21.58 -15.93 5.86
CA ASP D 53 -22.95 -16.39 5.71
C ASP D 53 -23.01 -17.91 5.54
N GLN D 54 -22.07 -18.47 4.79
CA GLN D 54 -22.08 -19.92 4.60
C GLN D 54 -21.82 -20.65 5.91
N GLN D 55 -20.92 -20.13 6.74
CA GLN D 55 -20.65 -20.76 8.03
C GLN D 55 -21.85 -20.62 8.97
N LEU D 56 -22.52 -19.46 8.92
CA LEU D 56 -23.74 -19.31 9.72
C LEU D 56 -24.80 -20.31 9.28
N LEU D 57 -24.91 -20.55 7.97
CA LEU D 57 -25.83 -21.58 7.48
C LEU D 57 -25.39 -22.96 7.93
N GLY D 58 -24.09 -23.22 7.97
CA GLY D 58 -23.61 -24.56 8.33
C GLY D 58 -23.91 -24.94 9.76
N ILE D 59 -23.69 -24.00 10.70
CA ILE D 59 -23.91 -24.30 12.11
C ILE D 59 -25.37 -24.28 12.52
N TRP D 60 -26.28 -23.98 11.59
CA TRP D 60 -27.71 -24.05 11.84
C TRP D 60 -28.33 -25.33 11.30
N GLY D 61 -27.51 -26.25 10.80
CA GLY D 61 -28.06 -27.42 10.13
C GLY D 61 -28.71 -27.11 8.81
N CYS D 62 -28.38 -25.98 8.19
CA CYS D 62 -28.99 -25.53 6.95
C CYS D 62 -27.99 -25.46 5.81
N SER D 63 -26.86 -26.14 5.94
CA SER D 63 -25.81 -26.05 4.93
C SER D 63 -26.29 -26.56 3.58
N GLY D 64 -25.94 -25.83 2.53
CA GLY D 64 -26.35 -26.23 1.19
C GLY D 64 -27.84 -26.13 0.93
N LYS D 65 -28.54 -25.22 1.61
CA LYS D 65 -29.98 -25.08 1.46
C LYS D 65 -30.33 -23.60 1.39
N LEU D 66 -31.38 -23.30 0.62
CA LEU D 66 -31.88 -21.94 0.50
C LEU D 66 -33.06 -21.67 1.42
N ILE D 67 -34.04 -22.56 1.44
CA ILE D 67 -35.14 -22.51 2.39
C ILE D 67 -34.92 -23.66 3.35
N CYS D 68 -34.61 -23.36 4.60
CA CYS D 68 -34.28 -24.39 5.59
C CYS D 68 -35.26 -24.29 6.75
N CYS D 69 -35.89 -25.42 7.07
CA CYS D 69 -36.81 -25.48 8.20
C CYS D 69 -36.05 -25.89 9.45
N THR D 70 -36.42 -25.31 10.59
CA THR D 70 -35.75 -25.56 11.85
C THR D 70 -36.76 -26.04 12.89
N ASN D 71 -36.31 -26.16 14.14
CA ASN D 71 -37.14 -26.64 15.22
C ASN D 71 -37.37 -25.62 16.32
N VAL D 72 -36.90 -24.39 16.15
CA VAL D 72 -37.07 -23.35 17.16
C VAL D 72 -38.48 -22.75 17.03
N PRO D 73 -39.27 -22.76 18.09
CA PRO D 73 -40.60 -22.12 18.01
C PRO D 73 -40.47 -20.62 17.82
N TRP D 74 -41.44 -20.05 17.11
CA TRP D 74 -41.48 -18.61 16.87
C TRP D 74 -42.22 -17.94 18.02
N ASN D 75 -41.47 -17.33 18.93
CA ASN D 75 -42.08 -16.61 20.04
C ASN D 75 -42.83 -15.38 19.53
N SER D 76 -44.01 -15.15 20.06
CA SER D 76 -44.82 -14.00 19.64
C SER D 76 -44.22 -12.68 20.07
N SER D 77 -43.21 -12.69 20.96
CA SER D 77 -42.58 -11.45 21.39
C SER D 77 -41.88 -10.75 20.23
N TRP D 78 -41.18 -11.51 19.39
CA TRP D 78 -40.46 -10.91 18.27
C TRP D 78 -41.41 -10.24 17.29
N SER D 79 -42.49 -10.93 16.91
CA SER D 79 -43.51 -10.36 16.04
C SER D 79 -44.80 -11.12 16.24
N ASN D 80 -45.89 -10.38 16.44
CA ASN D 80 -47.21 -10.98 16.63
C ASN D 80 -48.00 -11.11 15.34
N ARG D 81 -47.41 -10.75 14.20
CA ARG D 81 -48.11 -10.80 12.93
C ARG D 81 -48.33 -12.25 12.50
N ASN D 82 -49.46 -12.49 11.84
CA ASN D 82 -49.80 -13.80 11.32
C ASN D 82 -49.13 -14.02 9.97
N LEU D 83 -49.23 -15.26 9.48
CA LEU D 83 -48.57 -15.62 8.22
C LEU D 83 -49.17 -14.90 7.03
N SER D 84 -50.48 -14.65 7.03
CA SER D 84 -51.11 -14.05 5.87
C SER D 84 -50.54 -12.67 5.57
N GLU D 85 -50.51 -11.80 6.58
CA GLU D 85 -50.00 -10.46 6.37
C GLU D 85 -48.48 -10.38 6.39
N ILE D 86 -47.79 -11.46 6.75
CA ILE D 86 -46.34 -11.48 6.61
C ILE D 86 -45.95 -11.85 5.19
N TRP D 87 -46.57 -12.88 4.63
CA TRP D 87 -46.20 -13.40 3.33
C TRP D 87 -47.05 -12.86 2.19
N ASP D 88 -47.98 -11.93 2.46
CA ASP D 88 -48.84 -11.42 1.40
C ASP D 88 -48.86 -9.90 1.23
N ASN D 89 -48.42 -9.13 2.22
CA ASN D 89 -48.43 -7.68 2.06
C ASN D 89 -47.08 -7.03 2.32
N MET D 90 -46.30 -7.54 3.27
CA MET D 90 -45.05 -6.88 3.63
C MET D 90 -43.93 -7.23 2.65
N THR D 91 -42.88 -6.41 2.71
CA THR D 91 -41.69 -6.55 1.87
C THR D 91 -40.50 -6.93 2.75
N TRP D 92 -39.58 -7.71 2.16
CA TRP D 92 -38.45 -8.25 2.92
C TRP D 92 -37.67 -7.15 3.63
N LEU D 93 -37.57 -5.96 3.03
CA LEU D 93 -36.93 -4.85 3.73
C LEU D 93 -37.68 -4.48 4.99
N GLN D 94 -39.01 -4.39 4.90
CA GLN D 94 -39.81 -4.06 6.08
C GLN D 94 -39.68 -5.15 7.15
N TRP D 95 -39.68 -6.41 6.74
CA TRP D 95 -39.54 -7.50 7.72
C TRP D 95 -38.17 -7.46 8.38
N ASP D 96 -37.12 -7.17 7.61
CA ASP D 96 -35.80 -7.04 8.21
C ASP D 96 -35.78 -5.89 9.21
N LYS D 97 -36.42 -4.77 8.86
CA LYS D 97 -36.44 -3.63 9.77
C LYS D 97 -37.21 -3.95 11.06
N GLU D 98 -38.31 -4.70 10.96
CA GLU D 98 -39.13 -4.98 12.15
C GLU D 98 -38.38 -5.87 13.14
N ILE D 99 -37.71 -6.90 12.66
CA ILE D 99 -37.06 -7.88 13.53
C ILE D 99 -35.56 -7.63 13.65
N SER D 100 -35.07 -6.50 13.15
CA SER D 100 -33.64 -6.20 13.23
C SER D 100 -33.14 -6.12 14.66
N ASN D 101 -34.03 -5.91 15.63
CA ASN D 101 -33.66 -5.84 17.03
C ASN D 101 -33.73 -7.20 17.73
N TYR D 102 -33.96 -8.26 16.98
CA TYR D 102 -34.01 -9.59 17.57
C TYR D 102 -33.15 -10.62 16.83
N THR D 103 -32.34 -10.22 15.85
CA THR D 103 -31.65 -11.19 14.99
C THR D 103 -30.66 -12.03 15.79
N GLN D 104 -29.96 -11.42 16.75
CA GLN D 104 -28.97 -12.16 17.52
C GLN D 104 -29.61 -13.28 18.32
N ILE D 105 -30.77 -13.00 18.92
CA ILE D 105 -31.46 -14.02 19.71
C ILE D 105 -31.86 -15.20 18.83
N ILE D 106 -32.41 -14.91 17.65
CA ILE D 106 -32.83 -15.98 16.75
C ILE D 106 -31.63 -16.78 16.27
N TYR D 107 -30.52 -16.10 15.96
CA TYR D 107 -29.33 -16.81 15.51
C TYR D 107 -28.80 -17.74 16.60
N GLY D 108 -28.72 -17.25 17.84
CA GLY D 108 -28.28 -18.10 18.93
C GLY D 108 -29.22 -19.26 19.17
N LEU D 109 -30.52 -19.02 19.06
CA LEU D 109 -31.50 -20.09 19.24
C LEU D 109 -31.34 -21.16 18.17
N LEU D 110 -31.16 -20.74 16.92
CA LEU D 110 -30.91 -21.70 15.85
C LEU D 110 -29.65 -22.51 16.15
N GLU D 111 -28.62 -21.84 16.66
CA GLU D 111 -27.38 -22.54 16.98
C GLU D 111 -27.61 -23.62 18.03
N GLU D 112 -28.31 -23.29 19.12
CA GLU D 112 -28.39 -24.28 20.19
C GLU D 112 -29.33 -25.40 19.78
N SER D 113 -30.41 -25.06 19.07
CA SER D 113 -31.32 -26.10 18.58
C SER D 113 -30.59 -27.05 17.64
N GLN D 114 -29.75 -26.52 16.76
CA GLN D 114 -29.00 -27.38 15.85
C GLN D 114 -28.06 -28.30 16.63
N ASN D 115 -27.36 -27.77 17.65
CA ASN D 115 -26.41 -28.64 18.33
C ASN D 115 -27.11 -29.71 19.16
N GLN D 116 -28.24 -29.37 19.81
CA GLN D 116 -28.99 -30.41 20.52
C GLN D 116 -29.55 -31.45 19.56
N GLN D 117 -30.07 -31.02 18.41
CA GLN D 117 -30.56 -31.99 17.43
C GLN D 117 -29.44 -32.90 16.97
N GLU D 118 -28.25 -32.34 16.74
CA GLU D 118 -27.11 -33.16 16.33
C GLU D 118 -26.77 -34.18 17.41
N LYS D 119 -26.62 -33.74 18.65
CA LYS D 119 -26.21 -34.64 19.72
C LYS D 119 -27.25 -35.73 19.95
N ASN D 120 -28.54 -35.39 19.85
CA ASN D 120 -29.57 -36.42 19.86
C ASN D 120 -29.38 -37.39 18.71
N GLU D 121 -28.92 -36.90 17.56
CA GLU D 121 -28.72 -37.79 16.42
C GLU D 121 -27.61 -38.80 16.70
N GLN D 122 -26.46 -38.35 17.21
CA GLN D 122 -25.40 -39.33 17.50
C GLN D 122 -25.81 -40.25 18.65
N ASP D 123 -26.63 -39.76 19.58
CA ASP D 123 -27.16 -40.67 20.60
C ASP D 123 -28.01 -41.75 19.95
N LEU D 124 -28.86 -41.39 18.99
CA LEU D 124 -29.71 -42.36 18.32
C LEU D 124 -28.89 -43.36 17.51
N LEU D 125 -27.88 -42.88 16.78
CA LEU D 125 -27.16 -43.74 15.85
C LEU D 125 -26.26 -44.73 16.57
N ALA D 126 -25.99 -44.52 17.87
CA ALA D 126 -25.15 -45.46 18.62
C ALA D 126 -25.81 -46.81 18.83
N LEU D 127 -27.11 -46.93 18.56
CA LEU D 127 -27.82 -48.19 18.75
C LEU D 127 -27.50 -49.17 17.62
N PHE E 1 -3.97 -45.74 -8.82
CA PHE E 1 -4.27 -44.31 -8.85
C PHE E 1 -3.64 -43.65 -10.06
N LEU E 2 -4.42 -42.84 -10.77
CA LEU E 2 -3.94 -42.18 -11.97
C LEU E 2 -3.39 -40.79 -11.70
N GLY E 3 -3.66 -40.22 -10.53
CA GLY E 3 -3.16 -38.89 -10.21
C GLY E 3 -3.99 -37.79 -10.82
N PHE E 4 -3.54 -36.56 -10.58
CA PHE E 4 -4.24 -35.39 -11.06
C PHE E 4 -4.38 -35.43 -12.57
N LEU E 5 -5.60 -35.27 -13.06
CA LEU E 5 -5.95 -35.37 -14.48
C LEU E 5 -5.49 -36.68 -15.10
N GLY E 6 -5.27 -37.71 -14.28
CA GLY E 6 -4.74 -38.95 -14.80
C GLY E 6 -5.68 -39.65 -15.76
N ALA E 7 -6.99 -39.49 -15.56
CA ALA E 7 -7.99 -40.12 -16.40
C ALA E 7 -8.52 -39.18 -17.48
N ALA E 8 -7.72 -38.19 -17.88
CA ALA E 8 -8.16 -37.25 -18.90
C ALA E 8 -8.32 -37.91 -20.27
N GLY E 9 -7.77 -39.10 -20.45
CA GLY E 9 -7.94 -39.83 -21.69
C GLY E 9 -8.91 -40.99 -21.56
N SER E 10 -9.11 -41.47 -20.34
CA SER E 10 -10.02 -42.56 -20.09
C SER E 10 -11.46 -42.12 -20.37
N THR E 11 -12.30 -43.10 -20.69
CA THR E 11 -13.69 -42.82 -21.03
C THR E 11 -14.43 -42.22 -19.83
N MET E 12 -15.62 -41.70 -20.10
CA MET E 12 -16.41 -41.04 -19.06
C MET E 12 -16.73 -42.01 -17.92
N GLY E 13 -17.13 -43.24 -18.26
CA GLY E 13 -17.41 -44.22 -17.23
C GLY E 13 -16.20 -44.57 -16.39
N ALA E 14 -15.02 -44.58 -16.99
CA ALA E 14 -13.80 -44.84 -16.25
C ALA E 14 -13.22 -43.60 -15.58
N ALA E 15 -13.47 -42.41 -16.13
CA ALA E 15 -12.98 -41.18 -15.53
C ALA E 15 -13.89 -40.66 -14.42
N SER E 16 -15.11 -41.16 -14.32
CA SER E 16 -16.02 -40.77 -13.26
C SER E 16 -15.76 -41.50 -11.96
N MET E 17 -14.77 -42.40 -11.94
CA MET E 17 -14.43 -43.16 -10.75
C MET E 17 -13.35 -42.50 -9.91
N THR E 18 -12.64 -41.51 -10.44
CA THR E 18 -11.55 -40.85 -9.74
C THR E 18 -11.79 -39.34 -9.66
N LEU E 19 -13.04 -38.95 -9.41
CA LEU E 19 -13.36 -37.54 -9.31
C LEU E 19 -12.73 -36.90 -8.09
N THR E 20 -12.49 -37.68 -7.03
CA THR E 20 -11.88 -37.12 -5.83
C THR E 20 -10.45 -36.64 -6.10
N VAL E 21 -9.73 -37.33 -6.99
CA VAL E 21 -8.34 -36.98 -7.25
C VAL E 21 -8.24 -35.59 -7.87
N GLN E 22 -9.12 -35.30 -8.83
CA GLN E 22 -9.14 -33.98 -9.45
C GLN E 22 -9.87 -32.95 -8.60
N ALA E 23 -10.47 -33.36 -7.49
CA ALA E 23 -11.18 -32.46 -6.60
C ALA E 23 -10.34 -31.99 -5.42
N ARG E 24 -9.48 -32.87 -4.90
CA ARG E 24 -8.68 -32.49 -3.73
C ARG E 24 -7.53 -31.56 -4.09
N ASN E 25 -7.17 -31.46 -5.38
CA ASN E 25 -6.11 -30.56 -5.84
C ASN E 25 -6.66 -29.23 -6.36
N LEU E 26 -7.90 -28.90 -6.04
CA LEU E 26 -8.52 -27.67 -6.52
C LEU E 26 -8.28 -26.49 -5.58
N LEU E 27 -7.68 -26.72 -4.41
CA LEU E 27 -7.44 -25.64 -3.47
C LEU E 27 -6.01 -25.58 -2.96
N SER E 28 -5.30 -26.69 -2.83
CA SER E 28 -3.94 -26.68 -2.33
C SER E 28 -3.11 -27.82 -2.93
N THR E 33 7.31 -6.82 -3.26
CA THR E 33 8.09 -7.89 -3.86
C THR E 33 7.35 -8.50 -5.04
N VAL E 34 8.08 -8.79 -6.12
CA VAL E 34 7.45 -9.34 -7.31
C VAL E 34 6.84 -10.71 -7.02
N TRP E 35 7.58 -11.56 -6.32
CA TRP E 35 7.09 -12.91 -6.07
C TRP E 35 6.04 -12.95 -4.97
N GLY E 36 6.16 -12.10 -3.95
CA GLY E 36 5.24 -12.15 -2.83
C GLY E 36 3.82 -11.82 -3.22
N ILE E 37 3.63 -10.70 -3.91
CA ILE E 37 2.28 -10.31 -4.31
C ILE E 37 1.73 -11.27 -5.35
N LYS E 38 2.60 -11.81 -6.21
CA LYS E 38 2.15 -12.83 -7.16
C LYS E 38 1.63 -14.06 -6.44
N GLN E 39 2.35 -14.53 -5.42
CA GLN E 39 1.88 -15.65 -4.63
C GLN E 39 0.56 -15.34 -3.95
N LEU E 40 0.45 -14.15 -3.35
CA LEU E 40 -0.78 -13.79 -2.63
C LEU E 40 -1.98 -13.74 -3.57
N GLN E 41 -1.83 -13.10 -4.72
CA GLN E 41 -2.96 -13.01 -5.65
C GLN E 41 -3.24 -14.34 -6.32
N ALA E 42 -2.25 -15.21 -6.48
CA ALA E 42 -2.52 -16.57 -6.93
C ALA E 42 -3.37 -17.33 -5.91
N ARG E 43 -3.03 -17.20 -4.62
CA ARG E 43 -3.85 -17.83 -3.59
C ARG E 43 -5.28 -17.32 -3.63
N VAL E 44 -5.44 -16.00 -3.72
CA VAL E 44 -6.79 -15.43 -3.71
C VAL E 44 -7.57 -15.87 -4.94
N LEU E 45 -6.91 -15.91 -6.10
CA LEU E 45 -7.58 -16.33 -7.32
C LEU E 45 -8.01 -17.78 -7.25
N ALA E 46 -7.15 -18.64 -6.70
CA ALA E 46 -7.52 -20.05 -6.53
C ALA E 46 -8.71 -20.18 -5.60
N VAL E 47 -8.73 -19.41 -4.50
CA VAL E 47 -9.86 -19.48 -3.58
C VAL E 47 -11.15 -19.05 -4.26
N GLU E 48 -11.11 -17.96 -5.02
CA GLU E 48 -12.32 -17.52 -5.72
C GLU E 48 -12.79 -18.56 -6.72
N ARG E 49 -11.87 -19.14 -7.49
CA ARG E 49 -12.27 -20.11 -8.50
C ARG E 49 -12.85 -21.37 -7.89
N TYR E 50 -12.33 -21.80 -6.73
CA TYR E 50 -12.92 -22.93 -6.04
C TYR E 50 -14.29 -22.58 -5.46
N LEU E 51 -14.41 -21.40 -4.87
CA LEU E 51 -15.65 -21.03 -4.19
C LEU E 51 -16.80 -20.83 -5.17
N ARG E 52 -16.53 -20.29 -6.36
CA ARG E 52 -17.62 -20.11 -7.31
C ARG E 52 -18.18 -21.46 -7.76
N ASP E 53 -17.31 -22.45 -8.00
CA ASP E 53 -17.79 -23.77 -8.37
C ASP E 53 -18.53 -24.44 -7.22
N GLN E 54 -18.03 -24.27 -5.98
CA GLN E 54 -18.74 -24.84 -4.85
C GLN E 54 -20.11 -24.19 -4.66
N GLN E 55 -20.21 -22.88 -4.88
CA GLN E 55 -21.50 -22.20 -4.81
C GLN E 55 -22.44 -22.71 -5.89
N LEU E 56 -21.93 -22.91 -7.11
CA LEU E 56 -22.76 -23.47 -8.16
C LEU E 56 -23.26 -24.86 -7.79
N LEU E 57 -22.41 -25.68 -7.18
CA LEU E 57 -22.86 -26.99 -6.72
C LEU E 57 -23.93 -26.87 -5.64
N GLY E 58 -23.73 -25.96 -4.68
CA GLY E 58 -24.66 -25.83 -3.58
C GLY E 58 -25.97 -25.17 -3.95
N ILE E 59 -26.01 -24.43 -5.06
CA ILE E 59 -27.25 -23.80 -5.48
C ILE E 59 -28.16 -24.81 -6.16
N TRP E 60 -27.61 -25.79 -6.87
CA TRP E 60 -28.40 -26.83 -7.51
C TRP E 60 -28.80 -27.94 -6.56
N GLY E 61 -28.58 -27.77 -5.27
CA GLY E 61 -28.87 -28.82 -4.31
C GLY E 61 -27.95 -30.01 -4.41
N CYS E 62 -26.66 -29.78 -4.63
CA CYS E 62 -25.68 -30.86 -4.76
C CYS E 62 -24.44 -30.59 -3.91
N SER E 63 -24.60 -29.83 -2.82
CA SER E 63 -23.46 -29.47 -2.00
C SER E 63 -22.84 -30.71 -1.36
N GLY E 64 -21.51 -30.80 -1.45
CA GLY E 64 -20.81 -31.89 -0.81
C GLY E 64 -20.94 -33.23 -1.50
N LYS E 65 -21.48 -33.28 -2.71
CA LYS E 65 -21.64 -34.53 -3.44
C LYS E 65 -20.96 -34.41 -4.79
N LEU E 66 -20.14 -35.41 -5.12
CA LEU E 66 -19.43 -35.43 -6.39
C LEU E 66 -20.35 -35.79 -7.56
N ILE E 67 -21.22 -36.77 -7.37
CA ILE E 67 -22.16 -37.20 -8.40
C ILE E 67 -23.56 -37.01 -7.83
N CYS E 68 -24.23 -35.94 -8.25
CA CYS E 68 -25.57 -35.62 -7.78
C CYS E 68 -26.55 -35.85 -8.92
N CYS E 69 -27.60 -36.61 -8.66
CA CYS E 69 -28.66 -36.79 -9.64
C CYS E 69 -29.73 -35.74 -9.39
N THR E 70 -30.21 -35.12 -10.47
CA THR E 70 -31.17 -34.02 -10.35
C THR E 70 -32.37 -34.29 -11.24
N ASN E 71 -33.38 -33.43 -11.12
CA ASN E 71 -34.69 -33.66 -11.73
C ASN E 71 -34.86 -33.01 -13.09
N VAL E 72 -33.90 -32.22 -13.56
CA VAL E 72 -34.05 -31.53 -14.84
C VAL E 72 -34.02 -32.56 -15.96
N PRO E 73 -35.06 -32.63 -16.79
CA PRO E 73 -35.04 -33.59 -17.90
C PRO E 73 -33.97 -33.23 -18.92
N TRP E 74 -33.32 -34.25 -19.47
CA TRP E 74 -32.28 -34.04 -20.47
C TRP E 74 -32.93 -33.79 -21.82
N ASN E 75 -33.00 -32.51 -22.21
CA ASN E 75 -33.57 -32.16 -23.51
C ASN E 75 -32.74 -32.77 -24.62
N SER E 76 -33.42 -33.41 -25.57
CA SER E 76 -32.73 -34.10 -26.66
C SER E 76 -32.09 -33.13 -27.66
N SER E 77 -32.41 -31.84 -27.58
CA SER E 77 -31.82 -30.86 -28.48
C SER E 77 -30.35 -30.61 -28.19
N TRP E 78 -29.82 -31.08 -27.07
CA TRP E 78 -28.42 -30.87 -26.71
C TRP E 78 -27.51 -31.97 -27.23
N SER E 79 -27.96 -33.23 -27.14
CA SER E 79 -27.20 -34.35 -27.67
C SER E 79 -28.15 -35.53 -27.84
N ASN E 80 -28.18 -36.10 -29.04
CA ASN E 80 -29.07 -37.20 -29.37
C ASN E 80 -28.43 -38.56 -29.20
N ARG E 81 -27.19 -38.61 -28.71
CA ARG E 81 -26.47 -39.87 -28.59
C ARG E 81 -26.95 -40.65 -27.37
N ASN E 82 -26.84 -41.97 -27.47
CA ASN E 82 -27.28 -42.85 -26.39
C ASN E 82 -26.17 -43.02 -25.35
N LEU E 83 -26.56 -43.57 -24.20
CA LEU E 83 -25.61 -43.72 -23.09
C LEU E 83 -24.51 -44.71 -23.44
N SER E 84 -24.79 -45.71 -24.28
CA SER E 84 -23.76 -46.69 -24.62
C SER E 84 -22.59 -46.05 -25.34
N GLU E 85 -22.84 -45.00 -26.13
CA GLU E 85 -21.77 -44.31 -26.83
C GLU E 85 -21.11 -43.23 -25.98
N ILE E 86 -21.84 -42.65 -25.03
CA ILE E 86 -21.32 -41.53 -24.24
C ILE E 86 -20.42 -42.02 -23.11
N TRP E 87 -20.87 -43.00 -22.34
CA TRP E 87 -20.16 -43.43 -21.15
C TRP E 87 -19.13 -44.52 -21.42
N ASP E 88 -18.95 -44.93 -22.67
CA ASP E 88 -18.01 -45.98 -22.99
C ASP E 88 -17.04 -45.64 -24.12
N ASN E 89 -17.30 -44.59 -24.90
CA ASN E 89 -16.40 -44.23 -25.99
C ASN E 89 -15.74 -42.88 -25.77
N MET E 90 -16.52 -41.83 -25.58
CA MET E 90 -15.96 -40.49 -25.44
C MET E 90 -15.41 -40.26 -24.04
N THR E 91 -14.36 -39.45 -23.96
CA THR E 91 -13.88 -38.96 -22.68
C THR E 91 -14.50 -37.60 -22.39
N TRP E 92 -14.18 -37.07 -21.21
CA TRP E 92 -14.87 -35.87 -20.74
C TRP E 92 -14.53 -34.66 -21.59
N LEU E 93 -13.36 -34.65 -22.24
CA LEU E 93 -12.91 -33.48 -22.98
C LEU E 93 -13.80 -33.21 -24.18
N GLN E 94 -14.04 -34.22 -25.02
CA GLN E 94 -14.87 -33.98 -26.20
C GLN E 94 -16.31 -33.73 -25.81
N TRP E 95 -16.75 -34.29 -24.69
CA TRP E 95 -18.11 -34.01 -24.22
C TRP E 95 -18.24 -32.55 -23.80
N ASP E 96 -17.26 -32.03 -23.05
CA ASP E 96 -17.29 -30.63 -22.68
C ASP E 96 -17.21 -29.73 -23.91
N LYS E 97 -16.39 -30.12 -24.89
CA LYS E 97 -16.33 -29.37 -26.14
C LYS E 97 -17.68 -29.40 -26.87
N GLU E 98 -18.40 -30.50 -26.77
CA GLU E 98 -19.65 -30.66 -27.53
C GLU E 98 -20.75 -29.74 -26.99
N ILE E 99 -20.93 -29.72 -25.68
CA ILE E 99 -22.08 -29.04 -25.08
C ILE E 99 -21.68 -27.72 -24.43
N SER E 100 -20.46 -27.25 -24.73
CA SER E 100 -19.98 -26.00 -24.14
C SER E 100 -20.87 -24.81 -24.49
N ASN E 101 -21.65 -24.91 -25.56
CA ASN E 101 -22.52 -23.83 -25.99
C ASN E 101 -23.96 -23.97 -25.51
N TYR E 102 -24.24 -24.96 -24.66
CA TYR E 102 -25.58 -25.14 -24.10
C TYR E 102 -25.55 -25.21 -22.58
N THR E 103 -24.45 -24.79 -21.95
CA THR E 103 -24.27 -25.00 -20.53
C THR E 103 -24.98 -23.97 -19.66
N GLN E 104 -25.13 -22.73 -20.12
CA GLN E 104 -25.76 -21.72 -19.30
C GLN E 104 -27.24 -22.01 -19.09
N ILE E 105 -27.94 -22.46 -20.13
CA ILE E 105 -29.34 -22.80 -19.98
C ILE E 105 -29.50 -24.01 -19.07
N ILE E 106 -28.56 -24.96 -19.12
CA ILE E 106 -28.61 -26.10 -18.22
C ILE E 106 -28.43 -25.64 -16.77
N TYR E 107 -27.49 -24.73 -16.53
CA TYR E 107 -27.28 -24.23 -15.18
C TYR E 107 -28.51 -23.49 -14.68
N GLY E 108 -29.14 -22.68 -15.53
CA GLY E 108 -30.36 -22.01 -15.13
C GLY E 108 -31.50 -22.96 -14.84
N LEU E 109 -31.64 -24.00 -15.66
CA LEU E 109 -32.67 -25.01 -15.42
C LEU E 109 -32.44 -25.70 -14.09
N LEU E 110 -31.18 -26.05 -13.78
CA LEU E 110 -30.88 -26.68 -12.50
C LEU E 110 -31.21 -25.74 -11.35
N GLU E 111 -30.86 -24.46 -11.49
CA GLU E 111 -31.16 -23.49 -10.44
C GLU E 111 -32.65 -23.43 -10.16
N GLU E 112 -33.45 -23.26 -11.23
CA GLU E 112 -34.90 -23.15 -11.05
C GLU E 112 -35.49 -24.44 -10.49
N SER E 113 -35.03 -25.59 -10.97
CA SER E 113 -35.55 -26.86 -10.48
C SER E 113 -35.25 -27.03 -9.00
N GLN E 114 -34.03 -26.66 -8.56
CA GLN E 114 -33.70 -26.79 -7.15
C GLN E 114 -34.53 -25.85 -6.30
N ASN E 115 -34.74 -24.62 -6.75
CA ASN E 115 -35.57 -23.69 -5.98
C ASN E 115 -37.01 -24.21 -5.88
N GLN E 116 -37.54 -24.73 -6.98
CA GLN E 116 -38.88 -25.30 -6.95
C GLN E 116 -38.96 -26.48 -6.00
N GLN E 117 -37.96 -27.37 -6.03
CA GLN E 117 -37.95 -28.50 -5.12
C GLN E 117 -37.87 -28.06 -3.66
N GLU E 118 -37.08 -27.02 -3.39
CA GLU E 118 -36.98 -26.51 -2.02
C GLU E 118 -38.32 -25.97 -1.54
N LYS E 119 -39.00 -25.19 -2.39
CA LYS E 119 -40.31 -24.69 -2.01
C LYS E 119 -41.32 -25.81 -1.82
N ASN E 120 -41.28 -26.82 -2.69
CA ASN E 120 -42.19 -27.96 -2.55
C ASN E 120 -41.93 -28.72 -1.26
N GLU E 121 -40.66 -28.92 -0.90
CA GLU E 121 -40.33 -29.57 0.36
C GLU E 121 -40.82 -28.77 1.55
N GLN E 122 -40.63 -27.45 1.53
CA GLN E 122 -41.12 -26.63 2.64
C GLN E 122 -42.63 -26.69 2.75
N ASP E 123 -43.34 -26.67 1.61
CA ASP E 123 -44.78 -26.81 1.63
C ASP E 123 -45.22 -28.17 2.15
N LEU E 124 -44.50 -29.24 1.80
CA LEU E 124 -44.83 -30.58 2.26
C LEU E 124 -44.64 -30.72 3.77
N LEU E 125 -43.56 -30.15 4.30
CA LEU E 125 -43.28 -30.28 5.73
C LEU E 125 -44.26 -29.54 6.61
N ALA E 126 -45.03 -28.60 6.05
CA ALA E 126 -45.95 -27.79 6.85
C ALA E 126 -47.30 -28.47 7.07
N LEU E 127 -47.50 -29.67 6.55
CA LEU E 127 -48.76 -30.38 6.73
C LEU E 127 -48.78 -31.17 8.03
N PHE F 1 -19.97 -23.66 28.03
CA PHE F 1 -18.95 -23.00 27.21
C PHE F 1 -17.60 -22.99 27.92
N LEU F 2 -16.81 -24.04 27.69
CA LEU F 2 -15.48 -24.11 28.28
C LEU F 2 -14.53 -23.08 27.70
N GLY F 3 -14.91 -22.45 26.60
CA GLY F 3 -14.08 -21.46 25.94
C GLY F 3 -13.48 -22.01 24.66
N PHE F 4 -12.95 -21.09 23.85
CA PHE F 4 -12.29 -21.46 22.61
C PHE F 4 -11.15 -22.44 22.90
N LEU F 5 -11.30 -23.67 22.45
CA LEU F 5 -10.45 -24.81 22.85
C LEU F 5 -10.39 -24.97 24.36
N GLY F 6 -11.44 -24.57 25.08
CA GLY F 6 -11.43 -24.69 26.52
C GLY F 6 -11.42 -26.12 27.02
N ALA F 7 -12.12 -27.01 26.30
CA ALA F 7 -12.27 -28.39 26.73
C ALA F 7 -11.07 -29.27 26.35
N ALA F 8 -9.93 -28.66 26.04
CA ALA F 8 -8.77 -29.44 25.62
C ALA F 8 -8.26 -30.37 26.71
N GLY F 9 -8.60 -30.11 27.96
CA GLY F 9 -8.23 -31.00 29.05
C GLY F 9 -9.36 -31.89 29.50
N SER F 10 -10.57 -31.60 29.01
CA SER F 10 -11.73 -32.39 29.38
C SER F 10 -11.75 -33.70 28.60
N THR F 11 -12.77 -34.52 28.87
CA THR F 11 -12.94 -35.77 28.16
C THR F 11 -13.37 -35.52 26.72
N MET F 12 -13.13 -36.50 25.86
CA MET F 12 -13.51 -36.37 24.45
C MET F 12 -15.02 -36.25 24.28
N GLY F 13 -15.80 -36.80 25.20
CA GLY F 13 -17.24 -36.56 25.14
C GLY F 13 -17.59 -35.10 25.36
N ALA F 14 -16.98 -34.48 26.38
CA ALA F 14 -17.22 -33.07 26.64
C ALA F 14 -16.74 -32.21 25.48
N ALA F 15 -15.58 -32.54 24.91
CA ALA F 15 -15.09 -31.80 23.76
C ALA F 15 -16.02 -31.95 22.57
N SER F 16 -16.50 -33.17 22.30
CA SER F 16 -17.44 -33.39 21.21
C SER F 16 -18.76 -32.68 21.43
N MET F 17 -19.14 -32.44 22.69
CA MET F 17 -20.29 -31.62 23.01
C MET F 17 -20.09 -30.18 22.56
N THR F 18 -18.90 -29.62 22.73
CA THR F 18 -18.65 -28.20 22.50
C THR F 18 -17.86 -27.93 21.23
N LEU F 19 -18.01 -28.75 20.19
CA LEU F 19 -17.29 -28.51 18.94
C LEU F 19 -17.74 -27.25 18.23
N THR F 20 -18.96 -26.78 18.51
CA THR F 20 -19.53 -25.68 17.73
C THR F 20 -18.74 -24.39 17.90
N VAL F 21 -18.31 -24.08 19.13
CA VAL F 21 -17.60 -22.82 19.36
C VAL F 21 -16.23 -22.86 18.67
N GLN F 22 -15.53 -23.99 18.72
CA GLN F 22 -14.31 -24.12 17.94
C GLN F 22 -14.57 -24.02 16.45
N ALA F 23 -15.73 -24.49 15.99
CA ALA F 23 -16.04 -24.40 14.56
C ALA F 23 -16.35 -22.96 14.14
N ARG F 24 -16.93 -22.16 15.04
CA ARG F 24 -17.32 -20.80 14.68
C ARG F 24 -16.16 -19.80 14.76
N ASN F 25 -15.05 -20.17 15.40
CA ASN F 25 -13.92 -19.27 15.58
C ASN F 25 -12.81 -19.53 14.56
N LEU F 26 -13.08 -20.31 13.52
CA LEU F 26 -12.08 -20.65 12.53
C LEU F 26 -12.05 -19.70 11.33
N LEU F 27 -12.92 -18.70 11.29
CA LEU F 27 -12.96 -17.77 10.18
C LEU F 27 -12.76 -16.33 10.59
N SER F 28 -13.32 -15.90 11.72
CA SER F 28 -13.17 -14.53 12.18
C SER F 28 -13.15 -14.47 13.71
N THR F 33 1.92 0.13 4.23
CA THR F 33 1.87 0.01 5.69
C THR F 33 2.31 -1.39 6.13
N VAL F 34 3.15 -1.44 7.17
CA VAL F 34 3.69 -2.73 7.62
C VAL F 34 2.56 -3.63 8.11
N TRP F 35 1.64 -3.07 8.88
CA TRP F 35 0.53 -3.86 9.40
C TRP F 35 -0.46 -4.27 8.32
N GLY F 36 -0.52 -3.52 7.21
CA GLY F 36 -1.52 -3.80 6.19
C GLY F 36 -1.33 -5.16 5.54
N ILE F 37 -0.09 -5.47 5.15
CA ILE F 37 0.16 -6.76 4.50
C ILE F 37 0.01 -7.91 5.49
N LYS F 38 0.45 -7.71 6.73
CA LYS F 38 0.28 -8.76 7.74
C LYS F 38 -1.19 -8.98 8.07
N GLN F 39 -2.03 -7.95 7.92
CA GLN F 39 -3.45 -8.13 8.09
C GLN F 39 -4.08 -8.84 6.90
N LEU F 40 -3.67 -8.49 5.68
CA LEU F 40 -4.30 -9.07 4.50
C LEU F 40 -3.92 -10.54 4.32
N GLN F 41 -2.64 -10.86 4.43
CA GLN F 41 -2.23 -12.24 4.27
C GLN F 41 -2.68 -13.12 5.42
N ALA F 42 -2.85 -12.55 6.62
CA ALA F 42 -3.46 -13.33 7.70
C ALA F 42 -4.89 -13.73 7.36
N ARG F 43 -5.67 -12.80 6.81
CA ARG F 43 -7.03 -13.12 6.42
C ARG F 43 -7.05 -14.18 5.31
N VAL F 44 -6.16 -14.04 4.32
CA VAL F 44 -6.11 -15.02 3.25
C VAL F 44 -5.74 -16.40 3.79
N LEU F 45 -4.77 -16.44 4.70
CA LEU F 45 -4.35 -17.71 5.28
C LEU F 45 -5.47 -18.35 6.08
N ALA F 46 -6.19 -17.54 6.86
CA ALA F 46 -7.31 -18.08 7.64
C ALA F 46 -8.39 -18.64 6.72
N VAL F 47 -8.73 -17.91 5.66
CA VAL F 47 -9.77 -18.36 4.75
C VAL F 47 -9.36 -19.68 4.10
N GLU F 48 -8.13 -19.76 3.59
CA GLU F 48 -7.72 -20.98 2.90
C GLU F 48 -7.57 -22.15 3.87
N ARG F 49 -7.11 -21.90 5.09
CA ARG F 49 -7.00 -22.98 6.07
C ARG F 49 -8.36 -23.52 6.46
N TYR F 50 -9.34 -22.63 6.64
CA TYR F 50 -10.69 -23.11 6.94
C TYR F 50 -11.29 -23.86 5.75
N LEU F 51 -11.06 -23.35 4.53
CA LEU F 51 -11.62 -23.99 3.36
C LEU F 51 -10.99 -25.36 3.11
N ARG F 52 -9.72 -25.54 3.46
CA ARG F 52 -9.11 -26.86 3.31
C ARG F 52 -9.78 -27.89 4.20
N ASP F 53 -10.04 -27.54 5.46
CA ASP F 53 -10.73 -28.46 6.35
C ASP F 53 -12.16 -28.72 5.87
N GLN F 54 -12.84 -27.68 5.40
CA GLN F 54 -14.20 -27.87 4.89
C GLN F 54 -14.22 -28.80 3.68
N GLN F 55 -13.25 -28.62 2.77
CA GLN F 55 -13.17 -29.47 1.59
C GLN F 55 -12.83 -30.91 1.96
N LEU F 56 -11.90 -31.11 2.90
CA LEU F 56 -11.60 -32.46 3.35
C LEU F 56 -12.81 -33.12 3.98
N LEU F 57 -13.62 -32.35 4.73
CA LEU F 57 -14.88 -32.87 5.23
C LEU F 57 -15.84 -33.20 4.11
N GLY F 58 -15.87 -32.40 3.04
CA GLY F 58 -16.81 -32.60 1.97
C GLY F 58 -16.63 -33.87 1.17
N ILE F 59 -15.37 -34.20 0.83
CA ILE F 59 -15.10 -35.37 0.01
C ILE F 59 -15.08 -36.67 0.79
N TRP F 60 -15.39 -36.63 2.09
CA TRP F 60 -15.62 -37.82 2.88
C TRP F 60 -17.09 -38.10 3.13
N GLY F 61 -17.98 -37.29 2.56
CA GLY F 61 -19.39 -37.43 2.84
C GLY F 61 -19.81 -36.92 4.19
N CYS F 62 -19.10 -35.94 4.74
CA CYS F 62 -19.41 -35.38 6.04
C CYS F 62 -19.57 -33.86 5.97
N SER F 63 -20.12 -33.37 4.88
CA SER F 63 -20.29 -31.92 4.71
C SER F 63 -21.31 -31.38 5.70
N GLY F 64 -20.95 -30.28 6.36
CA GLY F 64 -21.87 -29.60 7.24
C GLY F 64 -22.23 -30.34 8.51
N LYS F 65 -21.55 -31.45 8.80
CA LYS F 65 -21.82 -32.24 10.00
C LYS F 65 -20.59 -32.25 10.88
N LEU F 66 -20.74 -31.75 12.12
CA LEU F 66 -19.63 -31.76 13.06
C LEU F 66 -19.21 -33.17 13.43
N ILE F 67 -20.18 -34.06 13.58
CA ILE F 67 -19.94 -35.48 13.85
C ILE F 67 -20.53 -36.27 12.70
N CYS F 68 -19.72 -37.14 12.11
CA CYS F 68 -20.13 -37.92 10.94
C CYS F 68 -19.40 -39.26 10.99
N CYS F 69 -20.08 -40.29 11.48
CA CYS F 69 -19.50 -41.63 11.47
C CYS F 69 -19.53 -42.21 10.06
N THR F 70 -18.49 -42.98 9.73
CA THR F 70 -18.25 -43.45 8.37
C THR F 70 -18.07 -44.96 8.39
N ASN F 71 -17.94 -45.54 7.18
CA ASN F 71 -17.91 -46.99 7.00
C ASN F 71 -16.52 -47.59 7.08
N VAL F 72 -15.47 -46.79 6.96
CA VAL F 72 -14.11 -47.33 6.94
C VAL F 72 -13.78 -47.96 8.30
N PRO F 73 -13.40 -49.23 8.33
CA PRO F 73 -13.14 -49.90 9.61
C PRO F 73 -11.76 -49.54 10.15
N TRP F 74 -11.51 -49.96 11.38
CA TRP F 74 -10.23 -49.71 12.05
C TRP F 74 -9.23 -50.78 11.63
N ASN F 75 -8.60 -50.53 10.48
CA ASN F 75 -7.63 -51.47 9.94
C ASN F 75 -6.38 -51.51 10.81
N SER F 76 -5.70 -52.66 10.78
CA SER F 76 -4.51 -52.90 11.58
C SER F 76 -4.78 -52.61 13.05
N SER F 77 -3.90 -51.85 13.70
CA SER F 77 -4.06 -51.49 15.10
C SER F 77 -4.38 -50.01 15.27
N TRP F 78 -3.52 -49.12 14.77
CA TRP F 78 -3.72 -47.67 14.86
C TRP F 78 -3.99 -47.24 16.30
N SER F 79 -3.33 -47.93 17.24
CA SER F 79 -3.59 -47.76 18.67
C SER F 79 -5.07 -47.91 18.98
N ASN F 80 -5.59 -49.11 18.72
CA ASN F 80 -7.03 -49.36 18.81
C ASN F 80 -7.58 -49.13 20.21
N ARG F 81 -6.97 -49.76 21.22
CA ARG F 81 -7.42 -49.72 22.62
C ARG F 81 -8.89 -50.15 22.63
N ASN F 82 -9.78 -49.42 23.30
CA ASN F 82 -11.21 -49.72 23.25
C ASN F 82 -12.00 -48.43 23.43
N LEU F 83 -13.27 -48.46 23.02
CA LEU F 83 -14.07 -47.23 22.98
C LEU F 83 -14.34 -46.68 24.37
N SER F 84 -14.25 -47.53 25.40
CA SER F 84 -14.62 -47.09 26.74
C SER F 84 -13.59 -46.14 27.32
N GLU F 85 -12.32 -46.55 27.34
CA GLU F 85 -11.30 -45.76 28.05
C GLU F 85 -10.89 -44.53 27.25
N ILE F 86 -10.98 -44.60 25.92
CA ILE F 86 -10.48 -43.52 25.08
C ILE F 86 -11.33 -42.26 25.26
N TRP F 87 -12.64 -42.43 25.43
CA TRP F 87 -13.56 -41.31 25.51
C TRP F 87 -14.01 -41.02 26.93
N ASP F 88 -13.37 -41.63 27.93
CA ASP F 88 -13.69 -41.41 29.33
C ASP F 88 -12.64 -40.59 30.05
N ASN F 89 -11.36 -40.84 29.77
CA ASN F 89 -10.26 -40.15 30.43
C ASN F 89 -9.29 -39.49 29.47
N MET F 90 -8.99 -40.13 28.35
CA MET F 90 -7.97 -39.62 27.43
C MET F 90 -8.41 -38.29 26.83
N THR F 91 -7.45 -37.41 26.61
CA THR F 91 -7.70 -36.11 26.02
C THR F 91 -7.41 -36.14 24.53
N TRP F 92 -7.95 -35.16 23.80
CA TRP F 92 -7.84 -35.14 22.34
C TRP F 92 -6.39 -35.02 21.88
N LEU F 93 -5.58 -34.23 22.59
CA LEU F 93 -4.20 -34.00 22.15
C LEU F 93 -3.38 -35.28 22.15
N GLN F 94 -3.44 -36.03 23.26
CA GLN F 94 -2.73 -37.31 23.31
C GLN F 94 -3.18 -38.21 22.18
N TRP F 95 -4.49 -38.28 21.95
CA TRP F 95 -5.04 -39.13 20.90
C TRP F 95 -4.50 -38.75 19.53
N ASP F 96 -4.42 -37.44 19.25
CA ASP F 96 -3.80 -36.99 18.01
C ASP F 96 -2.35 -37.42 17.95
N LYS F 97 -1.65 -37.37 19.08
CA LYS F 97 -0.25 -37.78 19.11
C LYS F 97 -0.10 -39.26 18.76
N GLU F 98 -1.06 -40.11 19.15
CA GLU F 98 -0.89 -41.54 18.93
C GLU F 98 -0.96 -41.92 17.45
N ILE F 99 -1.94 -41.40 16.72
CA ILE F 99 -2.19 -41.84 15.34
C ILE F 99 -1.72 -40.77 14.34
N SER F 100 -0.70 -39.99 14.69
CA SER F 100 -0.21 -38.97 13.77
C SER F 100 0.48 -39.56 12.55
N ASN F 101 0.78 -40.85 12.56
CA ASN F 101 1.54 -41.48 11.47
C ASN F 101 0.68 -42.28 10.50
N TYR F 102 -0.64 -42.34 10.71
CA TYR F 102 -1.53 -43.07 9.81
C TYR F 102 -2.63 -42.18 9.25
N THR F 103 -2.53 -40.88 9.52
CA THR F 103 -3.61 -39.95 9.17
C THR F 103 -3.84 -39.88 7.66
N GLN F 104 -2.75 -39.85 6.88
CA GLN F 104 -2.91 -39.78 5.43
C GLN F 104 -3.60 -41.02 4.88
N ILE F 105 -3.24 -42.19 5.40
CA ILE F 105 -3.87 -43.43 4.96
C ILE F 105 -5.35 -43.43 5.33
N ILE F 106 -5.68 -42.96 6.55
CA ILE F 106 -7.06 -42.89 6.98
C ILE F 106 -7.84 -41.97 6.05
N TYR F 107 -7.24 -40.83 5.69
CA TYR F 107 -7.91 -39.87 4.82
C TYR F 107 -8.15 -40.48 3.43
N GLY F 108 -7.16 -41.19 2.91
CA GLY F 108 -7.31 -41.84 1.61
C GLY F 108 -8.40 -42.90 1.61
N LEU F 109 -8.44 -43.70 2.68
CA LEU F 109 -9.49 -44.70 2.81
C LEU F 109 -10.86 -44.04 2.86
N LEU F 110 -10.97 -42.95 3.62
CA LEU F 110 -12.25 -42.23 3.71
C LEU F 110 -12.66 -41.70 2.35
N GLU F 111 -11.71 -41.13 1.60
CA GLU F 111 -12.00 -40.59 0.28
C GLU F 111 -12.52 -41.67 -0.65
N GLU F 112 -11.83 -42.82 -0.70
CA GLU F 112 -12.25 -43.88 -1.60
C GLU F 112 -13.59 -44.47 -1.18
N SER F 113 -13.84 -44.57 0.14
CA SER F 113 -15.12 -45.08 0.60
C SER F 113 -16.25 -44.14 0.21
N GLN F 114 -16.03 -42.83 0.35
CA GLN F 114 -17.07 -41.88 -0.04
C GLN F 114 -17.34 -41.93 -1.53
N ASN F 115 -16.28 -42.05 -2.35
CA ASN F 115 -16.49 -42.16 -3.79
C ASN F 115 -17.28 -43.44 -4.12
N GLN F 116 -16.95 -44.54 -3.46
CA GLN F 116 -17.69 -45.79 -3.67
C GLN F 116 -19.15 -45.62 -3.27
N GLN F 117 -19.42 -44.94 -2.15
CA GLN F 117 -20.78 -44.73 -1.71
C GLN F 117 -21.57 -43.90 -2.72
N GLU F 118 -20.95 -42.84 -3.24
CA GLU F 118 -21.63 -42.01 -4.23
C GLU F 118 -21.91 -42.79 -5.51
N LYS F 119 -20.95 -43.59 -5.96
CA LYS F 119 -21.17 -44.40 -7.15
C LYS F 119 -22.30 -45.39 -6.94
N ASN F 120 -22.33 -46.04 -5.77
CA ASN F 120 -23.39 -47.01 -5.49
C ASN F 120 -24.76 -46.34 -5.42
N GLU F 121 -24.83 -45.16 -4.80
CA GLU F 121 -26.11 -44.45 -4.74
C GLU F 121 -26.57 -44.02 -6.13
N GLN F 122 -25.65 -43.51 -6.95
CA GLN F 122 -26.02 -43.16 -8.33
C GLN F 122 -26.46 -44.38 -9.12
N ASP F 123 -25.84 -45.53 -8.88
CA ASP F 123 -26.25 -46.76 -9.56
C ASP F 123 -27.64 -47.18 -9.15
N LEU F 124 -27.93 -47.17 -7.84
CA LEU F 124 -29.22 -47.64 -7.37
C LEU F 124 -30.35 -46.64 -7.59
N LEU F 125 -30.03 -45.37 -7.80
CA LEU F 125 -31.07 -44.37 -8.02
C LEU F 125 -31.66 -44.42 -9.41
N ALA F 126 -31.01 -45.10 -10.35
CA ALA F 126 -31.51 -45.19 -11.72
C ALA F 126 -32.48 -46.35 -11.92
N LEU F 127 -32.69 -47.19 -10.91
CA LEU F 127 -33.56 -48.34 -11.03
C LEU F 127 -35.02 -47.91 -11.09
N LYS G 1 -18.31 32.43 26.23
CA LYS G 1 -18.12 33.37 25.13
C LYS G 1 -16.79 34.09 25.26
N LYS G 2 -15.79 33.62 24.52
CA LYS G 2 -14.46 34.20 24.59
C LYS G 2 -14.48 35.63 24.06
N VAL G 3 -13.70 36.50 24.71
CA VAL G 3 -13.57 37.89 24.31
C VAL G 3 -12.10 38.25 24.24
N VAL G 4 -11.72 38.99 23.21
CA VAL G 4 -10.35 39.45 23.03
C VAL G 4 -10.37 40.96 22.84
N LEU G 5 -9.21 41.58 23.03
CA LEU G 5 -9.07 43.03 22.98
C LEU G 5 -8.04 43.41 21.93
N GLY G 6 -8.33 44.46 21.17
CA GLY G 6 -7.44 44.96 20.16
C GLY G 6 -6.77 46.26 20.60
N LYS G 7 -5.91 46.77 19.70
CA LYS G 7 -5.18 48.01 19.96
C LYS G 7 -5.31 49.01 18.82
N LYS G 8 -6.31 48.84 17.94
CA LYS G 8 -6.60 49.78 16.86
C LYS G 8 -5.37 49.95 15.96
N GLY G 9 -5.06 48.88 15.25
CA GLY G 9 -3.95 48.90 14.31
C GLY G 9 -3.14 47.62 14.27
N ASP G 10 -3.16 46.85 15.35
CA ASP G 10 -2.47 45.57 15.38
C ASP G 10 -3.36 44.48 14.80
N THR G 11 -2.96 43.23 14.93
CA THR G 11 -3.71 42.10 14.42
C THR G 11 -4.32 41.31 15.57
N VAL G 12 -5.33 40.51 15.24
CA VAL G 12 -6.03 39.68 16.21
C VAL G 12 -6.24 38.31 15.59
N GLU G 13 -5.99 37.26 16.38
CA GLU G 13 -6.06 35.88 15.91
C GLU G 13 -7.17 35.16 16.66
N LEU G 14 -8.39 35.24 16.12
CA LEU G 14 -9.51 34.47 16.66
C LEU G 14 -9.47 33.08 16.06
N THR G 15 -9.46 32.06 16.91
CA THR G 15 -9.22 30.68 16.47
C THR G 15 -10.48 29.84 16.59
N CYS G 16 -10.79 29.12 15.51
CA CYS G 16 -11.77 28.05 15.57
C CYS G 16 -11.14 26.80 16.18
N THR G 17 -11.99 25.84 16.52
CA THR G 17 -11.54 24.58 17.10
C THR G 17 -12.11 23.43 16.28
N ALA G 18 -11.26 22.47 15.94
CA ALA G 18 -11.67 21.29 15.20
C ALA G 18 -11.29 20.04 15.98
N SER G 19 -12.28 19.18 16.21
CA SER G 19 -12.04 17.93 16.94
C SER G 19 -11.48 16.83 16.05
N GLN G 20 -11.67 16.91 14.74
CA GLN G 20 -11.18 15.89 13.82
C GLN G 20 -9.75 16.14 13.38
N LYS G 21 -9.15 17.27 13.75
CA LYS G 21 -7.76 17.57 13.44
C LYS G 21 -7.49 17.48 11.94
N LYS G 22 -8.42 17.94 11.12
CA LYS G 22 -8.29 17.86 9.68
C LYS G 22 -8.87 19.14 9.07
N SER G 23 -8.92 19.17 7.74
CA SER G 23 -9.39 20.35 7.01
C SER G 23 -10.90 20.28 6.79
N ILE G 24 -11.63 20.56 7.87
CA ILE G 24 -13.08 20.64 7.80
C ILE G 24 -13.46 22.04 7.30
N GLN G 25 -14.42 22.09 6.39
CA GLN G 25 -14.85 23.37 5.84
C GLN G 25 -15.42 24.26 6.94
N PHE G 26 -14.90 25.48 7.03
CA PHE G 26 -15.33 26.44 8.02
C PHE G 26 -15.67 27.77 7.36
N HIS G 27 -16.31 28.64 8.13
CA HIS G 27 -16.73 29.95 7.62
C HIS G 27 -16.79 30.93 8.77
N TRP G 28 -16.17 32.09 8.60
CA TRP G 28 -16.21 33.15 9.59
C TRP G 28 -17.25 34.18 9.20
N LYS G 29 -18.18 34.46 10.12
CA LYS G 29 -19.21 35.46 9.89
C LYS G 29 -19.39 36.31 11.13
N ASN G 30 -19.82 37.55 10.93
CA ASN G 30 -20.08 38.47 12.04
C ASN G 30 -21.50 38.23 12.57
N SER G 31 -21.98 39.14 13.42
CA SER G 31 -23.29 39.00 14.04
C SER G 31 -24.43 39.05 13.04
N ASN G 32 -24.23 39.63 11.86
CA ASN G 32 -25.28 39.76 10.85
C ASN G 32 -25.23 38.64 9.83
N GLN G 33 -24.46 37.58 10.10
CA GLN G 33 -24.33 36.43 9.20
C GLN G 33 -23.80 36.86 7.83
N ILE G 34 -22.93 37.86 7.83
CA ILE G 34 -22.22 38.28 6.62
C ILE G 34 -20.89 37.55 6.58
N LYS G 35 -20.68 36.79 5.51
CA LYS G 35 -19.46 36.00 5.41
C LYS G 35 -18.23 36.90 5.35
N ILE G 36 -17.18 36.50 6.06
CA ILE G 36 -15.94 37.26 6.11
C ILE G 36 -14.85 36.46 5.41
N LEU G 37 -14.69 35.20 5.82
CA LEU G 37 -13.63 34.34 5.32
C LEU G 37 -14.20 32.92 5.26
N GLY G 38 -13.51 32.04 4.57
CA GLY G 38 -13.97 30.67 4.45
C GLY G 38 -13.04 29.75 3.70
N ASN G 39 -12.97 28.50 4.14
CA ASN G 39 -12.19 27.47 3.48
C ASN G 39 -13.06 26.83 2.40
N GLN G 40 -12.45 26.55 1.26
CA GLN G 40 -13.12 25.82 0.18
C GLN G 40 -12.13 24.77 -0.31
N GLY G 41 -12.15 23.59 0.32
CA GLY G 41 -11.22 22.55 -0.03
C GLY G 41 -9.82 22.84 0.50
N SER G 42 -8.92 23.22 -0.39
CA SER G 42 -7.58 23.66 0.01
C SER G 42 -7.35 25.14 -0.21
N PHE G 43 -8.22 25.82 -0.94
CA PHE G 43 -8.08 27.24 -1.22
C PHE G 43 -8.85 28.07 -0.20
N LEU G 44 -8.67 29.38 -0.28
CA LEU G 44 -9.28 30.32 0.64
C LEU G 44 -10.19 31.27 -0.14
N THR G 45 -11.41 31.45 0.34
CA THR G 45 -12.35 32.39 -0.24
C THR G 45 -12.78 33.38 0.84
N LYS G 46 -12.87 34.65 0.48
CA LYS G 46 -13.28 35.71 1.40
C LYS G 46 -14.68 36.15 1.06
N GLY G 47 -15.51 36.34 2.09
CA GLY G 47 -16.87 36.74 1.88
C GLY G 47 -16.98 38.21 1.51
N PRO G 48 -18.20 38.63 1.17
CA PRO G 48 -18.44 40.03 0.78
C PRO G 48 -18.71 40.92 2.00
N SER G 49 -17.74 40.96 2.91
CA SER G 49 -17.83 41.74 4.13
C SER G 49 -16.99 43.00 4.00
N LYS G 50 -16.87 43.72 5.10
CA LYS G 50 -16.07 44.94 5.16
C LYS G 50 -14.61 44.65 5.45
N LEU G 51 -14.22 43.38 5.53
CA LEU G 51 -12.86 42.98 5.85
C LEU G 51 -12.21 42.28 4.65
N ASN G 52 -12.50 42.76 3.44
CA ASN G 52 -11.97 42.14 2.25
C ASN G 52 -10.44 42.21 2.20
N ASP G 53 -9.90 43.39 2.45
CA ASP G 53 -8.46 43.60 2.33
C ASP G 53 -7.70 43.34 3.62
N ARG G 54 -8.39 43.02 4.71
CA ARG G 54 -7.75 42.81 6.00
C ARG G 54 -7.80 41.36 6.46
N ALA G 55 -8.97 40.72 6.36
CA ALA G 55 -9.13 39.37 6.87
C ALA G 55 -8.23 38.39 6.11
N ASP G 56 -7.72 37.41 6.86
CA ASP G 56 -6.80 36.42 6.30
C ASP G 56 -6.71 35.29 7.30
N SER G 57 -6.44 34.09 6.79
CA SER G 57 -6.32 32.90 7.62
C SER G 57 -5.00 32.20 7.31
N ARG G 58 -4.34 31.71 8.35
CA ARG G 58 -3.05 31.05 8.18
C ARG G 58 -3.31 29.71 7.51
N ARG G 59 -3.06 29.65 6.19
CA ARG G 59 -3.40 28.46 5.41
C ARG G 59 -2.61 27.24 5.83
N SER G 60 -1.44 27.41 6.44
CA SER G 60 -0.64 26.27 6.87
C SER G 60 -1.19 25.62 8.14
N LEU G 61 -2.03 26.32 8.90
CA LEU G 61 -2.55 25.79 10.15
C LEU G 61 -3.82 24.96 9.97
N TRP G 62 -4.38 24.93 8.76
CA TRP G 62 -5.66 24.24 8.56
C TRP G 62 -5.54 22.73 8.71
N ASP G 63 -4.36 22.15 8.46
CA ASP G 63 -4.23 20.70 8.55
C ASP G 63 -4.35 20.21 9.99
N GLN G 64 -3.80 20.95 10.95
CA GLN G 64 -3.83 20.52 12.34
C GLN G 64 -5.20 20.69 12.98
N GLY G 65 -6.09 21.48 12.38
CA GLY G 65 -7.39 21.74 12.95
C GLY G 65 -7.59 23.14 13.50
N ASN G 66 -6.63 24.04 13.28
CA ASN G 66 -6.75 25.43 13.70
C ASN G 66 -7.06 26.29 12.49
N PHE G 67 -8.14 27.07 12.57
CA PHE G 67 -8.59 27.93 11.48
C PHE G 67 -8.72 29.35 12.00
N PRO G 68 -7.60 30.06 12.16
CA PRO G 68 -7.65 31.40 12.74
C PRO G 68 -8.24 32.41 11.77
N LEU G 69 -8.47 33.60 12.28
CA LEU G 69 -8.98 34.73 11.49
C LEU G 69 -8.10 35.94 11.81
N ILE G 70 -7.13 36.22 10.95
CA ILE G 70 -6.21 37.33 11.15
C ILE G 70 -6.86 38.59 10.59
N ILE G 71 -6.99 39.61 11.44
CA ILE G 71 -7.57 40.88 11.06
C ILE G 71 -6.48 41.94 11.22
N LYS G 72 -5.87 42.34 10.12
CA LYS G 72 -4.84 43.37 10.14
C LYS G 72 -5.48 44.75 10.00
N ASN G 73 -4.79 45.76 10.53
CA ASN G 73 -5.26 47.15 10.50
C ASN G 73 -6.65 47.24 11.13
N LEU G 74 -6.69 46.96 12.44
CA LEU G 74 -7.95 46.99 13.17
C LEU G 74 -8.55 48.38 13.14
N LYS G 75 -9.87 48.44 13.05
CA LYS G 75 -10.61 49.70 13.07
C LYS G 75 -11.70 49.63 14.14
N ILE G 76 -12.16 50.81 14.55
CA ILE G 76 -13.12 50.90 15.64
C ILE G 76 -14.46 50.27 15.24
N GLU G 77 -14.80 50.32 13.96
CA GLU G 77 -16.07 49.75 13.50
C GLU G 77 -16.02 48.23 13.39
N ASP G 78 -14.83 47.63 13.50
CA ASP G 78 -14.66 46.20 13.37
C ASP G 78 -14.98 45.43 14.64
N SER G 79 -15.51 46.10 15.65
CA SER G 79 -15.81 45.47 16.94
C SER G 79 -17.15 44.76 16.83
N ASP G 80 -17.12 43.43 16.75
CA ASP G 80 -18.34 42.64 16.65
C ASP G 80 -18.01 41.20 16.99
N THR G 81 -19.05 40.41 17.23
CA THR G 81 -18.89 38.98 17.48
C THR G 81 -18.69 38.24 16.16
N TYR G 82 -17.93 37.15 16.23
CA TYR G 82 -17.62 36.36 15.04
C TYR G 82 -17.83 34.88 15.36
N ILE G 83 -18.26 34.13 14.34
CA ILE G 83 -18.76 32.78 14.52
C ILE G 83 -17.96 31.81 13.65
N CYS G 84 -17.66 30.64 14.21
CA CYS G 84 -17.14 29.51 13.45
C CYS G 84 -18.26 28.52 13.14
N GLU G 85 -18.13 27.82 12.02
CA GLU G 85 -19.03 26.74 11.65
C GLU G 85 -18.23 25.54 11.17
N VAL G 86 -17.27 25.10 11.99
CA VAL G 86 -16.32 24.06 11.57
C VAL G 86 -17.07 22.81 11.13
N GLU G 87 -17.80 22.17 12.04
CA GLU G 87 -18.59 21.00 11.67
C GLU G 87 -20.08 21.27 11.78
N ASP G 88 -20.56 21.60 12.98
CA ASP G 88 -21.91 22.09 13.17
C ASP G 88 -22.01 23.11 14.29
N GLN G 89 -20.90 23.47 14.92
CA GLN G 89 -20.91 24.29 16.11
C GLN G 89 -21.11 25.76 15.76
N LYS G 90 -21.10 26.59 16.78
CA LYS G 90 -21.19 28.04 16.66
C LYS G 90 -20.14 28.70 17.54
N GLU G 91 -18.89 28.24 17.43
CA GLU G 91 -17.81 28.76 18.25
C GLU G 91 -17.71 30.27 18.07
N GLU G 92 -18.09 31.01 19.11
CA GLU G 92 -18.34 32.43 19.01
C GLU G 92 -17.37 33.19 19.90
N VAL G 93 -16.68 34.17 19.31
CA VAL G 93 -15.79 35.06 20.05
C VAL G 93 -16.20 36.50 19.72
N GLN G 94 -15.87 37.40 20.64
CA GLN G 94 -16.19 38.81 20.49
C GLN G 94 -14.90 39.62 20.45
N LEU G 95 -14.82 40.54 19.51
CA LEU G 95 -13.66 41.39 19.33
C LEU G 95 -14.02 42.81 19.73
N LEU G 96 -13.25 43.38 20.65
CA LEU G 96 -13.42 44.76 21.07
C LEU G 96 -12.18 45.54 20.64
N VAL G 97 -12.39 46.64 19.92
CA VAL G 97 -11.29 47.47 19.42
C VAL G 97 -11.31 48.74 20.26
N PHE G 98 -10.23 48.97 20.98
CA PHE G 98 -10.11 50.16 21.81
C PHE G 98 -9.08 51.12 21.22
N GLY G 99 -9.47 52.37 21.06
CA GLY G 99 -8.55 53.40 20.59
C GLY G 99 -8.28 54.44 21.64
N LEU G 100 -7.06 54.45 22.17
CA LEU G 100 -6.66 55.37 23.22
C LEU G 100 -5.49 56.22 22.72
N THR G 101 -5.61 57.52 22.86
CA THR G 101 -4.59 58.48 22.43
C THR G 101 -4.85 59.79 23.14
N ALA G 102 -4.15 60.84 22.74
CA ALA G 102 -4.30 62.17 23.32
C ALA G 102 -4.40 63.20 22.21
N ASN G 103 -5.12 64.29 22.50
CA ASN G 103 -5.28 65.38 21.55
C ASN G 103 -4.04 66.26 21.47
N SER G 104 -3.39 66.53 22.59
CA SER G 104 -2.18 67.34 22.60
C SER G 104 -1.00 66.50 22.13
N ASP G 105 -0.69 66.58 20.83
CA ASP G 105 0.35 65.72 20.25
C ASP G 105 1.72 66.04 20.85
N THR G 106 2.22 67.25 20.59
CA THR G 106 3.57 67.60 21.04
C THR G 106 3.60 68.93 21.77
N HIS G 107 2.70 69.83 21.42
CA HIS G 107 2.70 71.19 21.97
C HIS G 107 2.24 71.16 23.42
N LEU G 108 3.20 71.13 24.33
CA LEU G 108 2.91 71.16 25.76
C LEU G 108 4.00 71.97 26.47
N LEU G 109 3.64 72.53 27.61
CA LEU G 109 4.56 73.31 28.43
C LEU G 109 4.59 72.75 29.85
N GLN G 110 5.46 73.35 30.68
CA GLN G 110 5.64 72.91 32.04
C GLN G 110 4.62 73.62 32.94
N GLY G 111 3.88 72.86 33.72
CA GLY G 111 2.82 73.41 34.55
C GLY G 111 1.46 73.46 33.90
N GLN G 112 1.30 72.84 32.73
CA GLN G 112 0.05 72.84 32.00
C GLN G 112 -0.79 71.62 32.36
N SER G 113 -1.87 71.42 31.60
CA SER G 113 -2.76 70.29 31.80
C SER G 113 -2.73 69.36 30.59
N LEU G 114 -2.90 68.07 30.85
CA LEU G 114 -2.87 67.05 29.82
C LEU G 114 -4.20 66.31 29.78
N THR G 115 -4.70 66.07 28.56
CA THR G 115 -5.98 65.40 28.36
C THR G 115 -5.79 64.22 27.42
N LEU G 116 -6.49 63.13 27.70
CA LEU G 116 -6.45 61.92 26.90
C LEU G 116 -7.76 61.75 26.14
N THR G 117 -7.72 60.89 25.12
CA THR G 117 -8.89 60.58 24.31
C THR G 117 -8.98 59.07 24.12
N LEU G 118 -10.05 58.47 24.64
CA LEU G 118 -10.31 57.05 24.48
C LEU G 118 -11.53 56.89 23.59
N GLU G 119 -11.37 56.11 22.52
CA GLU G 119 -12.45 55.83 21.58
C GLU G 119 -12.91 54.40 21.83
N SER G 120 -13.91 54.24 22.70
CA SER G 120 -14.48 52.93 22.95
C SER G 120 -15.49 52.58 21.85
N PRO G 121 -15.63 51.31 21.53
CA PRO G 121 -16.64 50.89 20.55
C PRO G 121 -18.04 51.12 21.09
N PRO G 122 -19.00 51.43 20.24
CA PRO G 122 -20.38 51.62 20.71
C PRO G 122 -20.94 50.33 21.28
N GLY G 123 -21.37 50.40 22.54
CA GLY G 123 -21.90 49.24 23.22
C GLY G 123 -20.88 48.55 24.10
N SER G 124 -20.10 49.34 24.84
CA SER G 124 -19.06 48.79 25.71
C SER G 124 -18.88 49.72 26.90
N SER G 125 -18.32 49.17 27.98
CA SER G 125 -18.05 49.93 29.20
C SER G 125 -16.61 49.71 29.62
N PRO G 126 -15.69 50.52 29.10
CA PRO G 126 -14.27 50.34 29.44
C PRO G 126 -13.90 50.98 30.77
N SER G 127 -12.79 50.52 31.32
CA SER G 127 -12.21 51.06 32.54
C SER G 127 -10.71 51.25 32.32
N VAL G 128 -10.26 52.49 32.34
CA VAL G 128 -8.87 52.83 32.04
C VAL G 128 -8.09 52.88 33.35
N GLN G 129 -6.97 52.15 33.40
CA GLN G 129 -6.06 52.15 34.54
C GLN G 129 -4.68 52.58 34.04
N CYS G 130 -4.40 53.88 34.14
CA CYS G 130 -3.12 54.40 33.70
C CYS G 130 -2.01 53.98 34.66
N ARG G 131 -0.80 53.92 34.13
CA ARG G 131 0.39 53.64 34.91
C ARG G 131 1.51 54.55 34.43
N SER G 132 2.23 55.16 35.37
CA SER G 132 3.27 56.13 35.07
C SER G 132 4.55 55.79 35.80
N PRO G 133 5.72 56.12 35.22
CA PRO G 133 6.98 55.84 35.93
C PRO G 133 7.11 56.55 37.26
N ARG G 134 6.59 57.77 37.39
CA ARG G 134 6.66 58.50 38.65
C ARG G 134 5.65 57.98 39.67
N GLY G 135 4.61 57.28 39.25
CA GLY G 135 3.70 56.66 40.17
C GLY G 135 2.27 57.18 40.19
N LYS G 136 1.86 57.96 39.18
CA LYS G 136 0.45 58.36 39.10
C LYS G 136 -0.35 57.26 38.42
N ASN G 137 -0.70 56.24 39.21
CA ASN G 137 -1.58 55.17 38.76
C ASN G 137 -3.01 55.69 38.76
N ILE G 138 -3.29 56.55 37.77
CA ILE G 138 -4.56 57.28 37.72
C ILE G 138 -5.69 56.31 37.40
N GLN G 139 -6.76 56.39 38.19
CA GLN G 139 -7.97 55.61 37.97
C GLN G 139 -9.12 56.56 37.62
N GLY G 140 -9.87 56.20 36.58
CA GLY G 140 -10.98 57.05 36.18
C GLY G 140 -11.82 56.35 35.12
N GLY G 141 -12.69 57.15 34.50
CA GLY G 141 -13.59 56.63 33.48
C GLY G 141 -12.93 56.49 32.13
N LYS G 142 -13.72 56.66 31.06
CA LYS G 142 -13.19 56.54 29.71
C LYS G 142 -12.20 57.66 29.40
N THR G 143 -12.53 58.88 29.81
CA THR G 143 -11.67 60.04 29.55
C THR G 143 -10.84 60.35 30.78
N LEU G 144 -9.54 60.51 30.57
CA LEU G 144 -8.60 60.80 31.66
C LEU G 144 -7.88 62.12 31.37
N SER G 145 -7.66 62.89 32.43
CA SER G 145 -6.99 64.17 32.34
C SER G 145 -5.91 64.27 33.39
N VAL G 146 -4.84 65.02 33.06
CA VAL G 146 -3.72 65.24 33.97
C VAL G 146 -3.56 66.75 34.14
N SER G 147 -3.47 67.19 35.39
CA SER G 147 -3.39 68.61 35.71
C SER G 147 -1.98 69.12 35.91
N GLN G 148 -1.02 68.25 36.20
CA GLN G 148 0.36 68.64 36.47
C GLN G 148 1.27 68.11 35.36
N LEU G 149 2.03 69.01 34.75
CA LEU G 149 2.99 68.66 33.71
C LEU G 149 4.30 69.37 34.00
N GLU G 150 5.33 68.60 34.36
CA GLU G 150 6.65 69.16 34.63
C GLU G 150 7.72 68.33 33.94
N LEU G 151 8.99 68.67 34.19
CA LEU G 151 10.09 67.91 33.60
C LEU G 151 10.17 66.51 34.19
N GLN G 152 9.71 66.33 35.42
CA GLN G 152 9.72 65.01 36.05
C GLN G 152 8.70 64.07 35.44
N ASP G 153 7.67 64.59 34.77
CA ASP G 153 6.56 63.79 34.27
C ASP G 153 6.83 63.16 32.91
N SER G 154 8.09 63.04 32.51
CA SER G 154 8.41 62.41 31.24
C SER G 154 8.30 60.89 31.35
N GLY G 155 8.43 60.24 30.21
CA GLY G 155 8.35 58.80 30.15
C GLY G 155 7.03 58.32 29.56
N THR G 156 7.09 57.17 28.90
CA THR G 156 5.90 56.61 28.27
C THR G 156 4.98 56.02 29.33
N TRP G 157 3.71 56.41 29.32
CA TRP G 157 2.73 55.90 30.26
C TRP G 157 2.00 54.72 29.65
N THR G 158 2.18 53.53 30.25
CA THR G 158 1.55 52.31 29.78
C THR G 158 0.13 52.27 30.34
N CYS G 159 -0.74 53.09 29.75
CA CYS G 159 -2.13 53.18 30.19
C CYS G 159 -2.94 52.08 29.54
N THR G 160 -3.40 51.13 30.35
CA THR G 160 -4.14 49.98 29.87
C THR G 160 -5.59 50.00 30.35
N VAL G 161 -6.47 49.39 29.54
CA VAL G 161 -7.92 49.48 29.69
C VAL G 161 -8.45 48.09 30.01
N LEU G 162 -9.44 48.05 30.91
CA LEU G 162 -10.03 46.78 31.37
C LEU G 162 -11.50 46.70 30.99
N GLN G 163 -11.93 45.49 30.63
CA GLN G 163 -13.34 45.19 30.45
C GLN G 163 -13.53 43.68 30.48
N ASN G 164 -14.41 43.21 31.37
CA ASN G 164 -14.72 41.79 31.51
C ASN G 164 -13.47 40.96 31.80
N GLN G 165 -12.70 41.39 32.80
CA GLN G 165 -11.54 40.65 33.32
C GLN G 165 -10.43 40.51 32.28
N LYS G 166 -10.50 41.29 31.21
CA LYS G 166 -9.50 41.25 30.14
C LYS G 166 -8.80 42.60 30.06
N LYS G 167 -7.49 42.58 29.87
CA LYS G 167 -6.68 43.78 30.04
C LYS G 167 -5.74 43.86 28.85
N VAL G 168 -5.59 45.07 28.28
CA VAL G 168 -4.73 45.26 27.12
C VAL G 168 -3.85 46.48 27.35
N GLU G 169 -2.53 46.29 27.26
CA GLU G 169 -1.56 47.34 27.54
C GLU G 169 -1.34 48.22 26.31
N PHE G 170 -1.27 49.52 26.54
CA PHE G 170 -1.06 50.50 25.48
C PHE G 170 0.26 51.23 25.73
N LYS G 171 0.61 52.12 24.80
CA LYS G 171 1.74 53.01 24.95
C LYS G 171 1.34 54.40 24.48
N ILE G 172 1.97 55.42 25.08
CA ILE G 172 1.67 56.81 24.76
C ILE G 172 2.98 57.55 24.53
N ASP G 173 2.91 58.65 23.78
CA ASP G 173 4.08 59.45 23.46
C ASP G 173 4.17 60.63 24.42
N ILE G 174 5.21 60.66 25.23
CA ILE G 174 5.46 61.74 26.17
C ILE G 174 6.92 62.14 26.07
N VAL G 175 7.19 63.30 25.48
CA VAL G 175 8.54 63.85 25.38
C VAL G 175 8.52 65.24 26.00
N VAL G 176 9.39 65.48 26.97
CA VAL G 176 9.45 66.76 27.66
C VAL G 176 10.83 67.39 27.50
C1 NAG H . 14.20 36.63 -24.66
C2 NAG H . 14.02 36.78 -26.17
C3 NAG H . 15.13 36.04 -26.90
C4 NAG H . 16.50 36.45 -26.36
C5 NAG H . 16.54 36.40 -24.84
C6 NAG H . 17.81 36.99 -24.26
C7 NAG H . 11.60 37.03 -26.58
C8 NAG H . 10.36 36.36 -27.06
N2 NAG H . 12.72 36.28 -26.60
O3 NAG H . 15.05 36.31 -28.30
O4 NAG H . 17.48 35.53 -26.86
O5 NAG H . 15.45 37.14 -24.29
O6 NAG H . 17.65 38.37 -23.99
O7 NAG H . 11.61 38.19 -26.20
C1 NAG H . 18.38 36.17 -27.77
C2 NAG H . 19.16 35.06 -28.49
C3 NAG H . 20.12 35.66 -29.51
C4 NAG H . 19.38 36.58 -30.46
C5 NAG H . 18.59 37.63 -29.66
C6 NAG H . 17.73 38.51 -30.54
C7 NAG H . 19.83 32.89 -27.55
C8 NAG H . 20.63 32.19 -26.50
N2 NAG H . 19.87 34.22 -27.53
O3 NAG H . 20.74 34.60 -30.23
O4 NAG H . 20.30 37.24 -31.31
O5 NAG H . 17.70 36.98 -28.73
O6 NAG H . 16.81 37.74 -31.31
O7 NAG H . 19.18 32.28 -28.40
C1 NAG I . -11.83 19.32 -28.83
C2 NAG I . -11.79 18.50 -30.11
C3 NAG I . -10.68 17.45 -30.03
C4 NAG I . -9.35 18.08 -29.64
C5 NAG I . -9.51 18.98 -28.40
C6 NAG I . -8.27 19.78 -28.09
C7 NAG I . -13.94 18.34 -31.27
C8 NAG I . -15.22 17.56 -31.41
N2 NAG I . -13.07 17.87 -30.37
O3 NAG I . -10.55 16.80 -31.28
O4 NAG I . -8.42 17.06 -29.31
O5 NAG I . -10.57 19.92 -28.61
O6 NAG I . -7.20 18.94 -27.69
O7 NAG I . -13.71 19.33 -31.95
C1 BMA I . -7.35 17.02 -30.28
C2 BMA I . -6.31 16.00 -29.76
C3 BMA I . -5.24 15.75 -30.82
C4 BMA I . -5.87 15.42 -32.18
C5 BMA I . -6.83 16.55 -32.57
C6 BMA I . -7.53 16.29 -33.90
O2 BMA I . -6.91 14.75 -29.49
O3 BMA I . -4.36 14.70 -30.43
O4 BMA I . -4.86 15.29 -33.17
O5 BMA I . -7.85 16.64 -31.57
O6 BMA I . -8.64 17.17 -33.99
C1 NAG J . -12.16 40.81 -13.91
C2 NAG J . -11.02 41.64 -13.34
C3 NAG J . -11.52 43.01 -12.91
C4 NAG J . -12.28 43.69 -14.05
C5 NAG J . -13.38 42.76 -14.58
C6 NAG J . -14.08 43.27 -15.80
C7 NAG J . -9.16 40.45 -12.28
C8 NAG J . -8.66 39.78 -11.04
N2 NAG J . -10.38 40.96 -12.22
O3 NAG J . -10.42 43.82 -12.52
O4 NAG J . -12.86 44.89 -13.53
O5 NAG J . -12.79 41.51 -14.96
O6 NAG J . -15.09 44.22 -15.46
O7 NAG J . -8.47 40.51 -13.31
C1 NAG J . -12.75 46.01 -14.44
C2 NAG J . -13.65 47.10 -13.88
C3 NAG J . -13.68 48.28 -14.84
C4 NAG J . -12.26 48.77 -15.10
C5 NAG J . -11.35 47.62 -15.55
C6 NAG J . -9.90 48.02 -15.64
C7 NAG J . -15.64 46.85 -12.49
C8 NAG J . -17.00 46.25 -12.36
N2 NAG J . -14.99 46.60 -13.63
O3 NAG J . -14.46 49.33 -14.27
O4 NAG J . -12.27 49.76 -16.12
O5 NAG J . -11.42 46.53 -14.61
O6 NAG J . -9.51 48.84 -14.55
O7 NAG J . -15.16 47.54 -11.60
C1 NAG J . -15.82 41.90 -9.35
C2 NAG J . -14.32 41.98 -9.49
C3 NAG J . -13.79 43.24 -8.81
C4 NAG J . -14.51 44.47 -9.35
C5 NAG J . -16.03 44.28 -9.27
C6 NAG J . -16.80 45.39 -9.95
C7 NAG J . -13.22 39.81 -9.70
C8 NAG J . -12.58 38.67 -8.96
N2 NAG J . -13.68 40.80 -8.94
O3 NAG J . -12.39 43.33 -9.05
O4 NAG J . -14.15 45.61 -8.59
O5 NAG J . -16.42 43.06 -9.92
O6 NAG J . -16.62 45.40 -11.35
O7 NAG J . -13.31 39.81 -10.92
C1 NAG J . -13.08 46.32 -9.25
C2 NAG J . -13.13 47.79 -8.84
C3 NAG J . -11.97 48.55 -9.49
C4 NAG J . -10.64 47.87 -9.18
C5 NAG J . -10.70 46.39 -9.56
C6 NAG J . -9.46 45.63 -9.15
C7 NAG J . -15.46 48.38 -8.38
C8 NAG J . -16.70 49.05 -8.91
N2 NAG J . -14.41 48.38 -9.20
O3 NAG J . -11.97 49.89 -9.01
O4 NAG J . -9.60 48.50 -9.91
O5 NAG J . -11.81 45.76 -8.90
O6 NAG J . -8.52 45.54 -10.21
O7 NAG J . -15.42 47.87 -7.27
C1 NAG K . 46.66 5.98 -14.49
C2 NAG K . 47.77 5.00 -14.11
C3 NAG K . 48.26 5.28 -12.70
C4 NAG K . 48.65 6.75 -12.56
C5 NAG K . 47.53 7.66 -13.04
C6 NAG K . 47.94 9.12 -13.08
C7 NAG K . 47.47 2.90 -15.35
C8 NAG K . 46.94 1.49 -15.30
N2 NAG K . 47.31 3.63 -14.24
O3 NAG K . 49.37 4.44 -12.42
O4 NAG K . 48.90 7.03 -11.18
O5 NAG K . 47.14 7.31 -14.37
O6 NAG K . 47.54 9.80 -11.91
O7 NAG K . 48.02 3.35 -16.35
C1 NAG K . 50.29 7.34 -10.99
C2 NAG K . 50.48 7.65 -9.51
C3 NAG K . 51.95 7.95 -9.22
C4 NAG K . 52.82 6.80 -9.71
C5 NAG K . 52.54 6.52 -11.19
C6 NAG K . 53.28 5.32 -11.71
C7 NAG K . 48.54 8.60 -8.35
C8 NAG K . 47.79 9.85 -8.02
N2 NAG K . 49.64 8.76 -9.09
O3 NAG K . 52.13 8.14 -7.82
O4 NAG K . 54.20 7.14 -9.55
O5 NAG K . 51.14 6.25 -11.36
O6 NAG K . 52.67 4.11 -11.28
O7 NAG K . 48.16 7.50 -7.97
C1 NAG L . 33.14 -20.10 -13.01
C2 NAG L . 34.00 -20.71 -11.91
C3 NAG L . 33.53 -20.22 -10.55
C4 NAG L . 33.44 -18.71 -10.50
C5 NAG L . 32.66 -18.17 -11.70
C6 NAG L . 32.71 -16.66 -11.82
C7 NAG L . 35.02 -22.89 -12.42
C8 NAG L . 34.82 -24.37 -12.43
N2 NAG L . 33.98 -22.16 -11.99
O3 NAG L . 34.43 -20.69 -9.55
O4 NAG L . 32.77 -18.33 -9.31
O5 NAG L . 33.19 -18.69 -12.93
O6 NAG L . 31.91 -16.02 -10.85
O7 NAG L . 36.07 -22.37 -12.80
C1 BMA L . 33.59 -17.45 -8.50
C2 BMA L . 32.69 -16.91 -7.36
C3 BMA L . 33.52 -16.05 -6.42
C4 BMA L . 34.80 -16.76 -5.98
C5 BMA L . 35.58 -17.27 -7.22
C6 BMA L . 36.82 -18.05 -6.85
O2 BMA L . 32.19 -17.99 -6.60
O3 BMA L . 32.76 -15.66 -5.28
O4 BMA L . 35.62 -15.87 -5.24
O5 BMA L . 34.72 -18.13 -7.98
O6 BMA L . 37.35 -18.64 -8.04
C1 NAG M . 34.83 -9.25 -35.91
C2 NAG M . 35.00 -7.99 -36.73
C3 NAG M . 35.38 -8.33 -38.16
C4 NAG M . 36.58 -9.27 -38.20
C5 NAG M . 36.38 -10.45 -37.25
C6 NAG M . 37.63 -11.29 -37.08
C7 NAG M . 33.59 -6.17 -35.85
C8 NAG M . 32.27 -5.46 -35.96
N2 NAG M . 33.78 -7.18 -36.70
O3 NAG M . 35.68 -7.14 -38.88
O4 NAG M . 36.73 -9.81 -39.51
O5 NAG M . 36.03 -9.99 -35.94
O6 NAG M . 37.40 -12.66 -37.39
O7 NAG M . 34.44 -5.86 -35.03
C1 NAG M . 37.89 -9.24 -40.15
C2 NAG M . 38.58 -10.35 -40.95
C3 NAG M . 39.76 -9.78 -41.73
C4 NAG M . 39.32 -8.59 -42.57
C5 NAG M . 38.61 -7.56 -41.70
C6 NAG M . 38.03 -6.41 -42.50
C7 NAG M . 39.19 -12.68 -40.50
C8 NAG M . 39.64 -13.67 -39.47
N2 NAG M . 39.02 -11.43 -40.08
O3 NAG M . 40.31 -10.80 -42.57
O4 NAG M . 40.46 -7.98 -43.19
O5 NAG M . 37.51 -8.19 -41.02
O6 NAG M . 36.65 -6.61 -42.76
O7 NAG M . 38.98 -13.02 -41.67
C1 NAG N . 27.12 30.51 19.07
C2 NAG N . 26.66 31.50 20.12
C3 NAG N . 25.92 32.65 19.46
C4 NAG N . 26.79 33.29 18.39
C5 NAG N . 27.26 32.23 17.40
C6 NAG N . 28.23 32.75 16.36
C7 NAG N . 26.30 30.38 22.27
C8 NAG N . 25.29 29.75 23.19
N2 NAG N . 25.82 30.86 21.13
O3 NAG N . 25.58 33.63 20.44
O4 NAG N . 26.07 34.29 17.68
O5 NAG N . 27.93 31.17 18.09
O6 NAG N . 29.49 33.03 16.95
O7 NAG N . 27.49 30.44 22.56
C1 NAG N . 26.57 35.59 18.08
C2 NAG N . 25.78 36.66 17.33
C3 NAG N . 26.24 38.05 17.77
C4 NAG N . 26.16 38.18 19.28
C5 NAG N . 26.93 37.06 19.96
C6 NAG N . 26.78 37.05 21.47
C7 NAG N . 24.94 36.06 15.11
C8 NAG N . 25.27 35.97 13.65
N2 NAG N . 25.93 36.50 15.90
O3 NAG N . 25.43 39.04 17.15
O4 NAG N . 26.70 39.44 19.70
O5 NAG N . 26.44 35.79 19.49
O6 NAG N . 25.59 36.37 21.87
O7 NAG N . 23.84 35.77 15.55
C1 NAG O . 7.72 5.38 30.62
C2 NAG O . 8.43 6.23 29.55
C3 NAG O . 8.33 7.71 29.88
C4 NAG O . 6.89 8.12 30.13
C5 NAG O . 6.29 7.21 31.20
C6 NAG O . 4.81 7.49 31.46
C7 NAG O . 10.34 5.33 28.29
C8 NAG O . 11.79 4.97 28.34
N2 NAG O . 9.82 5.82 29.42
O3 NAG O . 8.86 8.47 28.81
O4 NAG O . 6.83 9.47 30.56
O5 NAG O . 6.38 5.85 30.78
O6 NAG O . 4.05 7.34 30.27
O7 NAG O . 9.67 5.19 27.27
C1 NAG O . 6.02 10.24 29.65
C2 NAG O . 5.44 11.43 30.41
C3 NAG O . 4.57 12.28 29.48
C4 NAG O . 5.33 12.66 28.22
C5 NAG O . 5.98 11.43 27.57
C6 NAG O . 6.90 11.78 26.43
C7 NAG O . 5.09 11.11 32.81
C8 NAG O . 4.17 10.59 33.87
N2 NAG O . 4.67 10.98 31.55
O3 NAG O . 4.16 13.45 30.17
O4 NAG O . 4.42 13.23 27.29
O5 NAG O . 6.77 10.71 28.54
O6 NAG O . 7.63 12.96 26.69
O7 NAG O . 6.17 11.63 33.08
C1 BMA O . 4.82 14.56 26.91
C2 BMA O . 4.14 14.88 25.55
C3 BMA O . 4.45 16.32 25.14
C4 BMA O . 4.12 17.29 26.29
C5 BMA O . 4.87 16.86 27.56
C6 BMA O . 4.58 17.75 28.75
O2 BMA O . 2.73 14.78 25.66
O3 BMA O . 3.74 16.69 23.97
O4 BMA O . 4.53 18.60 25.93
O5 BMA O . 4.46 15.52 27.89
O6 BMA O . 5.31 17.26 29.86
C1 NAG P . 30.95 6.58 34.38
C2 NAG P . 32.14 6.81 33.47
C3 NAG P . 33.43 6.30 34.12
C4 NAG P . 33.60 6.92 35.51
C5 NAG P . 32.33 6.72 36.33
C6 NAG P . 32.37 7.43 37.67
C7 NAG P . 31.37 6.80 31.14
C8 NAG P . 31.24 5.99 29.88
N2 NAG P . 31.94 6.18 32.17
O3 NAG P . 34.52 6.63 33.28
O4 NAG P . 34.67 6.30 36.20
O5 NAG P . 31.19 7.22 35.63
O6 NAG P . 32.71 6.53 38.72
O7 NAG P . 30.97 7.96 31.20
C1 NAG P . 35.94 6.93 35.93
C2 NAG P . 36.68 7.17 37.25
C3 NAG P . 38.07 7.74 36.96
C4 NAG P . 38.83 6.85 35.99
C5 NAG P . 38.00 6.64 34.73
C6 NAG P . 38.65 5.68 33.76
C7 NAG P . 35.50 7.72 39.33
C8 NAG P . 34.75 8.76 40.08
N2 NAG P . 35.93 8.07 38.11
O3 NAG P . 38.79 7.85 38.19
O4 NAG P . 40.08 7.45 35.65
O5 NAG P . 36.72 6.08 35.08
O6 NAG P . 38.50 4.33 34.18
O7 NAG P . 35.72 6.60 39.79
C1 NAG Q . -45.94 -3.75 -6.80
C2 NAG Q . -45.69 -5.14 -7.40
C3 NAG Q . -46.87 -5.57 -8.27
C4 NAG Q . -48.17 -5.47 -7.50
C5 NAG Q . -48.33 -4.07 -6.91
C6 NAG Q . -49.54 -3.92 -6.04
C7 NAG Q . -43.37 -5.84 -7.78
C8 NAG Q . -42.19 -5.76 -8.69
N2 NAG Q . -44.45 -5.16 -8.17
O3 NAG Q . -46.67 -6.91 -8.71
O4 NAG Q . -49.27 -5.75 -8.35
O5 NAG Q . -47.19 -3.75 -6.10
O6 NAG Q . -49.82 -5.12 -5.33
O7 NAG Q . -43.34 -6.49 -6.74
C1 NAG R . 7.84 45.48 -17.30
C2 NAG R . 8.27 46.94 -17.18
C3 NAG R . 8.04 47.45 -15.76
C4 NAG R . 6.61 47.20 -15.34
C5 NAG R . 6.24 45.73 -15.54
C6 NAG R . 4.79 45.44 -15.25
C7 NAG R . 10.71 46.53 -17.01
C8 NAG R . 12.05 46.86 -17.59
N2 NAG R . 9.66 47.12 -17.59
O3 NAG R . 8.34 48.85 -15.71
O4 NAG R . 6.44 47.54 -13.96
O5 NAG R . 6.48 45.34 -16.90
O6 NAG R . 3.94 46.49 -15.71
O7 NAG R . 10.58 45.76 -16.06
C1 NAG S . 25.49 32.85 -14.80
C2 NAG S . 25.05 34.29 -14.59
C3 NAG S . 26.11 35.27 -15.10
C4 NAG S . 27.46 34.94 -14.47
C5 NAG S . 27.80 33.47 -14.68
C6 NAG S . 29.07 33.05 -13.97
C7 NAG S . 22.63 34.68 -14.58
C8 NAG S . 21.41 34.94 -15.42
N2 NAG S . 23.78 34.55 -15.25
O3 NAG S . 25.73 36.59 -14.78
O4 NAG S . 28.48 35.75 -15.06
O5 NAG S . 26.75 32.64 -14.17
O6 NAG S . 28.91 33.09 -12.56
O7 NAG S . 22.57 34.61 -13.36
C1 NAG T . 7.73 33.03 0.04
C2 NAG T . 7.11 33.28 1.41
C3 NAG T . 5.82 34.10 1.26
C4 NAG T . 6.09 35.37 0.47
C5 NAG T . 6.77 35.03 -0.86
C6 NAG T . 7.19 36.26 -1.63
C7 NAG T . 7.65 31.52 3.03
C8 NAG T . 7.22 30.22 3.64
N2 NAG T . 6.84 32.03 2.09
O3 NAG T . 5.32 34.42 2.54
O4 NAG T . 4.87 36.05 0.21
O5 NAG T . 7.96 34.28 -0.62
O6 NAG T . 7.54 37.33 -0.77
O7 NAG T . 8.69 32.08 3.36
C1 NAG U . -35.24 18.33 -0.77
C2 NAG U . -35.21 19.51 0.19
C3 NAG U . -35.52 19.04 1.61
C4 NAG U . -36.84 18.27 1.63
C5 NAG U . -36.82 17.15 0.59
C6 NAG U . -38.15 16.45 0.46
C7 NAG U . -33.65 21.15 -0.76
C8 NAG U . -32.28 21.75 -0.66
N2 NAG U . -33.93 20.19 0.14
O3 NAG U . -35.60 20.17 2.47
O4 NAG U . -37.03 17.70 2.92
O5 NAG U . -36.52 17.69 -0.70
O6 NAG U . -39.22 17.38 0.45
O7 NAG U . -34.45 21.50 -1.61
C1 NAG V . -14.73 18.58 -21.63
C2 NAG V . -13.28 19.05 -21.51
C3 NAG V . -12.81 19.63 -22.82
C4 NAG V . -13.06 18.65 -23.96
C5 NAG V . -14.50 18.18 -23.95
C6 NAG V . -14.79 17.08 -24.95
C7 NAG V . -12.18 20.00 -19.52
C8 NAG V . -12.20 21.09 -18.49
N2 NAG V . -13.16 20.04 -20.43
O3 NAG V . -11.42 19.94 -22.74
O4 NAG V . -12.79 19.27 -25.21
O5 NAG V . -14.82 17.63 -22.66
O6 NAG V . -14.48 15.80 -24.42
O7 NAG V . -11.33 19.11 -19.52
C1 NAG W . -11.76 16.44 -26.37
C2 NAG W . -11.90 15.41 -27.50
C3 NAG W . -10.92 14.27 -27.29
C4 NAG W . -9.51 14.81 -27.11
C5 NAG W . -9.47 15.87 -26.01
C6 NAG W . -8.13 16.55 -25.89
C7 NAG W . -14.27 15.64 -28.10
C8 NAG W . -15.61 14.97 -28.11
N2 NAG W . -13.26 14.92 -27.59
O3 NAG W . -10.97 13.40 -28.41
O4 NAG W . -8.62 13.74 -26.77
O5 NAG W . -10.43 16.90 -26.30
O6 NAG W . -8.27 17.90 -25.48
O7 NAG W . -14.11 16.78 -28.51
C1 NAG X . -29.87 25.61 8.01
C2 NAG X . -30.37 24.73 9.15
C3 NAG X . -31.21 25.56 10.13
C4 NAG X . -30.44 26.79 10.58
C5 NAG X . -29.94 27.58 9.38
C6 NAG X . -29.06 28.75 9.76
C7 NAG X . -30.76 22.34 8.82
C8 NAG X . -31.68 21.29 8.23
N2 NAG X . -31.13 23.61 8.64
O3 NAG X . -31.56 24.75 11.24
O4 NAG X . -31.28 27.62 11.38
O5 NAG X . -29.15 26.72 8.54
O6 NAG X . -27.81 28.31 10.27
O7 NAG X . -29.73 22.03 9.42
C1 NAG Y . -17.90 27.39 -30.16
C2 NAG Y . -19.08 28.16 -30.73
C3 NAG Y . -20.01 27.21 -31.49
C4 NAG Y . -19.22 26.42 -32.52
C5 NAG Y . -18.03 25.74 -31.87
C6 NAG Y . -17.13 25.05 -32.88
C7 NAG Y . -19.44 30.09 -29.26
C8 NAG Y . -20.29 30.67 -28.19
N2 NAG Y . -19.80 28.87 -29.70
O3 NAG Y . -21.04 27.95 -32.12
O4 NAG Y . -20.06 25.42 -33.11
O5 NAG Y . -17.21 26.70 -31.20
O6 NAG Y . -16.41 25.99 -33.66
O7 NAG Y . -18.47 30.68 -29.71
C1 NAG Z . 2.04 27.41 -35.21
C2 NAG Z . 1.19 27.23 -36.46
C3 NAG Z . 1.50 25.87 -37.10
C4 NAG Z . 2.99 25.75 -37.36
C5 NAG Z . 3.78 26.03 -36.09
C6 NAG Z . 5.27 26.07 -36.31
C7 NAG Z . -0.95 28.43 -36.39
C8 NAG Z . -2.39 28.37 -36.01
N2 NAG Z . -0.23 27.33 -36.15
O3 NAG Z . 0.78 25.75 -38.32
O4 NAG Z . 3.30 24.43 -37.81
O5 NAG Z . 3.41 27.32 -35.56
O6 NAG Z . 5.61 26.92 -37.40
O7 NAG Z . -0.45 29.43 -36.89
C1 NAG AA . -22.59 44.52 -15.54
C2 NAG AA . -21.37 45.25 -16.06
C3 NAG AA . -21.61 46.76 -16.07
C4 NAG AA . -22.88 47.08 -16.85
C5 NAG AA . -24.06 46.25 -16.33
C6 NAG AA . -25.31 46.41 -17.17
C7 NAG AA . -19.25 44.07 -15.72
C8 NAG AA . -18.11 43.82 -14.79
N2 NAG AA . -20.19 44.91 -15.29
O3 NAG AA . -20.49 47.42 -16.65
O4 NAG AA . -23.20 48.46 -16.72
O5 NAG AA . -23.73 44.84 -16.34
O6 NAG AA . -24.98 46.50 -18.55
O7 NAG AA . -19.32 43.53 -16.82
C1 NAG BA . -22.45 18.60 -24.89
C2 NAG BA . -21.45 17.69 -25.59
C3 NAG BA . -22.02 17.18 -26.91
C4 NAG BA . -23.39 16.56 -26.70
C5 NAG BA . -24.31 17.53 -25.95
C6 NAG BA . -25.65 16.93 -25.60
C7 NAG BA . -19.03 17.93 -25.30
C8 NAG BA . -17.82 18.76 -25.63
N2 NAG BA . -20.18 18.36 -25.80
O3 NAG BA . -21.14 16.23 -27.48
O4 NAG BA . -23.98 16.24 -27.95
O5 NAG BA . -23.69 17.93 -24.73
O6 NAG BA . -25.49 15.68 -24.93
O7 NAG BA . -18.95 16.91 -24.62
C1 NAG CA . -6.85 -45.36 -24.78
C2 NAG CA . -7.26 -46.06 -23.47
C3 NAG CA . -7.29 -47.57 -23.67
C4 NAG CA . -8.15 -47.93 -24.87
C5 NAG CA . -7.69 -47.17 -26.10
C6 NAG CA . -8.57 -47.40 -27.32
C7 NAG CA . -6.63 -44.74 -21.51
C8 NAG CA . -5.60 -44.53 -20.44
N2 NAG CA . -6.37 -45.71 -22.39
O3 NAG CA . -7.80 -48.19 -22.50
O4 NAG CA . -8.08 -49.33 -25.13
O5 NAG CA . -7.73 -45.76 -25.84
O6 NAG CA . -9.69 -46.53 -27.32
O7 NAG CA . -7.65 -44.06 -21.57
C1 NAG DA . 45.28 5.99 -27.83
C2 NAG DA . 45.66 7.34 -28.42
C3 NAG DA . 44.86 7.60 -29.68
C4 NAG DA . 45.03 6.46 -30.67
C5 NAG DA . 44.69 5.13 -29.99
C6 NAG DA . 44.97 3.94 -30.87
C7 NAG DA . 46.47 9.13 -26.95
C8 NAG DA . 46.09 10.19 -25.96
N2 NAG DA . 45.47 8.41 -27.45
O3 NAG DA . 45.31 8.82 -30.27
O4 NAG DA . 44.19 6.65 -31.79
O5 NAG DA . 45.48 4.96 -28.81
O6 NAG DA . 44.98 4.29 -32.25
O7 NAG DA . 47.63 8.95 -27.28
C1 NAG EA . 39.74 19.49 -10.72
C2 NAG EA . 40.44 19.59 -12.07
C3 NAG EA . 41.59 20.60 -12.00
C4 NAG EA . 41.09 21.93 -11.46
C5 NAG EA . 40.37 21.73 -10.13
C6 NAG EA . 39.74 22.99 -9.60
C7 NAG EA . 40.29 17.50 -13.35
C8 NAG EA . 40.95 16.20 -13.67
N2 NAG EA . 40.94 18.29 -12.50
O3 NAG EA . 42.15 20.77 -13.29
O4 NAG EA . 42.18 22.83 -11.28
O5 NAG EA . 39.30 20.78 -10.30
O6 NAG EA . 38.42 23.15 -10.08
O7 NAG EA . 39.22 17.83 -13.84
C1 NAG FA . 24.07 11.25 -26.25
C2 NAG FA . 23.19 11.44 -27.47
C3 NAG FA . 23.60 10.48 -28.58
C4 NAG FA . 25.09 10.61 -28.88
C5 NAG FA . 25.90 10.45 -27.60
C6 NAG FA . 27.37 10.70 -27.80
C7 NAG FA . 20.90 12.25 -27.09
C8 NAG FA . 19.50 11.88 -26.72
N2 NAG FA . 21.78 11.25 -27.13
O3 NAG FA . 22.84 10.75 -29.75
O4 NAG FA . 25.49 9.62 -29.81
O5 NAG FA . 25.45 11.40 -26.62
O6 NAG FA . 27.66 11.08 -29.14
O7 NAG FA . 21.22 13.41 -27.35
C1 NAG GA . 5.11 -28.10 -37.30
C2 NAG GA . 4.93 -27.27 -38.57
C3 NAG GA . 3.46 -27.28 -38.99
C4 NAG GA . 2.96 -28.70 -39.13
C5 NAG GA . 3.22 -29.49 -37.84
C6 NAG GA . 2.86 -30.94 -37.94
C7 NAG GA . 6.67 -25.54 -38.56
C8 NAG GA . 6.98 -24.10 -38.32
N2 NAG GA . 5.40 -25.92 -38.38
O3 NAG GA . 3.33 -26.59 -40.24
O4 NAG GA . 1.55 -28.70 -39.39
O5 NAG GA . 4.63 -29.43 -37.51
O6 NAG GA . 3.82 -31.66 -38.71
O7 NAG GA . 7.53 -26.34 -38.91
C1 NAG HA . 26.58 -21.21 -17.45
C2 NAG HA . 26.99 -19.78 -17.07
C3 NAG HA . 28.42 -19.77 -16.54
C4 NAG HA . 28.57 -20.77 -15.41
C5 NAG HA . 28.08 -22.15 -15.83
C6 NAG HA . 28.07 -23.15 -14.71
C7 NAG HA . 26.06 -17.84 -18.24
C8 NAG HA . 26.06 -17.03 -19.51
N2 NAG HA . 26.88 -18.90 -18.23
O3 NAG HA . 28.73 -18.46 -16.06
O4 NAG HA . 29.95 -20.88 -15.04
O5 NAG HA . 26.73 -22.05 -16.31
O6 NAG HA . 26.78 -23.25 -14.11
O7 NAG HA . 25.34 -17.55 -17.29
C1 NAG IA . 29.42 -20.81 -11.96
C2 NAG IA . 30.33 -21.74 -11.18
C3 NAG IA . 30.04 -21.60 -9.68
C4 NAG IA . 30.14 -20.15 -9.26
C5 NAG IA . 29.28 -19.27 -10.15
C6 NAG IA . 29.46 -17.78 -9.88
C7 NAG IA . 30.89 -23.66 -12.59
C8 NAG IA . 30.59 -25.10 -12.90
N2 NAG IA . 30.16 -23.12 -11.60
O3 NAG IA . 30.98 -22.39 -8.95
O4 NAG IA . 29.72 -20.00 -7.90
O5 NAG IA . 29.62 -19.47 -11.53
O6 NAG IA . 29.57 -17.05 -11.09
O7 NAG IA . 31.74 -23.03 -13.20
C1 NAG JA . 4.33 -16.98 -43.97
C2 NAG JA . 2.96 -17.56 -44.25
C3 NAG JA . 2.67 -17.50 -45.75
C4 NAG JA . 2.84 -16.09 -46.27
C5 NAG JA . 4.22 -15.55 -45.89
C6 NAG JA . 4.41 -14.10 -46.26
C7 NAG JA . 1.92 -19.29 -42.87
C8 NAG JA . 1.94 -20.74 -42.47
N2 NAG JA . 2.84 -18.92 -43.76
O3 NAG JA . 1.33 -17.95 -45.99
O4 NAG JA . 2.72 -16.07 -47.69
O5 NAG JA . 4.41 -15.64 -44.47
O6 NAG JA . 3.22 -13.54 -46.82
O7 NAG JA . 1.11 -18.50 -42.40
C1 NAG KA . 37.59 -25.58 -21.89
C2 NAG KA . 38.30 -26.61 -22.75
C3 NAG KA . 38.27 -27.98 -22.07
C4 NAG KA . 38.82 -27.88 -20.66
C5 NAG KA . 38.08 -26.79 -19.88
C6 NAG KA . 38.64 -26.56 -18.50
C7 NAG KA . 38.11 -25.97 -25.10
C8 NAG KA . 37.37 -26.16 -26.39
N2 NAG KA . 37.70 -26.69 -24.07
O3 NAG KA . 39.04 -28.90 -22.82
O4 NAG KA . 38.64 -29.12 -19.97
O5 NAG KA . 38.18 -25.55 -20.59
O6 NAG KA . 37.61 -26.34 -17.54
O7 NAG KA . 39.05 -25.17 -25.01
C1 NAG LA . 45.84 -11.29 -9.54
C2 NAG LA . 47.20 -11.84 -9.09
C3 NAG LA . 47.09 -12.48 -7.69
C4 NAG LA . 46.44 -11.51 -6.71
C5 NAG LA . 45.11 -11.01 -7.27
C6 NAG LA . 44.44 -9.98 -6.39
C7 NAG LA . 47.40 -13.90 -10.54
C8 NAG LA . 46.08 -14.43 -10.04
N2 NAG LA . 47.84 -12.72 -10.06
O3 NAG LA . 48.40 -12.82 -7.23
O4 NAG LA . 46.20 -12.17 -5.47
O5 NAG LA . 45.32 -10.39 -8.55
O6 NAG LA . 43.03 -10.08 -6.46
O7 NAG LA . 48.06 -14.53 -11.37
C1 NAG MA . 31.37 -9.03 -41.11
C2 NAG MA . 31.57 -7.65 -40.49
C3 NAG MA . 32.06 -6.66 -41.54
C4 NAG MA . 33.31 -7.19 -42.22
C5 NAG MA . 33.05 -8.59 -42.77
C6 NAG MA . 34.29 -9.23 -43.37
C7 NAG MA . 30.04 -7.33 -38.58
C8 NAG MA . 28.74 -6.78 -38.13
N2 NAG MA . 30.33 -7.17 -39.88
O3 NAG MA . 32.35 -5.41 -40.91
O4 NAG MA . 33.69 -6.32 -43.28
O5 NAG MA . 32.59 -9.45 -41.73
O6 NAG MA . 35.45 -8.92 -42.61
O7 NAG MA . 30.82 -7.90 -37.82
C1 NAG NA . 35.42 -16.44 -43.31
C2 NAG NA . 36.33 -16.21 -42.11
C3 NAG NA . 37.77 -16.56 -42.48
C4 NAG NA . 37.85 -17.96 -43.07
C5 NAG NA . 36.83 -18.14 -44.20
C6 NAG NA . 36.77 -19.55 -44.73
C7 NAG NA . 36.21 -14.50 -40.34
C8 NAG NA . 36.27 -15.63 -39.36
N2 NAG NA . 36.25 -14.84 -41.63
O3 NAG NA . 38.61 -16.46 -41.33
O4 NAG NA . 39.15 -18.20 -43.57
O5 NAG NA . 35.52 -17.80 -43.73
O6 NAG NA . 37.79 -19.77 -45.69
O7 NAG NA . 36.13 -13.33 -39.97
C1 NAG OA . 26.66 -28.96 -20.42
C2 NAG OA . 26.29 -28.85 -18.94
C3 NAG OA . 26.76 -30.09 -18.18
C4 NAG OA . 26.24 -31.35 -18.85
C5 NAG OA . 26.63 -31.37 -20.32
C6 NAG OA . 26.04 -32.54 -21.07
C7 NAG OA . 26.12 -26.80 -17.61
C8 NAG OA . 26.86 -25.61 -17.08
N2 NAG OA . 26.85 -27.65 -18.35
O3 NAG OA . 26.30 -30.02 -16.83
O4 NAG OA . 26.79 -32.50 -18.21
O5 NAG OA . 26.14 -30.18 -20.96
O6 NAG OA . 24.65 -32.38 -21.29
O7 NAG OA . 24.93 -26.98 -17.39
C1 NAG PA . 37.30 23.46 24.25
C2 NAG PA . 38.61 23.98 24.84
C3 NAG PA . 39.75 23.01 24.54
C4 NAG PA . 39.39 21.62 25.01
C5 NAG PA . 38.05 21.18 24.43
C6 NAG PA . 37.57 19.86 24.98
C7 NAG PA . 39.19 26.35 25.12
C8 NAG PA . 39.49 27.65 24.43
N2 NAG PA . 38.91 25.31 24.32
O3 NAG PA . 40.93 23.47 25.20
O4 NAG PA . 40.39 20.69 24.59
O5 NAG PA . 37.03 22.15 24.75
O6 NAG PA . 37.71 19.81 26.39
O7 NAG PA . 39.21 26.24 26.35
C1 NAG QA . 31.54 29.91 3.73
C2 NAG QA . 32.84 29.87 4.54
C3 NAG QA . 33.64 31.15 4.27
C4 NAG QA . 33.84 31.36 2.79
C5 NAG QA . 32.49 31.34 2.07
C6 NAG QA . 32.62 31.43 0.56
C7 NAG QA . 32.36 28.55 6.54
C8 NAG QA . 32.09 28.58 8.02
N2 NAG QA . 32.57 29.72 5.95
O3 NAG QA . 34.91 31.04 4.92
O4 NAG QA . 34.47 32.61 2.55
O5 NAG QA . 31.83 30.10 2.35
O6 NAG QA . 33.36 30.35 0.03
O7 NAG QA . 32.39 27.49 5.91
C1 NAG RA . 34.23 7.13 9.77
C2 NAG RA . 34.94 5.79 9.74
C3 NAG RA . 35.25 5.32 11.16
C4 NAG RA . 36.01 6.40 11.93
C5 NAG RA . 35.24 7.71 11.87
C6 NAG RA . 35.97 8.86 12.52
C7 NAG RA . 34.49 4.29 7.86
C8 NAG RA . 33.55 3.27 7.28
N2 NAG RA . 34.15 4.79 9.05
O3 NAG RA . 36.03 4.13 11.12
O4 NAG RA . 36.17 6.01 13.29
O5 NAG RA . 35.01 8.08 10.51
O6 NAG RA . 36.66 8.43 13.69
O7 NAG RA . 35.50 4.65 7.26
C1 NAG SA . 14.18 -24.51 33.47
C2 NAG SA . 15.56 -25.17 33.53
C3 NAG SA . 15.50 -26.61 33.03
C4 NAG SA . 14.42 -27.38 33.78
C5 NAG SA . 13.09 -26.65 33.68
C6 NAG SA . 11.99 -27.30 34.48
C7 NAG SA . 17.10 -23.27 33.17
C8 NAG SA . 18.08 -22.64 32.24
N2 NAG SA . 16.53 -24.41 32.75
O3 NAG SA . 16.76 -27.24 33.22
O4 NAG SA . 14.29 -28.69 33.22
O5 NAG SA . 13.24 -25.31 34.19
O6 NAG SA . 11.29 -26.35 35.27
O7 NAG SA . 16.83 -22.79 34.27
C1 NAG TA . 25.26 -27.15 28.08
C2 NAG TA . 25.05 -26.92 29.57
C3 NAG TA . 26.32 -26.37 30.24
C4 NAG TA . 27.36 -26.03 29.18
C5 NAG TA . 26.71 -25.17 28.11
C6 NAG TA . 27.69 -24.73 27.03
C7 NAG TA . 22.71 -26.44 30.15
C8 NAG TA . 22.53 -27.92 30.30
N2 NAG TA . 23.93 -26.03 29.82
O3 NAG TA . 26.84 -27.34 31.13
O4 NAG TA . 28.43 -25.31 29.78
O5 NAG TA . 25.68 -25.91 27.44
O6 NAG TA . 27.90 -25.76 26.08
O7 NAG TA . 21.78 -25.66 30.35
C1 NAG UA . 8.97 11.76 42.33
C2 NAG UA . 9.42 10.88 43.49
C3 NAG UA . 8.22 10.29 44.21
C4 NAG UA . 7.25 11.40 44.62
C5 NAG UA . 6.90 12.27 43.41
C6 NAG UA . 6.05 13.47 43.77
C7 NAG UA . 11.59 9.71 43.41
C8 NAG UA . 12.09 10.75 44.36
N2 NAG UA . 10.30 9.82 43.03
O3 NAG UA . 8.65 9.58 45.36
O4 NAG UA . 6.06 10.84 45.15
O5 NAG UA . 8.10 12.78 42.81
O6 NAG UA . 6.82 14.46 44.44
O7 NAG UA . 12.31 8.80 43.01
C1 NAG VA . 12.20 28.11 28.77
C2 NAG VA . 11.20 28.17 29.92
C3 NAG VA . 9.90 28.82 29.46
C4 NAG VA . 10.18 30.19 28.85
C5 NAG VA . 11.21 30.06 27.74
C6 NAG VA . 11.63 31.40 27.18
C7 NAG VA . 11.29 26.49 31.71
C8 NAG VA . 10.96 25.09 32.11
N2 NAG VA . 10.95 26.84 30.47
O3 NAG VA . 9.02 28.95 30.57
O4 NAG VA . 8.97 30.73 28.31
O5 NAG VA . 12.40 29.44 28.25
O6 NAG VA . 11.06 31.63 25.91
O7 NAG VA . 11.86 27.27 32.48
C1 NAG WA . 34.09 0.88 34.90
C2 NAG WA . 34.72 1.80 33.87
C3 NAG WA . 36.23 1.66 33.89
C4 NAG WA . 36.77 1.85 35.31
C5 NAG WA . 36.02 0.95 36.30
C6 NAG WA . 36.40 1.22 37.73
C7 NAG WA . 33.13 2.19 32.03
C8 NAG WA . 32.74 1.81 30.64
N2 NAG WA . 34.20 1.55 32.54
O3 NAG WA . 36.83 2.61 33.02
O4 NAG WA . 38.15 1.52 35.35
O5 NAG WA . 34.61 1.17 36.19
O6 NAG WA . 36.38 2.61 38.02
O7 NAG WA . 32.53 3.04 32.67
C1 NAG XA . 32.09 2.02 43.83
C2 NAG XA . 31.68 3.23 44.70
C3 NAG XA . 32.90 3.85 45.36
C4 NAG XA . 33.71 2.78 46.10
C5 NAG XA . 34.01 1.60 45.19
C6 NAG XA . 34.70 0.46 45.91
C7 NAG XA . 31.18 4.95 42.91
C8 NAG XA . 32.56 4.77 42.30
N2 NAG XA . 30.87 4.22 43.99
O3 NAG XA . 32.49 4.86 46.28
O4 NAG XA . 34.93 3.34 46.58
O5 NAG XA . 32.79 1.06 44.64
O6 NAG XA . 35.30 0.89 47.11
O7 NAG XA . 30.39 5.74 42.42
C1 NAG YA . 5.59 1.42 37.58
C2 NAG YA . 4.83 1.97 36.36
C3 NAG YA . 3.34 1.96 36.66
C4 NAG YA . 2.90 0.59 37.16
C5 NAG YA . 3.82 0.05 38.26
C6 NAG YA . 3.51 -1.38 38.63
C7 NAG YA . 4.95 3.89 34.85
C8 NAG YA . 5.47 5.27 34.63
N2 NAG YA . 5.27 3.31 36.01
O3 NAG YA . 2.60 2.31 35.49
O4 NAG YA . 1.58 0.68 37.68
O5 NAG YA . 5.20 0.10 37.83
O6 NAG YA . 2.19 -1.73 38.24
O7 NAG YA . 4.27 3.31 33.99
#